data_3BMA
#
_entry.id   3BMA
#
_cell.length_a   92.956
_cell.length_b   148.064
_cell.length_c   208.146
_cell.angle_alpha   90.00
_cell.angle_beta   90.00
_cell.angle_gamma   90.00
#
_symmetry.space_group_name_H-M   'P 21 21 21'
#
loop_
_entity.id
_entity.type
_entity.pdbx_description
1 polymer 'D-alanyl-lipoteichoic acid synthetase'
2 non-polymer 'SULFATE ION'
3 non-polymer GLYCEROL
4 water water
#
_entity_poly.entity_id   1
_entity_poly.type   'polypeptide(L)'
_entity_poly.pdbx_seq_one_letter_code
;MSLPTEMHHNLGAEKRSAVATTIDSFKERSQKVRALSDPNVRFVPFFGSSEWLRFDGAHPAVLAEKYNRSYRPYLLGQGG
AASLNQYFGMQQMLPQLENKQVVYVISPQWFSKNGYDPAAFQQYFNGDQLTSFLKHQSGDQASQYAATRLLQQFPNVAMK
DLVQKLASKEELSTADNEMIELLARFNERQASFFGQFSVRGYVNYDKHVAKYLKILPDQFSYQAIEDVVKADAEKNTSNN
EMGMENYFYNEQIKKDLKKLKDSQKSFTYLKSPEYNDLQLVLTQFSKSKVNPIFIIPPVNKKWMDYAGLREDMYQQTVQK
IRYQLESQGFTNIADFSKDGGEPFFMKDTIHLGWLGWLAFDKAVDPFLSNPTPAPTYHLNERFFSKDWATYDGDVKEFQE
GHHHHHH
;
_entity_poly.pdbx_strand_id   A,B,C,D,E,F
#
# COMPACT_ATOMS: atom_id res chain seq x y z
N MET A 7 1.09 3.32 -11.85
CA MET A 7 0.81 1.94 -12.33
C MET A 7 0.03 1.14 -11.27
N HIS A 8 -1.10 0.57 -11.70
CA HIS A 8 -1.96 -0.22 -10.82
C HIS A 8 -1.60 -1.70 -10.85
N HIS A 9 -1.73 -2.35 -9.70
CA HIS A 9 -1.33 -3.75 -9.55
C HIS A 9 -2.46 -4.64 -9.05
N ASN A 10 -2.64 -5.76 -9.72
CA ASN A 10 -3.58 -6.78 -9.30
C ASN A 10 -2.89 -8.13 -9.24
N LEU A 11 -2.67 -8.62 -8.01
CA LEU A 11 -1.94 -9.86 -7.77
C LEU A 11 -2.56 -11.10 -8.40
N GLY A 12 -3.90 -11.16 -8.41
CA GLY A 12 -4.63 -12.25 -9.03
C GLY A 12 -4.30 -12.36 -10.51
N ALA A 13 -4.39 -11.23 -11.22
CA ALA A 13 -4.08 -11.15 -12.64
C ALA A 13 -2.60 -11.45 -12.93
N GLU A 14 -1.71 -10.86 -12.12
CA GLU A 14 -0.27 -11.03 -12.29
C GLU A 14 0.20 -12.46 -12.04
N LYS A 15 -0.45 -13.15 -11.09
CA LYS A 15 -0.15 -14.56 -10.81
C LYS A 15 -0.57 -15.47 -11.95
N ARG A 16 -1.66 -15.12 -12.63
CA ARG A 16 -2.16 -15.88 -13.78
CA ARG A 16 -2.13 -15.90 -13.76
C ARG A 16 -1.32 -15.60 -15.03
N SER A 17 -0.83 -14.36 -15.14
CA SER A 17 0.05 -13.96 -16.25
C SER A 17 1.37 -14.71 -16.17
N ALA A 18 1.93 -14.79 -14.96
CA ALA A 18 3.22 -15.44 -14.70
C ALA A 18 3.33 -16.90 -15.13
N VAL A 19 2.20 -17.61 -15.13
CA VAL A 19 2.17 -19.04 -15.47
C VAL A 19 1.32 -19.32 -16.71
N ALA A 20 0.83 -18.26 -17.37
CA ALA A 20 0.01 -18.36 -18.56
C ALA A 20 0.70 -19.11 -19.69
N THR A 21 2.01 -18.88 -19.83
CA THR A 21 2.85 -19.43 -20.89
C THR A 21 2.23 -19.25 -22.28
N THR A 22 1.79 -18.04 -22.56
CA THR A 22 1.19 -17.70 -23.84
C THR A 22 2.12 -16.86 -24.69
N ILE A 23 1.71 -16.59 -25.93
CA ILE A 23 2.39 -15.66 -26.82
C ILE A 23 2.27 -14.25 -26.24
N ASP A 24 1.06 -13.93 -25.77
CA ASP A 24 0.74 -12.63 -25.18
C ASP A 24 1.51 -12.31 -23.91
N SER A 25 1.70 -13.29 -23.04
CA SER A 25 2.41 -13.09 -21.77
C SER A 25 3.92 -12.85 -21.98
N PHE A 26 4.43 -13.26 -23.14
CA PHE A 26 5.81 -12.98 -23.55
C PHE A 26 5.95 -11.64 -24.27
N LYS A 27 5.14 -11.45 -25.32
CA LYS A 27 5.40 -10.38 -26.29
C LYS A 27 4.78 -9.04 -25.95
N GLU A 28 3.75 -9.06 -25.11
CA GLU A 28 3.06 -7.83 -24.76
C GLU A 28 3.75 -7.16 -23.58
N ARG A 29 3.72 -5.83 -23.58
CA ARG A 29 4.33 -5.03 -22.54
C ARG A 29 3.60 -5.19 -21.21
N SER A 30 2.29 -4.93 -21.22
CA SER A 30 1.50 -4.73 -20.02
C SER A 30 1.61 -5.81 -18.93
N GLN A 31 1.44 -7.07 -19.31
CA GLN A 31 1.38 -8.16 -18.33
C GLN A 31 2.72 -8.40 -17.61
N LYS A 32 3.82 -8.35 -18.34
CA LYS A 32 5.13 -8.61 -17.74
C LYS A 32 5.60 -7.47 -16.86
N VAL A 33 5.52 -6.22 -17.33
CA VAL A 33 6.01 -5.09 -16.51
C VAL A 33 5.14 -4.84 -15.28
N ARG A 34 3.86 -5.22 -15.37
CA ARG A 34 2.92 -5.06 -14.26
C ARG A 34 3.27 -6.01 -13.12
N ALA A 35 3.66 -7.22 -13.48
CA ALA A 35 4.09 -8.21 -12.49
C ALA A 35 5.47 -7.91 -11.93
N LEU A 36 6.42 -7.62 -12.82
CA LEU A 36 7.81 -7.40 -12.46
C LEU A 36 8.08 -6.05 -11.77
N SER A 37 7.07 -5.19 -11.71
CA SER A 37 7.19 -3.92 -11.00
C SER A 37 6.32 -3.83 -9.74
N ASP A 38 5.73 -4.96 -9.34
CA ASP A 38 4.91 -5.04 -8.13
C ASP A 38 5.80 -4.95 -6.88
N PRO A 39 5.59 -3.90 -6.05
CA PRO A 39 6.41 -3.73 -4.84
C PRO A 39 6.10 -4.77 -3.75
N ASN A 40 4.85 -5.24 -3.71
CA ASN A 40 4.38 -6.13 -2.64
C ASN A 40 4.74 -7.60 -2.83
N VAL A 41 4.84 -8.05 -4.09
CA VAL A 41 5.19 -9.44 -4.41
C VAL A 41 6.32 -9.46 -5.46
N ARG A 42 7.32 -10.31 -5.22
CA ARG A 42 8.51 -10.37 -6.05
C ARG A 42 8.43 -11.44 -7.16
N PHE A 43 8.28 -11.01 -8.41
CA PHE A 43 8.31 -11.92 -9.55
C PHE A 43 9.70 -11.92 -10.18
N VAL A 44 10.23 -13.12 -10.42
CA VAL A 44 11.54 -13.29 -11.04
C VAL A 44 11.34 -13.74 -12.49
N PRO A 45 11.94 -13.01 -13.46
CA PRO A 45 11.95 -13.40 -14.88
C PRO A 45 12.63 -14.75 -15.13
N PHE A 46 11.86 -15.69 -15.69
CA PHE A 46 12.39 -16.98 -16.09
C PHE A 46 12.41 -17.03 -17.62
N PHE A 47 13.55 -16.71 -18.22
CA PHE A 47 13.70 -16.69 -19.67
C PHE A 47 14.05 -18.08 -20.21
N GLY A 48 13.26 -18.56 -21.16
CA GLY A 48 13.52 -19.81 -21.86
C GLY A 48 12.68 -19.92 -23.11
N SER A 49 12.57 -21.13 -23.66
CA SER A 49 11.74 -21.36 -24.83
CA SER A 49 11.75 -21.39 -24.83
C SER A 49 10.48 -22.15 -24.46
N SER A 50 10.45 -23.44 -24.79
CA SER A 50 9.32 -24.32 -24.49
C SER A 50 9.50 -24.98 -23.12
N GLU A 51 10.56 -24.58 -22.41
CA GLU A 51 10.99 -25.22 -21.16
C GLU A 51 9.91 -25.19 -20.07
N TRP A 52 9.17 -24.07 -19.99
CA TRP A 52 8.18 -23.87 -18.95
C TRP A 52 6.80 -24.43 -19.30
N LEU A 53 6.62 -24.84 -20.55
CA LEU A 53 5.30 -25.26 -21.07
C LEU A 53 4.71 -26.50 -20.41
N ARG A 54 5.54 -27.53 -20.20
CA ARG A 54 5.07 -28.78 -19.61
C ARG A 54 5.29 -28.82 -18.10
N PHE A 55 4.18 -28.93 -17.38
CA PHE A 55 4.16 -28.86 -15.93
C PHE A 55 4.13 -30.24 -15.30
N ASP A 56 4.72 -30.33 -14.11
CA ASP A 56 4.54 -31.48 -13.21
C ASP A 56 4.64 -31.01 -11.75
N GLY A 57 4.78 -31.96 -10.83
CA GLY A 57 4.83 -31.65 -9.39
C GLY A 57 6.08 -30.90 -8.93
N ALA A 58 7.15 -31.00 -9.71
CA ALA A 58 8.44 -30.42 -9.38
C ALA A 58 8.77 -29.14 -10.16
N HIS A 59 7.86 -28.74 -11.04
CA HIS A 59 7.97 -27.51 -11.84
C HIS A 59 8.16 -26.29 -10.91
N PRO A 60 9.11 -25.37 -11.25
CA PRO A 60 9.47 -24.18 -10.46
C PRO A 60 8.30 -23.35 -9.96
N ALA A 61 7.30 -23.16 -10.83
CA ALA A 61 6.12 -22.35 -10.53
C ALA A 61 5.18 -23.06 -9.56
N VAL A 62 5.17 -24.39 -9.62
CA VAL A 62 4.36 -25.22 -8.73
C VAL A 62 4.94 -25.20 -7.31
N LEU A 63 6.25 -25.39 -7.23
CA LEU A 63 6.97 -25.40 -5.94
C LEU A 63 6.90 -24.06 -5.21
N ALA A 64 6.98 -22.97 -5.96
CA ALA A 64 6.94 -21.63 -5.38
C ALA A 64 5.57 -21.29 -4.82
N GLU A 65 4.53 -21.79 -5.47
CA GLU A 65 3.15 -21.55 -5.04
C GLU A 65 2.74 -22.47 -3.89
N LYS A 66 3.15 -23.73 -3.96
CA LYS A 66 2.85 -24.73 -2.92
C LYS A 66 3.46 -24.36 -1.58
N TYR A 67 4.75 -24.04 -1.59
CA TYR A 67 5.49 -23.79 -0.35
C TYR A 67 5.70 -22.29 -0.06
N ASN A 68 4.86 -21.46 -0.70
CA ASN A 68 4.87 -19.99 -0.54
C ASN A 68 6.27 -19.40 -0.37
N ARG A 69 7.07 -19.52 -1.43
CA ARG A 69 8.45 -19.02 -1.43
C ARG A 69 8.49 -17.48 -1.49
N SER A 70 9.67 -16.92 -1.29
CA SER A 70 9.85 -15.46 -1.24
C SER A 70 9.77 -14.80 -2.63
N TYR A 71 9.63 -15.64 -3.66
CA TYR A 71 9.54 -15.20 -5.04
C TYR A 71 8.50 -16.02 -5.82
N ARG A 72 8.12 -15.51 -7.00
CA ARG A 72 7.32 -16.25 -7.98
C ARG A 72 7.98 -16.18 -9.36
N PRO A 73 8.11 -17.32 -10.06
CA PRO A 73 8.61 -17.30 -11.44
C PRO A 73 7.63 -16.63 -12.39
N TYR A 74 8.12 -15.67 -13.19
CA TYR A 74 7.35 -15.18 -14.33
C TYR A 74 7.93 -15.83 -15.57
N LEU A 75 7.18 -16.78 -16.12
CA LEU A 75 7.67 -17.61 -17.21
C LEU A 75 7.61 -16.91 -18.57
N LEU A 76 8.78 -16.45 -19.02
CA LEU A 76 8.94 -15.79 -20.31
C LEU A 76 9.44 -16.74 -21.39
N GLY A 77 8.61 -17.03 -22.39
CA GLY A 77 9.07 -17.81 -23.53
C GLY A 77 8.05 -18.72 -24.18
N GLN A 78 8.30 -19.00 -25.46
CA GLN A 78 7.49 -19.93 -26.24
C GLN A 78 8.41 -20.78 -27.11
N GLY A 79 7.88 -21.84 -27.71
CA GLY A 79 8.66 -22.69 -28.62
C GLY A 79 9.25 -21.89 -29.76
N GLY A 80 10.56 -21.96 -29.93
CA GLY A 80 11.25 -21.26 -31.00
C GLY A 80 11.87 -19.92 -30.60
N ALA A 81 11.58 -19.45 -29.40
CA ALA A 81 12.18 -18.22 -28.90
C ALA A 81 13.63 -18.49 -28.51
N ALA A 82 14.55 -17.70 -29.05
CA ALA A 82 15.93 -17.73 -28.61
C ALA A 82 16.36 -16.32 -28.22
N SER A 83 17.67 -16.07 -28.19
CA SER A 83 18.21 -14.83 -27.63
C SER A 83 17.83 -13.54 -28.34
N LEU A 84 17.64 -13.59 -29.66
CA LEU A 84 17.22 -12.39 -30.42
C LEU A 84 15.82 -11.96 -29.98
N ASN A 85 14.90 -12.91 -29.95
CA ASN A 85 13.55 -12.69 -29.40
C ASN A 85 13.58 -12.10 -27.99
N GLN A 86 14.39 -12.70 -27.12
CA GLN A 86 14.49 -12.28 -25.73
C GLN A 86 15.04 -10.89 -25.56
N TYR A 87 16.04 -10.55 -26.38
CA TYR A 87 16.66 -9.22 -26.39
C TYR A 87 15.65 -8.14 -26.69
N PHE A 88 14.82 -8.37 -27.71
CA PHE A 88 13.80 -7.42 -28.13
C PHE A 88 12.64 -7.32 -27.14
N GLY A 89 12.36 -8.42 -26.44
CA GLY A 89 11.39 -8.43 -25.34
C GLY A 89 11.87 -7.62 -24.13
N MET A 90 13.18 -7.67 -23.87
CA MET A 90 13.79 -6.93 -22.74
C MET A 90 13.59 -5.42 -22.82
N GLN A 91 13.61 -4.88 -24.05
CA GLN A 91 13.46 -3.45 -24.34
C GLN A 91 12.12 -2.85 -23.90
N GLN A 92 11.12 -3.71 -23.68
CA GLN A 92 9.81 -3.29 -23.18
C GLN A 92 9.81 -3.18 -21.64
N MET A 93 10.80 -3.80 -20.99
CA MET A 93 10.82 -3.93 -19.53
C MET A 93 12.15 -3.57 -18.88
N LEU A 94 12.96 -2.75 -19.55
CA LEU A 94 14.26 -2.31 -19.02
C LEU A 94 14.31 -1.86 -17.54
N PRO A 95 13.41 -0.94 -17.10
CA PRO A 95 13.43 -0.58 -15.67
C PRO A 95 13.08 -1.71 -14.71
N GLN A 96 12.32 -2.70 -15.20
CA GLN A 96 11.88 -3.84 -14.40
C GLN A 96 12.96 -4.90 -14.28
N LEU A 97 13.94 -4.86 -15.17
CA LEU A 97 15.09 -5.76 -15.10
C LEU A 97 16.30 -5.17 -14.36
N GLU A 98 16.26 -3.87 -14.08
CA GLU A 98 17.37 -3.15 -13.45
C GLU A 98 17.70 -3.68 -12.06
N ASN A 99 18.96 -4.03 -11.84
CA ASN A 99 19.50 -4.54 -10.56
C ASN A 99 18.78 -5.77 -10.00
N LYS A 100 18.53 -6.74 -10.87
CA LYS A 100 17.58 -7.83 -10.56
C LYS A 100 18.14 -9.19 -10.96
N GLN A 101 17.77 -10.22 -10.20
CA GLN A 101 18.11 -11.61 -10.53
C GLN A 101 17.13 -12.13 -11.57
N VAL A 102 17.64 -12.89 -12.52
CA VAL A 102 16.82 -13.61 -13.52
C VAL A 102 17.30 -15.06 -13.70
N VAL A 103 16.49 -15.87 -14.37
CA VAL A 103 16.90 -17.22 -14.81
C VAL A 103 16.93 -17.21 -16.33
N TYR A 104 18.08 -17.54 -16.92
CA TYR A 104 18.22 -17.55 -18.37
C TYR A 104 18.68 -18.90 -18.91
N VAL A 105 17.77 -19.65 -19.52
CA VAL A 105 18.11 -20.93 -20.16
C VAL A 105 18.95 -20.70 -21.42
N ILE A 106 20.12 -21.35 -21.49
CA ILE A 106 20.89 -21.43 -22.73
C ILE A 106 20.96 -22.88 -23.17
N SER A 107 20.17 -23.23 -24.19
CA SER A 107 20.17 -24.58 -24.72
C SER A 107 21.10 -24.65 -25.93
N PRO A 108 22.06 -25.60 -25.90
CA PRO A 108 23.02 -25.82 -27.00
C PRO A 108 22.39 -26.20 -28.36
N GLN A 109 21.19 -26.79 -28.34
CA GLN A 109 20.50 -27.17 -29.58
C GLN A 109 19.93 -25.99 -30.36
N TRP A 110 19.84 -24.83 -29.73
CA TRP A 110 19.48 -23.59 -30.42
C TRP A 110 20.59 -23.13 -31.34
N PHE A 111 21.81 -23.56 -31.04
CA PHE A 111 23.00 -23.06 -31.71
C PHE A 111 23.29 -23.82 -33.01
N SER A 112 22.26 -23.99 -33.83
CA SER A 112 22.38 -24.61 -35.14
C SER A 112 23.06 -23.66 -36.12
N LYS A 113 23.57 -24.18 -37.22
CA LYS A 113 24.44 -23.40 -38.13
C LYS A 113 23.79 -22.21 -38.86
N ASN A 114 22.46 -22.24 -38.97
CA ASN A 114 21.71 -21.13 -39.57
CA ASN A 114 21.72 -21.12 -39.56
C ASN A 114 21.06 -20.22 -38.53
N GLY A 115 20.87 -20.75 -37.31
CA GLY A 115 20.28 -20.00 -36.22
C GLY A 115 18.84 -20.36 -35.94
N TYR A 116 18.10 -19.43 -35.34
CA TYR A 116 16.70 -19.61 -34.96
C TYR A 116 15.76 -19.70 -36.18
N ASP A 117 14.58 -20.27 -35.96
CA ASP A 117 13.51 -20.33 -36.96
C ASP A 117 12.80 -18.96 -37.05
N PRO A 118 12.87 -18.30 -38.23
CA PRO A 118 12.21 -17.01 -38.45
C PRO A 118 10.68 -17.09 -38.41
N ALA A 119 10.13 -18.26 -38.75
CA ALA A 119 8.69 -18.53 -38.68
C ALA A 119 8.16 -18.54 -37.24
N ALA A 120 9.05 -18.82 -36.29
CA ALA A 120 8.71 -18.76 -34.87
C ALA A 120 8.90 -17.35 -34.31
N PHE A 121 10.00 -16.70 -34.69
CA PHE A 121 10.34 -15.32 -34.28
C PHE A 121 9.21 -14.32 -34.51
N GLN A 122 8.65 -14.36 -35.72
CA GLN A 122 7.57 -13.51 -36.20
C GLN A 122 6.34 -13.44 -35.29
N GLN A 123 6.09 -14.51 -34.56
CA GLN A 123 4.93 -14.62 -33.70
C GLN A 123 5.11 -13.91 -32.37
N TYR A 124 6.35 -13.64 -31.98
CA TYR A 124 6.67 -13.11 -30.65
C TYR A 124 7.18 -11.67 -30.69
N PHE A 125 7.28 -11.13 -31.89
CA PHE A 125 7.73 -9.78 -32.12
C PHE A 125 6.53 -8.92 -32.51
N ASN A 126 6.45 -7.71 -31.96
CA ASN A 126 5.40 -6.77 -32.33
C ASN A 126 5.94 -5.36 -32.58
N GLY A 127 5.05 -4.42 -32.89
CA GLY A 127 5.46 -3.07 -33.25
C GLY A 127 6.01 -2.28 -32.08
N ASP A 128 5.52 -2.60 -30.88
CA ASP A 128 6.03 -2.03 -29.63
C ASP A 128 7.47 -2.45 -29.39
N GLN A 129 7.83 -3.67 -29.77
CA GLN A 129 9.21 -4.17 -29.66
C GLN A 129 10.16 -3.43 -30.58
N LEU A 130 9.66 -3.06 -31.76
CA LEU A 130 10.42 -2.31 -32.76
C LEU A 130 10.71 -0.89 -32.27
N THR A 131 9.68 -0.21 -31.78
CA THR A 131 9.80 1.18 -31.31
C THR A 131 10.61 1.32 -30.02
N SER A 132 10.46 0.36 -29.10
CA SER A 132 11.29 0.27 -27.90
C SER A 132 12.77 0.04 -28.21
N PHE A 133 13.04 -0.76 -29.24
CA PHE A 133 14.40 -0.96 -29.73
C PHE A 133 15.01 0.34 -30.26
N LEU A 134 14.29 1.02 -31.16
CA LEU A 134 14.74 2.28 -31.73
C LEU A 134 14.87 3.41 -30.70
N LYS A 135 14.01 3.38 -29.67
CA LYS A 135 14.05 4.41 -28.62
C LYS A 135 15.25 4.22 -27.70
N HIS A 136 15.49 2.97 -27.28
CA HIS A 136 16.50 2.70 -26.27
C HIS A 136 17.90 2.41 -26.77
N GLN A 137 18.07 2.29 -28.09
CA GLN A 137 19.39 2.04 -28.67
C GLN A 137 20.39 3.18 -28.43
N SER A 138 21.67 2.83 -28.33
CA SER A 138 22.70 3.80 -28.01
C SER A 138 23.75 3.97 -29.11
N GLY A 139 23.41 3.53 -30.32
CA GLY A 139 24.29 3.65 -31.49
C GLY A 139 25.55 2.82 -31.43
N ASP A 140 25.57 1.83 -30.54
CA ASP A 140 26.74 0.99 -30.31
C ASP A 140 26.72 -0.28 -31.16
N GLN A 141 27.67 -1.18 -30.92
CA GLN A 141 27.82 -2.42 -31.67
C GLN A 141 26.61 -3.37 -31.48
N ALA A 142 26.04 -3.36 -30.28
CA ALA A 142 24.81 -4.11 -30.00
C ALA A 142 23.61 -3.61 -30.82
N SER A 143 23.47 -2.28 -30.91
CA SER A 143 22.43 -1.67 -31.73
C SER A 143 22.65 -1.97 -33.22
N GLN A 144 23.92 -1.95 -33.64
CA GLN A 144 24.32 -2.28 -35.01
C GLN A 144 23.99 -3.73 -35.37
N TYR A 145 24.35 -4.66 -34.48
CA TYR A 145 24.11 -6.09 -34.72
C TYR A 145 22.62 -6.44 -34.75
N ALA A 146 21.86 -5.94 -33.77
CA ALA A 146 20.42 -6.22 -33.67
C ALA A 146 19.63 -5.71 -34.87
N ALA A 147 19.99 -4.52 -35.33
CA ALA A 147 19.37 -3.91 -36.52
C ALA A 147 19.67 -4.67 -37.81
N THR A 148 20.89 -5.21 -37.92
CA THR A 148 21.27 -6.06 -39.06
C THR A 148 20.41 -7.31 -39.07
N ARG A 149 20.24 -7.90 -37.89
CA ARG A 149 19.47 -9.14 -37.71
C ARG A 149 17.98 -8.96 -37.96
N LEU A 150 17.49 -7.78 -37.61
CA LEU A 150 16.09 -7.42 -37.78
C LEU A 150 15.73 -7.21 -39.25
N LEU A 151 16.69 -6.72 -40.03
CA LEU A 151 16.51 -6.57 -41.48
C LEU A 151 16.62 -7.88 -42.22
N GLN A 152 17.33 -8.86 -41.64
CA GLN A 152 17.36 -10.22 -42.18
C GLN A 152 16.00 -10.84 -42.00
N GLN A 153 15.43 -10.62 -40.82
CA GLN A 153 14.11 -11.11 -40.46
C GLN A 153 13.01 -10.37 -41.22
N PHE A 154 12.97 -9.05 -41.08
CA PHE A 154 11.93 -8.24 -41.73
C PHE A 154 12.56 -7.21 -42.68
N PRO A 155 12.87 -7.61 -43.94
CA PRO A 155 13.47 -6.68 -44.89
C PRO A 155 12.58 -5.48 -45.26
N ASN A 156 11.27 -5.67 -45.24
CA ASN A 156 10.30 -4.62 -45.55
C ASN A 156 9.56 -4.13 -44.31
N VAL A 157 10.26 -4.10 -43.18
CA VAL A 157 9.72 -3.67 -41.88
C VAL A 157 9.26 -2.20 -41.91
N ALA A 158 8.29 -1.88 -41.05
CA ALA A 158 7.94 -0.49 -40.79
C ALA A 158 9.16 0.23 -40.25
N MET A 159 9.38 1.46 -40.73
CA MET A 159 10.55 2.29 -40.39
C MET A 159 11.88 1.64 -40.80
N LYS A 160 11.86 1.06 -41.99
CA LYS A 160 13.00 0.38 -42.62
C LYS A 160 14.26 1.25 -42.68
N ASP A 161 14.07 2.53 -43.02
CA ASP A 161 15.17 3.47 -43.21
C ASP A 161 15.97 3.79 -41.94
N LEU A 162 15.30 3.75 -40.79
CA LEU A 162 15.92 4.02 -39.50
C LEU A 162 16.72 2.83 -38.99
N VAL A 163 16.16 1.64 -39.17
CA VAL A 163 16.81 0.37 -38.83
C VAL A 163 18.07 0.20 -39.68
N GLN A 164 17.97 0.56 -40.97
CA GLN A 164 19.09 0.50 -41.91
C GLN A 164 20.21 1.49 -41.56
N LYS A 165 19.83 2.65 -41.03
CA LYS A 165 20.80 3.62 -40.51
C LYS A 165 21.58 3.06 -39.32
N LEU A 166 20.89 2.27 -38.49
CA LEU A 166 21.51 1.63 -37.34
C LEU A 166 22.38 0.44 -37.76
N ALA A 167 21.93 -0.31 -38.76
CA ALA A 167 22.68 -1.44 -39.30
C ALA A 167 23.99 -1.01 -39.97
N SER A 168 24.00 0.21 -40.53
CA SER A 168 25.17 0.79 -41.20
C SER A 168 26.01 1.73 -40.32
N LYS A 169 25.73 1.70 -39.01
CA LYS A 169 26.41 2.54 -38.00
CA LYS A 169 26.42 2.55 -38.01
C LYS A 169 26.36 4.06 -38.30
N GLU A 170 25.31 4.49 -38.99
CA GLU A 170 25.08 5.89 -39.27
C GLU A 170 24.28 6.52 -38.14
N GLU A 171 24.49 7.81 -37.92
CA GLU A 171 23.73 8.55 -36.91
C GLU A 171 22.38 8.98 -37.46
N LEU A 172 21.36 8.90 -36.62
CA LEU A 172 20.01 9.27 -36.99
C LEU A 172 19.86 10.79 -36.95
N SER A 173 19.02 11.32 -37.82
CA SER A 173 18.78 12.75 -37.89
C SER A 173 17.91 13.23 -36.72
N THR A 174 17.78 14.55 -36.59
CA THR A 174 16.95 15.13 -35.55
C THR A 174 15.47 14.84 -35.82
N ALA A 175 15.10 14.90 -37.10
CA ALA A 175 13.76 14.53 -37.56
C ALA A 175 13.45 13.06 -37.32
N ASP A 176 14.45 12.21 -37.56
CA ASP A 176 14.37 10.76 -37.29
C ASP A 176 14.10 10.47 -35.82
N ASN A 177 14.83 11.17 -34.95
CA ASN A 177 14.72 10.98 -33.51
C ASN A 177 13.36 11.34 -32.94
N GLU A 178 12.77 12.43 -33.46
CA GLU A 178 11.46 12.87 -33.04
C GLU A 178 10.33 11.95 -33.49
N MET A 179 10.49 11.36 -34.67
CA MET A 179 9.54 10.36 -35.15
C MET A 179 9.61 9.10 -34.29
N ILE A 180 10.81 8.72 -33.87
CA ILE A 180 11.03 7.59 -32.98
C ILE A 180 10.40 7.83 -31.60
N GLU A 181 10.75 8.96 -30.99
CA GLU A 181 10.27 9.31 -29.65
C GLU A 181 8.75 9.34 -29.54
N LEU A 182 8.12 10.09 -30.44
CA LEU A 182 6.66 10.21 -30.52
C LEU A 182 5.94 8.87 -30.76
N LEU A 183 6.45 8.08 -31.70
CA LEU A 183 5.81 6.80 -32.01
C LEU A 183 6.04 5.77 -30.91
N ALA A 184 7.22 5.80 -30.29
CA ALA A 184 7.52 4.95 -29.14
C ALA A 184 6.67 5.31 -27.92
N ARG A 185 6.45 6.61 -27.72
CA ARG A 185 5.58 7.12 -26.67
C ARG A 185 4.17 6.59 -26.92
N PHE A 186 3.76 6.63 -28.18
CA PHE A 186 2.44 6.16 -28.60
C PHE A 186 2.25 4.68 -28.36
N ASN A 187 3.19 3.86 -28.83
CA ASN A 187 3.12 2.40 -28.67
C ASN A 187 3.11 1.93 -27.22
N GLU A 188 3.85 2.59 -26.33
CA GLU A 188 3.86 2.20 -24.93
C GLU A 188 2.61 2.61 -24.16
N ARG A 189 2.06 3.78 -24.50
CA ARG A 189 0.79 4.25 -23.92
C ARG A 189 -0.36 3.34 -24.37
N GLN A 190 -0.33 2.96 -25.64
CA GLN A 190 -1.30 2.06 -26.27
C GLN A 190 -1.22 0.65 -25.67
N ALA A 191 -0.01 0.08 -25.62
CA ALA A 191 0.21 -1.26 -25.07
C ALA A 191 -0.13 -1.40 -23.60
N SER A 192 0.25 -0.40 -22.79
CA SER A 192 -0.05 -0.43 -21.35
CA SER A 192 -0.05 -0.42 -21.35
C SER A 192 -1.54 -0.26 -21.07
N PHE A 193 -2.21 0.53 -21.89
CA PHE A 193 -3.64 0.76 -21.68
C PHE A 193 -4.52 -0.42 -22.11
N PHE A 194 -4.39 -0.89 -23.35
CA PHE A 194 -5.26 -1.96 -23.87
C PHE A 194 -4.78 -3.38 -23.57
N GLY A 195 -3.48 -3.54 -23.31
CA GLY A 195 -2.92 -4.85 -23.00
C GLY A 195 -3.26 -5.36 -21.62
N GLN A 196 -3.83 -4.50 -20.78
CA GLN A 196 -4.22 -4.86 -19.42
C GLN A 196 -5.55 -5.60 -19.37
N PHE A 197 -6.29 -5.55 -20.48
CA PHE A 197 -7.61 -6.14 -20.55
C PHE A 197 -7.58 -7.57 -21.06
N SER A 198 -6.41 -7.99 -21.54
CA SER A 198 -6.20 -9.36 -22.01
C SER A 198 -6.19 -10.35 -20.85
N VAL A 199 -7.06 -11.36 -20.95
CA VAL A 199 -7.14 -12.44 -19.95
C VAL A 199 -6.84 -13.81 -20.58
N ARG A 200 -5.95 -13.80 -21.59
CA ARG A 200 -5.52 -15.00 -22.30
C ARG A 200 -4.65 -15.90 -21.44
N GLY A 201 -5.01 -17.19 -21.41
CA GLY A 201 -4.27 -18.19 -20.63
C GLY A 201 -4.43 -18.05 -19.13
N TYR A 202 -5.49 -17.37 -18.70
CA TYR A 202 -5.72 -17.13 -17.28
C TYR A 202 -6.38 -18.34 -16.64
N VAL A 203 -6.97 -19.20 -17.48
CA VAL A 203 -7.55 -20.48 -17.04
C VAL A 203 -6.45 -21.54 -16.81
N ASN A 204 -5.25 -21.25 -17.28
CA ASN A 204 -4.10 -22.16 -17.18
C ASN A 204 -3.49 -22.26 -15.78
N TYR A 205 -3.81 -21.32 -14.89
CA TYR A 205 -3.33 -21.37 -13.51
C TYR A 205 -3.92 -22.58 -12.76
N ASP A 206 -5.21 -22.83 -12.97
CA ASP A 206 -5.91 -23.95 -12.34
C ASP A 206 -5.50 -25.29 -12.96
N LYS A 207 -5.18 -25.26 -14.25
CA LYS A 207 -4.80 -26.46 -14.98
C LYS A 207 -3.35 -26.86 -14.78
N HIS A 208 -2.48 -25.87 -14.56
CA HIS A 208 -1.03 -26.12 -14.50
C HIS A 208 -0.40 -25.97 -13.12
N VAL A 209 -0.94 -25.10 -12.27
CA VAL A 209 -0.37 -24.87 -10.96
C VAL A 209 -1.22 -25.47 -9.83
N ALA A 210 -2.50 -25.11 -9.79
CA ALA A 210 -3.42 -25.55 -8.72
C ALA A 210 -3.71 -27.06 -8.71
N LYS A 211 -3.56 -27.70 -9.88
CA LYS A 211 -3.75 -29.14 -10.04
C LYS A 211 -2.75 -29.96 -9.23
N TYR A 212 -1.48 -29.52 -9.24
CA TYR A 212 -0.39 -30.28 -8.62
C TYR A 212 -0.15 -29.92 -7.14
N LEU A 213 -0.86 -28.92 -6.63
CA LEU A 213 -0.73 -28.51 -5.22
C LEU A 213 -1.33 -29.54 -4.28
N LYS A 214 -2.33 -30.27 -4.77
CA LYS A 214 -3.04 -31.29 -4.02
C LYS A 214 -2.15 -32.50 -3.74
N ILE A 215 -1.47 -32.97 -4.78
CA ILE A 215 -0.67 -34.20 -4.73
C ILE A 215 0.70 -34.05 -4.04
N LEU A 216 1.09 -32.80 -3.77
CA LEU A 216 2.35 -32.50 -3.10
C LEU A 216 2.21 -32.47 -1.57
N PRO A 217 3.22 -33.01 -0.84
CA PRO A 217 3.25 -32.96 0.63
C PRO A 217 3.32 -31.54 1.18
N ASP A 218 2.70 -31.32 2.34
CA ASP A 218 2.69 -30.01 2.99
C ASP A 218 4.06 -29.62 3.55
N GLN A 219 4.80 -30.61 4.04
CA GLN A 219 6.14 -30.39 4.55
C GLN A 219 7.16 -30.64 3.45
N PHE A 220 8.06 -29.68 3.26
CA PHE A 220 9.04 -29.74 2.18
C PHE A 220 10.18 -30.70 2.46
N SER A 221 10.37 -31.63 1.54
CA SER A 221 11.60 -32.41 1.43
C SER A 221 11.74 -32.88 0.00
N TYR A 222 12.96 -32.91 -0.51
CA TYR A 222 13.24 -33.35 -1.88
C TYR A 222 12.95 -34.84 -2.08
N GLN A 223 12.91 -35.60 -1.00
CA GLN A 223 12.63 -37.04 -1.05
C GLN A 223 11.12 -37.34 -1.21
N ALA A 224 10.29 -36.61 -0.47
CA ALA A 224 8.84 -36.79 -0.55
C ALA A 224 8.27 -36.32 -1.89
N ILE A 225 8.87 -35.27 -2.44
CA ILE A 225 8.52 -34.78 -3.78
C ILE A 225 9.03 -35.76 -4.83
N GLU A 226 10.25 -36.27 -4.64
CA GLU A 226 10.83 -37.28 -5.54
C GLU A 226 9.94 -38.52 -5.67
N ASP A 227 9.28 -38.89 -4.57
CA ASP A 227 8.36 -40.04 -4.56
C ASP A 227 7.10 -39.83 -5.40
N VAL A 228 6.44 -38.68 -5.20
CA VAL A 228 5.23 -38.30 -5.93
C VAL A 228 5.53 -38.10 -7.43
N VAL A 229 6.65 -37.47 -7.69
CA VAL A 229 7.07 -37.11 -9.05
C VAL A 229 7.61 -38.33 -9.84
N LYS A 230 8.31 -39.25 -9.15
CA LYS A 230 8.75 -40.51 -9.73
C LYS A 230 7.56 -41.37 -10.16
N ALA A 231 6.53 -41.38 -9.32
CA ALA A 231 5.29 -42.12 -9.57
C ALA A 231 4.54 -41.58 -10.79
N ASP A 232 4.53 -40.25 -10.92
CA ASP A 232 3.92 -39.56 -12.04
C ASP A 232 4.73 -39.79 -13.34
N ALA A 233 6.05 -39.90 -13.19
CA ALA A 233 6.94 -40.17 -14.31
C ALA A 233 6.82 -41.60 -14.84
N GLU A 234 6.59 -42.56 -13.95
CA GLU A 234 6.51 -43.98 -14.30
C GLU A 234 5.28 -44.33 -15.14
N LYS A 235 4.15 -43.70 -14.83
CA LYS A 235 2.89 -43.90 -15.55
C LYS A 235 2.96 -43.36 -16.98
N ASN A 236 3.63 -42.21 -17.14
CA ASN A 236 3.65 -41.48 -18.40
C ASN A 236 4.86 -41.80 -19.29
N THR A 237 5.57 -42.88 -18.96
CA THR A 237 6.68 -43.38 -19.76
C THR A 237 6.42 -44.85 -20.14
N SER A 238 5.13 -45.19 -20.26
CA SER A 238 4.69 -46.58 -20.42
C SER A 238 5.08 -47.24 -21.74
N ASN A 239 4.85 -46.55 -22.85
CA ASN A 239 5.01 -47.15 -24.18
C ASN A 239 6.43 -47.33 -24.70
N ASN A 240 7.30 -46.35 -24.48
CA ASN A 240 8.69 -46.42 -24.93
C ASN A 240 9.68 -46.55 -23.78
N GLU A 241 10.87 -47.07 -24.07
CA GLU A 241 11.94 -47.21 -23.06
CA GLU A 241 11.93 -47.21 -23.06
C GLU A 241 13.12 -46.29 -23.39
N MET A 242 12.81 -45.06 -23.80
CA MET A 242 13.82 -44.03 -24.06
C MET A 242 13.82 -42.98 -22.95
N GLY A 243 12.73 -42.95 -22.17
CA GLY A 243 12.57 -41.99 -21.08
C GLY A 243 11.59 -40.88 -21.42
N MET A 244 11.05 -40.91 -22.64
CA MET A 244 10.18 -39.86 -23.16
C MET A 244 8.72 -40.02 -22.73
N GLU A 245 8.00 -38.90 -22.74
CA GLU A 245 6.58 -38.86 -22.39
C GLU A 245 5.72 -39.55 -23.46
N ASN A 246 4.55 -40.05 -23.06
CA ASN A 246 3.61 -40.73 -23.95
C ASN A 246 3.09 -39.84 -25.09
N TYR A 247 2.65 -38.64 -24.73
CA TYR A 247 2.15 -37.64 -25.68
C TYR A 247 3.23 -37.24 -26.69
N PHE A 248 4.44 -37.02 -26.21
CA PHE A 248 5.54 -36.56 -27.05
C PHE A 248 6.04 -37.62 -28.03
N TYR A 249 6.16 -38.86 -27.56
CA TYR A 249 6.69 -39.97 -28.36
C TYR A 249 5.80 -40.33 -29.54
N ASN A 250 4.48 -40.33 -29.31
CA ASN A 250 3.49 -40.68 -30.32
C ASN A 250 3.41 -39.69 -31.49
N GLU A 251 3.84 -38.45 -31.25
CA GLU A 251 3.62 -37.36 -32.19
C GLU A 251 4.88 -36.86 -32.90
N GLN A 252 6.02 -36.91 -32.22
CA GLN A 252 7.29 -36.46 -32.79
C GLN A 252 8.23 -37.57 -33.24
N ILE A 253 8.14 -38.74 -32.60
CA ILE A 253 9.11 -39.82 -32.80
C ILE A 253 8.53 -41.11 -33.44
N LYS A 254 7.33 -41.50 -33.00
CA LYS A 254 6.72 -42.80 -33.32
C LYS A 254 6.67 -43.14 -34.82
N LYS A 255 5.95 -42.32 -35.58
CA LYS A 255 5.59 -42.64 -36.97
C LYS A 255 6.72 -42.58 -38.01
N ASP A 256 7.89 -42.09 -37.59
CA ASP A 256 9.09 -42.16 -38.45
C ASP A 256 10.37 -42.40 -37.65
N LEU A 257 10.42 -43.57 -37.00
CA LEU A 257 11.58 -44.00 -36.21
C LEU A 257 12.79 -44.31 -37.07
N LYS A 258 12.55 -45.00 -38.18
CA LYS A 258 13.59 -45.50 -39.07
C LYS A 258 14.37 -44.40 -39.79
N LYS A 259 13.69 -43.30 -40.10
CA LYS A 259 14.27 -42.17 -40.81
C LYS A 259 15.12 -41.30 -39.86
N LEU A 260 14.80 -41.34 -38.57
CA LEU A 260 15.49 -40.57 -37.54
C LEU A 260 16.79 -41.23 -37.04
N LYS A 261 16.95 -42.52 -37.35
CA LYS A 261 18.17 -43.27 -37.07
C LYS A 261 19.36 -42.67 -37.81
N ASP A 262 20.39 -42.29 -37.05
CA ASP A 262 21.63 -41.65 -37.56
C ASP A 262 21.43 -40.34 -38.34
N SER A 263 20.33 -39.65 -38.06
CA SER A 263 19.96 -38.43 -38.78
C SER A 263 20.77 -37.21 -38.35
N GLN A 264 21.40 -37.29 -37.18
CA GLN A 264 22.17 -36.19 -36.63
C GLN A 264 23.67 -36.48 -36.51
N LYS A 265 24.16 -37.37 -37.38
CA LYS A 265 25.57 -37.79 -37.40
C LYS A 265 26.57 -36.67 -37.67
N SER A 266 26.14 -35.64 -38.41
CA SER A 266 26.99 -34.50 -38.70
C SER A 266 26.38 -33.19 -38.19
N PHE A 267 25.40 -33.30 -37.29
CA PHE A 267 24.85 -32.15 -36.58
C PHE A 267 25.91 -31.57 -35.64
N THR A 268 26.26 -30.31 -35.88
CA THR A 268 27.23 -29.60 -35.05
C THR A 268 26.70 -28.24 -34.61
N TYR A 269 26.81 -27.99 -33.30
CA TYR A 269 26.31 -26.75 -32.72
C TYR A 269 27.41 -25.73 -32.45
N LEU A 270 28.61 -26.00 -32.97
CA LEU A 270 29.79 -25.19 -32.69
C LEU A 270 29.83 -23.90 -33.49
N LYS A 271 29.26 -23.92 -34.68
CA LYS A 271 29.19 -22.74 -35.53
C LYS A 271 27.74 -22.28 -35.66
N SER A 272 27.49 -21.02 -35.29
CA SER A 272 26.12 -20.50 -35.15
C SER A 272 26.05 -18.98 -34.96
N PRO A 273 25.04 -18.32 -35.58
CA PRO A 273 24.81 -16.90 -35.27
C PRO A 273 24.19 -16.66 -33.89
N GLU A 274 23.70 -17.73 -33.24
CA GLU A 274 23.15 -17.68 -31.89
C GLU A 274 24.16 -17.26 -30.82
N TYR A 275 25.45 -17.49 -31.08
CA TYR A 275 26.53 -17.00 -30.22
C TYR A 275 26.60 -15.47 -30.22
N ASN A 276 26.30 -14.88 -31.37
CA ASN A 276 26.24 -13.42 -31.47
C ASN A 276 24.91 -12.88 -30.92
N ASP A 277 23.83 -13.64 -31.11
CA ASP A 277 22.51 -13.30 -30.57
C ASP A 277 22.52 -13.31 -29.04
N LEU A 278 23.23 -14.28 -28.47
CA LEU A 278 23.43 -14.40 -27.03
C LEU A 278 24.18 -13.20 -26.46
N GLN A 279 25.10 -12.67 -27.26
CA GLN A 279 25.93 -11.52 -26.88
C GLN A 279 25.11 -10.24 -26.69
N LEU A 280 23.97 -10.15 -27.38
CA LEU A 280 23.03 -9.04 -27.21
C LEU A 280 22.44 -9.07 -25.81
N VAL A 281 21.96 -10.25 -25.42
CA VAL A 281 21.44 -10.53 -24.09
C VAL A 281 22.49 -10.27 -23.00
N LEU A 282 23.72 -10.70 -23.25
CA LEU A 282 24.81 -10.51 -22.28
C LEU A 282 25.24 -9.05 -22.13
N THR A 283 25.28 -8.31 -23.23
CA THR A 283 25.50 -6.85 -23.22
C THR A 283 24.40 -6.14 -22.42
N GLN A 284 23.15 -6.56 -22.67
CA GLN A 284 21.98 -6.02 -21.98
C GLN A 284 21.97 -6.34 -20.49
N PHE A 285 22.35 -7.58 -20.14
CA PHE A 285 22.48 -7.99 -18.74
C PHE A 285 23.54 -7.18 -17.98
N SER A 286 24.60 -6.78 -18.69
CA SER A 286 25.65 -5.93 -18.14
C SER A 286 25.19 -4.48 -17.97
N LYS A 287 24.53 -3.96 -19.01
CA LYS A 287 23.98 -2.61 -19.01
C LYS A 287 22.96 -2.39 -17.89
N SER A 288 22.08 -3.36 -17.72
CA SER A 288 20.99 -3.30 -16.75
C SER A 288 21.39 -3.79 -15.37
N LYS A 289 22.63 -4.28 -15.24
CA LYS A 289 23.17 -4.86 -14.00
C LYS A 289 22.33 -6.03 -13.48
N VAL A 290 21.99 -6.93 -14.39
CA VAL A 290 21.25 -8.14 -14.08
C VAL A 290 22.21 -9.20 -13.53
N ASN A 291 21.76 -9.95 -12.52
CA ASN A 291 22.51 -11.10 -12.01
C ASN A 291 21.81 -12.39 -12.43
N PRO A 292 22.20 -12.94 -13.58
CA PRO A 292 21.52 -14.14 -14.09
C PRO A 292 22.11 -15.46 -13.60
N ILE A 293 21.26 -16.49 -13.58
CA ILE A 293 21.74 -17.87 -13.48
C ILE A 293 21.41 -18.63 -14.77
N PHE A 294 22.43 -19.22 -15.39
CA PHE A 294 22.28 -19.85 -16.68
C PHE A 294 22.06 -21.35 -16.59
N ILE A 295 21.04 -21.83 -17.31
CA ILE A 295 20.66 -23.24 -17.27
C ILE A 295 21.04 -23.91 -18.59
N ILE A 296 21.95 -24.88 -18.51
CA ILE A 296 22.37 -25.63 -19.68
C ILE A 296 21.79 -27.05 -19.59
N PRO A 297 20.75 -27.35 -20.39
CA PRO A 297 20.13 -28.67 -20.34
C PRO A 297 20.89 -29.69 -21.20
N PRO A 298 20.70 -31.00 -20.93
CA PRO A 298 21.29 -31.97 -21.83
C PRO A 298 20.31 -32.36 -22.95
N VAL A 299 20.74 -33.26 -23.82
CA VAL A 299 19.83 -34.00 -24.69
C VAL A 299 19.67 -35.36 -24.00
N ASN A 300 18.55 -36.03 -24.23
CA ASN A 300 18.36 -37.44 -23.87
C ASN A 300 19.51 -38.27 -24.45
N LYS A 301 20.15 -39.06 -23.59
CA LYS A 301 21.35 -39.81 -23.99
C LYS A 301 21.03 -40.97 -24.93
N LYS A 302 19.93 -41.67 -24.66
CA LYS A 302 19.46 -42.77 -25.49
C LYS A 302 19.08 -42.28 -26.90
N TRP A 303 18.46 -41.11 -26.96
CA TRP A 303 18.11 -40.45 -28.21
C TRP A 303 19.35 -40.02 -28.99
N MET A 304 20.33 -39.45 -28.30
CA MET A 304 21.52 -38.90 -28.97
C MET A 304 22.50 -39.99 -29.42
N ASP A 305 22.36 -41.19 -28.86
CA ASP A 305 23.08 -42.36 -29.34
C ASP A 305 22.36 -42.96 -30.55
N TYR A 306 21.04 -42.87 -30.57
CA TYR A 306 20.22 -43.37 -31.67
C TYR A 306 20.31 -42.46 -32.90
N ALA A 307 20.16 -41.16 -32.68
CA ALA A 307 20.23 -40.17 -33.75
C ALA A 307 21.67 -39.86 -34.20
N GLY A 308 22.65 -40.35 -33.43
CA GLY A 308 24.06 -40.21 -33.79
C GLY A 308 24.62 -38.83 -33.48
N LEU A 309 23.96 -38.13 -32.56
CA LEU A 309 24.40 -36.84 -32.07
C LEU A 309 25.65 -37.04 -31.21
N ARG A 310 26.77 -36.45 -31.65
CA ARG A 310 28.06 -36.61 -31.00
C ARG A 310 28.13 -35.95 -29.62
N GLU A 311 28.48 -36.75 -28.61
CA GLU A 311 28.64 -36.28 -27.24
C GLU A 311 29.87 -35.40 -27.10
N ASP A 312 30.90 -35.71 -27.89
CA ASP A 312 32.14 -34.95 -27.93
C ASP A 312 31.94 -33.55 -28.54
N MET A 313 31.04 -33.45 -29.51
CA MET A 313 30.62 -32.17 -30.09
C MET A 313 29.82 -31.38 -29.06
N TYR A 314 28.86 -32.06 -28.41
CA TYR A 314 27.93 -31.44 -27.49
C TYR A 314 28.62 -30.78 -26.29
N GLN A 315 29.64 -31.45 -25.74
CA GLN A 315 30.39 -30.90 -24.62
C GLN A 315 31.34 -29.79 -25.07
N GLN A 316 31.77 -29.86 -26.33
CA GLN A 316 32.59 -28.81 -26.92
C GLN A 316 31.81 -27.51 -27.13
N THR A 317 30.50 -27.64 -27.41
CA THR A 317 29.63 -26.46 -27.55
C THR A 317 29.32 -25.86 -26.19
N VAL A 318 29.14 -26.73 -25.19
CA VAL A 318 28.92 -26.32 -23.81
C VAL A 318 30.11 -25.51 -23.30
N GLN A 319 31.32 -25.98 -23.61
CA GLN A 319 32.57 -25.27 -23.30
C GLN A 319 32.65 -23.89 -23.97
N LYS A 320 32.23 -23.82 -25.23
CA LYS A 320 32.24 -22.57 -25.98
C LYS A 320 31.23 -21.56 -25.42
N ILE A 321 30.06 -22.06 -25.03
CA ILE A 321 29.04 -21.25 -24.35
C ILE A 321 29.54 -20.77 -22.98
N ARG A 322 30.09 -21.71 -22.20
CA ARG A 322 30.64 -21.41 -20.87
C ARG A 322 31.78 -20.39 -20.90
N TYR A 323 32.63 -20.47 -21.93
CA TYR A 323 33.72 -19.51 -22.10
C TYR A 323 33.22 -18.11 -22.44
N GLN A 324 32.15 -18.04 -23.23
CA GLN A 324 31.51 -16.76 -23.57
C GLN A 324 30.98 -16.08 -22.31
N LEU A 325 30.45 -16.88 -21.39
CA LEU A 325 29.91 -16.38 -20.13
C LEU A 325 30.98 -16.05 -19.10
N GLU A 326 31.78 -17.06 -18.73
CA GLU A 326 32.76 -16.95 -17.64
C GLU A 326 33.86 -15.91 -17.85
N SER A 327 34.33 -15.78 -19.10
CA SER A 327 35.37 -14.79 -19.43
C SER A 327 34.86 -13.36 -19.37
N GLN A 328 33.55 -13.19 -19.43
CA GLN A 328 32.92 -11.88 -19.34
C GLN A 328 32.44 -11.57 -17.92
N GLY A 329 32.43 -12.59 -17.06
CA GLY A 329 32.10 -12.41 -15.65
C GLY A 329 30.76 -13.03 -15.25
N PHE A 330 30.17 -13.80 -16.16
CA PHE A 330 28.92 -14.49 -15.91
C PHE A 330 29.25 -15.92 -15.44
N THR A 331 29.14 -16.15 -14.13
CA THR A 331 29.69 -17.37 -13.52
C THR A 331 28.66 -18.24 -12.81
N ASN A 332 27.42 -17.76 -12.69
CA ASN A 332 26.34 -18.57 -12.12
C ASN A 332 25.78 -19.52 -13.17
N ILE A 333 26.43 -20.68 -13.31
CA ILE A 333 26.02 -21.65 -14.35
C ILE A 333 25.54 -22.96 -13.73
N ALA A 334 24.23 -23.21 -13.87
CA ALA A 334 23.66 -24.51 -13.55
C ALA A 334 23.75 -25.41 -14.78
N ASP A 335 24.80 -26.23 -14.80
CA ASP A 335 25.14 -27.07 -15.95
C ASP A 335 24.63 -28.49 -15.73
N PHE A 336 23.64 -28.88 -16.53
CA PHE A 336 23.08 -30.23 -16.47
C PHE A 336 23.35 -31.02 -17.75
N SER A 337 24.33 -30.57 -18.54
CA SER A 337 24.56 -31.09 -19.89
C SER A 337 25.03 -32.54 -20.00
N LYS A 338 25.47 -33.11 -18.89
CA LYS A 338 25.92 -34.50 -18.86
C LYS A 338 24.94 -35.41 -18.10
N ASP A 339 23.75 -34.88 -17.80
CA ASP A 339 22.76 -35.60 -17.00
C ASP A 339 21.64 -36.19 -17.86
N GLY A 340 21.92 -36.35 -19.15
CA GLY A 340 20.93 -36.85 -20.13
C GLY A 340 20.43 -38.27 -19.88
N GLY A 341 21.31 -39.12 -19.35
CA GLY A 341 20.99 -40.51 -19.08
C GLY A 341 20.55 -40.80 -17.66
N GLU A 342 20.22 -39.74 -16.91
CA GLU A 342 19.73 -39.89 -15.55
C GLU A 342 18.25 -40.27 -15.57
N PRO A 343 17.83 -41.18 -14.66
CA PRO A 343 16.44 -41.65 -14.61
C PRO A 343 15.43 -40.53 -14.33
N PHE A 344 14.46 -40.41 -15.24
CA PHE A 344 13.36 -39.42 -15.19
C PHE A 344 13.80 -37.95 -15.07
N PHE A 345 14.98 -37.66 -15.61
CA PHE A 345 15.57 -36.33 -15.56
C PHE A 345 14.94 -35.42 -16.62
N MET A 346 14.46 -36.04 -17.70
CA MET A 346 13.90 -35.30 -18.83
C MET A 346 12.47 -35.72 -19.11
N LYS A 347 11.65 -34.74 -19.46
CA LYS A 347 10.27 -34.98 -19.88
C LYS A 347 10.25 -35.37 -21.35
N ASP A 348 11.30 -34.97 -22.05
CA ASP A 348 11.27 -34.75 -23.49
C ASP A 348 12.49 -35.39 -24.14
N THR A 349 12.79 -34.94 -25.36
CA THR A 349 14.07 -35.22 -26.01
C THR A 349 15.11 -34.12 -25.67
N ILE A 350 14.62 -32.94 -25.29
CA ILE A 350 15.47 -31.75 -25.11
C ILE A 350 15.15 -30.92 -23.85
N HIS A 351 14.01 -31.21 -23.22
CA HIS A 351 13.56 -30.44 -22.05
C HIS A 351 13.63 -31.22 -20.73
N LEU A 352 14.07 -30.50 -19.69
CA LEU A 352 14.00 -30.95 -18.30
C LEU A 352 12.56 -31.15 -17.85
N GLY A 353 12.39 -32.09 -16.93
CA GLY A 353 11.08 -32.44 -16.43
C GLY A 353 11.23 -33.49 -15.36
N TRP A 354 10.19 -33.63 -14.54
CA TRP A 354 10.16 -34.56 -13.41
C TRP A 354 11.32 -34.40 -12.41
N LEU A 355 12.29 -35.32 -12.43
CA LEU A 355 13.40 -35.29 -11.48
C LEU A 355 14.44 -34.23 -11.83
N GLY A 356 14.52 -33.87 -13.11
CA GLY A 356 15.41 -32.80 -13.57
C GLY A 356 15.01 -31.44 -13.04
N TRP A 357 13.72 -31.26 -12.78
CA TRP A 357 13.20 -30.05 -12.16
C TRP A 357 13.66 -29.90 -10.71
N LEU A 358 13.89 -31.03 -10.04
CA LEU A 358 14.41 -31.03 -8.68
C LEU A 358 15.90 -30.67 -8.64
N ALA A 359 16.64 -31.19 -9.61
CA ALA A 359 18.04 -30.81 -9.82
C ALA A 359 18.18 -29.35 -10.24
N PHE A 360 17.20 -28.86 -11.00
CA PHE A 360 17.04 -27.45 -11.35
C PHE A 360 16.83 -26.62 -10.09
N ASP A 361 15.92 -27.08 -9.24
CA ASP A 361 15.56 -26.40 -7.99
C ASP A 361 16.74 -26.25 -7.02
N LYS A 362 17.59 -27.27 -6.96
CA LYS A 362 18.74 -27.30 -6.05
C LYS A 362 19.82 -26.26 -6.39
N ALA A 363 19.82 -25.80 -7.63
CA ALA A 363 20.70 -24.71 -8.04
C ALA A 363 19.99 -23.36 -7.98
N VAL A 364 18.73 -23.34 -8.41
CA VAL A 364 17.99 -22.09 -8.61
C VAL A 364 17.40 -21.50 -7.32
N ASP A 365 16.73 -22.33 -6.52
CA ASP A 365 16.18 -21.88 -5.23
C ASP A 365 17.20 -21.22 -4.27
N PRO A 366 18.36 -21.87 -3.99
CA PRO A 366 19.39 -21.18 -3.18
C PRO A 366 19.93 -19.87 -3.74
N PHE A 367 19.89 -19.71 -5.06
CA PHE A 367 20.29 -18.47 -5.72
C PHE A 367 19.26 -17.35 -5.53
N LEU A 368 17.97 -17.69 -5.68
CA LEU A 368 16.91 -16.68 -5.65
C LEU A 368 16.37 -16.38 -4.26
N SER A 369 16.58 -17.31 -3.32
CA SER A 369 16.17 -17.10 -1.93
C SER A 369 17.12 -16.16 -1.19
N ASN A 370 18.36 -16.07 -1.68
CA ASN A 370 19.33 -15.11 -1.15
C ASN A 370 19.82 -14.17 -2.25
N PRO A 371 19.04 -13.09 -2.53
CA PRO A 371 19.40 -12.15 -3.60
C PRO A 371 20.71 -11.42 -3.35
N THR A 372 21.47 -11.25 -4.42
CA THR A 372 22.76 -10.60 -4.36
C THR A 372 22.96 -9.73 -5.61
N PRO A 373 23.52 -8.50 -5.44
CA PRO A 373 23.84 -7.62 -6.57
C PRO A 373 24.84 -8.23 -7.54
N ALA A 374 24.74 -7.85 -8.80
CA ALA A 374 25.56 -8.40 -9.89
C ALA A 374 27.02 -7.93 -9.80
N PRO A 375 27.96 -8.79 -10.23
CA PRO A 375 29.36 -8.34 -10.29
C PRO A 375 29.61 -7.45 -11.50
N THR A 376 30.74 -6.73 -11.48
CA THR A 376 31.19 -5.98 -12.65
C THR A 376 31.54 -6.97 -13.75
N TYR A 377 31.03 -6.72 -14.95
CA TYR A 377 31.29 -7.57 -16.09
C TYR A 377 32.38 -6.95 -16.97
N HIS A 378 32.96 -7.78 -17.83
CA HIS A 378 34.00 -7.33 -18.74
C HIS A 378 33.68 -7.82 -20.14
N LEU A 379 32.89 -7.01 -20.85
CA LEU A 379 32.34 -7.40 -22.14
C LEU A 379 33.38 -7.44 -23.24
N ASN A 380 33.16 -8.33 -24.20
CA ASN A 380 34.07 -8.49 -25.32
C ASN A 380 33.28 -8.44 -26.63
N GLU A 381 33.40 -7.32 -27.34
CA GLU A 381 32.69 -7.09 -28.61
C GLU A 381 33.15 -8.01 -29.75
N ARG A 382 34.20 -8.80 -29.48
CA ARG A 382 34.66 -9.84 -30.40
C ARG A 382 33.64 -10.96 -30.49
N PHE A 383 32.83 -11.11 -29.45
CA PHE A 383 31.79 -12.13 -29.41
C PHE A 383 30.59 -11.81 -30.31
N PHE A 384 30.53 -10.58 -30.83
CA PHE A 384 29.55 -10.19 -31.84
C PHE A 384 29.98 -10.57 -33.26
N SER A 385 31.28 -10.77 -33.45
CA SER A 385 31.87 -10.96 -34.78
C SER A 385 31.60 -12.34 -35.38
N LYS A 386 31.79 -12.43 -36.69
CA LYS A 386 31.59 -13.65 -37.47
C LYS A 386 32.67 -14.70 -37.16
N ASP A 387 33.83 -14.23 -36.73
CA ASP A 387 34.96 -15.09 -36.36
C ASP A 387 34.65 -15.95 -35.13
N TRP A 388 34.02 -15.35 -34.13
CA TRP A 388 33.59 -16.08 -32.93
C TRP A 388 32.43 -17.02 -33.22
N ALA A 389 31.49 -16.58 -34.06
CA ALA A 389 30.34 -17.39 -34.47
C ALA A 389 30.76 -18.69 -35.14
N THR A 390 31.83 -18.63 -35.93
CA THR A 390 32.38 -19.80 -36.62
C THR A 390 33.74 -20.25 -36.05
N TYR A 391 33.80 -20.42 -34.73
CA TYR A 391 35.04 -20.86 -34.08
C TYR A 391 35.04 -22.36 -33.82
N ASP A 392 36.06 -23.03 -34.36
CA ASP A 392 36.17 -24.50 -34.34
C ASP A 392 37.04 -25.04 -33.22
N GLY A 393 38.21 -24.42 -33.01
CA GLY A 393 39.26 -24.95 -32.14
C GLY A 393 38.98 -24.93 -30.65
N ASP A 394 39.98 -25.30 -29.85
CA ASP A 394 39.84 -25.26 -28.40
C ASP A 394 39.73 -23.82 -27.90
N VAL A 395 38.97 -23.65 -26.83
CA VAL A 395 38.44 -22.34 -26.47
C VAL A 395 39.43 -21.43 -25.72
N LYS A 396 40.52 -22.03 -25.24
CA LYS A 396 41.56 -21.32 -24.49
C LYS A 396 42.39 -20.35 -25.34
N GLU A 397 42.51 -20.67 -26.63
CA GLU A 397 43.33 -19.90 -27.56
C GLU A 397 42.71 -18.56 -27.99
N PHE A 398 41.37 -18.49 -27.95
CA PHE A 398 40.64 -17.28 -28.33
C PHE A 398 40.81 -16.19 -27.27
N MET B 7 -0.96 -6.36 -51.92
CA MET B 7 -1.27 -7.66 -51.24
C MET B 7 -1.31 -8.83 -52.22
N HIS B 8 -0.64 -9.92 -51.84
CA HIS B 8 -0.91 -11.22 -52.45
C HIS B 8 -1.72 -12.04 -51.44
N HIS B 9 -2.72 -12.75 -51.93
CA HIS B 9 -3.71 -13.39 -51.07
C HIS B 9 -3.48 -14.89 -50.91
N ASN B 10 -3.41 -15.34 -49.66
CA ASN B 10 -3.32 -16.76 -49.33
C ASN B 10 -4.71 -17.29 -48.99
N LEU B 11 -5.30 -18.01 -49.94
CA LEU B 11 -6.65 -18.58 -49.82
C LEU B 11 -6.82 -19.48 -48.59
N GLY B 12 -5.84 -20.35 -48.36
CA GLY B 12 -5.85 -21.28 -47.24
C GLY B 12 -5.81 -20.62 -45.87
N ALA B 13 -4.98 -19.59 -45.73
CA ALA B 13 -4.86 -18.82 -44.50
C ALA B 13 -6.11 -18.01 -44.22
N GLU B 14 -6.74 -17.53 -45.29
CA GLU B 14 -7.97 -16.76 -45.22
C GLU B 14 -9.15 -17.63 -44.83
N LYS B 15 -9.22 -18.85 -45.38
CA LYS B 15 -10.22 -19.83 -44.98
C LYS B 15 -10.10 -20.23 -43.51
N ARG B 16 -8.86 -20.40 -43.04
CA ARG B 16 -8.60 -20.67 -41.62
C ARG B 16 -8.97 -19.48 -40.72
N SER B 17 -8.66 -18.26 -41.16
CA SER B 17 -8.99 -17.04 -40.42
C SER B 17 -10.49 -16.84 -40.28
N ALA B 18 -11.22 -17.16 -41.35
CA ALA B 18 -12.67 -16.96 -41.42
C ALA B 18 -13.46 -17.75 -40.40
N VAL B 19 -12.95 -18.93 -40.06
CA VAL B 19 -13.63 -19.84 -39.13
C VAL B 19 -12.90 -19.96 -37.79
N ALA B 20 -11.80 -19.21 -37.64
CA ALA B 20 -10.98 -19.23 -36.44
C ALA B 20 -11.78 -18.91 -35.18
N THR B 21 -12.70 -17.96 -35.30
CA THR B 21 -13.62 -17.55 -34.24
C THR B 21 -12.86 -17.23 -32.95
N THR B 22 -11.81 -16.40 -33.10
CA THR B 22 -10.94 -16.00 -32.01
C THR B 22 -11.08 -14.51 -31.75
N ILE B 23 -10.46 -14.04 -30.66
CA ILE B 23 -10.38 -12.60 -30.35
C ILE B 23 -9.57 -11.86 -31.43
N ASP B 24 -8.49 -12.49 -31.88
CA ASP B 24 -7.64 -11.98 -32.96
C ASP B 24 -8.37 -11.84 -34.30
N SER B 25 -9.15 -12.85 -34.68
CA SER B 25 -9.92 -12.78 -35.92
C SER B 25 -10.95 -11.65 -35.90
N PHE B 26 -11.47 -11.34 -34.71
CA PHE B 26 -12.42 -10.26 -34.53
C PHE B 26 -11.76 -8.88 -34.44
N LYS B 27 -10.77 -8.74 -33.54
CA LYS B 27 -10.26 -7.41 -33.17
C LYS B 27 -9.10 -6.87 -34.02
N GLU B 28 -8.37 -7.76 -34.68
CA GLU B 28 -7.17 -7.38 -35.40
C GLU B 28 -7.50 -7.01 -36.84
N ARG B 29 -6.78 -6.03 -37.38
CA ARG B 29 -7.01 -5.55 -38.74
C ARG B 29 -6.67 -6.60 -39.81
N SER B 30 -5.46 -7.16 -39.71
CA SER B 30 -4.84 -7.98 -40.75
C SER B 30 -5.76 -9.06 -41.31
N GLN B 31 -6.25 -9.94 -40.45
CA GLN B 31 -6.94 -11.16 -40.88
C GLN B 31 -8.26 -10.91 -41.62
N LYS B 32 -9.09 -10.02 -41.09
CA LYS B 32 -10.38 -9.70 -41.72
C LYS B 32 -10.26 -8.86 -42.98
N VAL B 33 -9.31 -7.92 -43.00
CA VAL B 33 -9.09 -7.08 -44.18
C VAL B 33 -8.54 -7.92 -45.35
N ARG B 34 -7.65 -8.87 -45.02
CA ARG B 34 -7.05 -9.76 -46.02
CA ARG B 34 -7.06 -9.75 -46.02
CA ARG B 34 -7.05 -9.75 -46.02
C ARG B 34 -8.11 -10.59 -46.75
N ALA B 35 -9.02 -11.18 -45.99
CA ALA B 35 -10.06 -12.04 -46.56
C ALA B 35 -11.14 -11.24 -47.27
N LEU B 36 -11.55 -10.12 -46.68
CA LEU B 36 -12.62 -9.30 -47.26
C LEU B 36 -12.18 -8.41 -48.43
N SER B 37 -10.88 -8.36 -48.73
CA SER B 37 -10.38 -7.63 -49.90
C SER B 37 -9.95 -8.53 -51.05
N ASP B 38 -10.02 -9.84 -50.83
CA ASP B 38 -9.65 -10.84 -51.84
C ASP B 38 -10.61 -10.80 -53.03
N PRO B 39 -10.08 -10.49 -54.24
CA PRO B 39 -10.93 -10.41 -55.44
C PRO B 39 -11.31 -11.76 -56.02
N ASN B 40 -10.62 -12.82 -55.64
CA ASN B 40 -10.87 -14.16 -56.19
C ASN B 40 -12.07 -14.86 -55.57
N VAL B 41 -12.05 -15.02 -54.24
CA VAL B 41 -13.18 -15.59 -53.52
C VAL B 41 -13.90 -14.53 -52.68
N ARG B 42 -15.20 -14.68 -52.54
CA ARG B 42 -16.01 -13.74 -51.79
C ARG B 42 -16.17 -14.18 -50.34
N PHE B 43 -15.66 -13.37 -49.42
CA PHE B 43 -15.90 -13.58 -48.01
C PHE B 43 -16.95 -12.60 -47.54
N VAL B 44 -17.92 -13.08 -46.77
CA VAL B 44 -19.02 -12.25 -46.31
C VAL B 44 -18.95 -12.08 -44.79
N PRO B 45 -19.00 -10.82 -44.32
CA PRO B 45 -19.02 -10.56 -42.88
C PRO B 45 -20.26 -11.12 -42.18
N PHE B 46 -20.03 -12.00 -41.21
CA PHE B 46 -21.08 -12.56 -40.36
C PHE B 46 -20.91 -12.00 -38.95
N PHE B 47 -21.69 -10.97 -38.63
CA PHE B 47 -21.59 -10.27 -37.35
C PHE B 47 -22.50 -10.86 -36.28
N GLY B 48 -21.91 -11.32 -35.19
CA GLY B 48 -22.68 -11.80 -34.04
C GLY B 48 -21.86 -11.75 -32.77
N SER B 49 -22.36 -12.36 -31.70
CA SER B 49 -21.55 -12.52 -30.51
C SER B 49 -20.97 -13.92 -30.48
N SER B 50 -21.53 -14.79 -29.64
CA SER B 50 -21.04 -16.17 -29.52
C SER B 50 -21.77 -17.16 -30.44
N GLU B 51 -22.52 -16.62 -31.40
CA GLU B 51 -23.41 -17.41 -32.26
C GLU B 51 -22.66 -18.38 -33.16
N TRP B 52 -21.46 -18.00 -33.58
CA TRP B 52 -20.69 -18.80 -34.52
C TRP B 52 -19.73 -19.78 -33.85
N LEU B 53 -19.61 -19.67 -32.53
CA LEU B 53 -18.66 -20.45 -31.73
C LEU B 53 -18.81 -21.96 -31.86
N ARG B 54 -20.06 -22.43 -31.89
CA ARG B 54 -20.36 -23.87 -31.88
C ARG B 54 -20.80 -24.39 -33.24
N PHE B 55 -20.09 -25.41 -33.71
CA PHE B 55 -20.21 -25.92 -35.06
C PHE B 55 -20.93 -27.27 -35.07
N ASP B 56 -21.72 -27.47 -36.11
CA ASP B 56 -22.27 -28.80 -36.43
C ASP B 56 -22.36 -28.94 -37.95
N GLY B 57 -23.03 -29.99 -38.42
CA GLY B 57 -23.12 -30.27 -39.85
C GLY B 57 -23.84 -29.23 -40.68
N ALA B 58 -24.69 -28.44 -40.04
CA ALA B 58 -25.50 -27.42 -40.72
C ALA B 58 -24.97 -25.98 -40.58
N HIS B 59 -23.88 -25.81 -39.82
CA HIS B 59 -23.24 -24.51 -39.59
C HIS B 59 -22.89 -23.82 -40.91
N PRO B 60 -23.19 -22.50 -41.02
CA PRO B 60 -22.96 -21.70 -42.23
C PRO B 60 -21.59 -21.85 -42.88
N ALA B 61 -20.55 -22.00 -42.05
CA ALA B 61 -19.18 -22.17 -42.54
C ALA B 61 -18.93 -23.58 -43.10
N VAL B 62 -19.58 -24.57 -42.50
CA VAL B 62 -19.47 -25.96 -42.95
C VAL B 62 -20.18 -26.15 -44.30
N LEU B 63 -21.42 -25.67 -44.38
CA LEU B 63 -22.25 -25.79 -45.60
C LEU B 63 -21.65 -25.09 -46.81
N ALA B 64 -21.02 -23.94 -46.59
CA ALA B 64 -20.39 -23.19 -47.68
C ALA B 64 -19.11 -23.85 -48.16
N GLU B 65 -18.42 -24.57 -47.28
CA GLU B 65 -17.20 -25.25 -47.66
C GLU B 65 -17.45 -26.60 -48.36
N LYS B 66 -18.38 -27.38 -47.82
CA LYS B 66 -18.76 -28.67 -48.41
C LYS B 66 -19.36 -28.49 -49.81
N TYR B 67 -20.27 -27.55 -49.96
CA TYR B 67 -20.99 -27.39 -51.23
C TYR B 67 -20.43 -26.30 -52.14
N ASN B 68 -19.23 -25.83 -51.81
CA ASN B 68 -18.47 -24.85 -52.60
C ASN B 68 -19.29 -23.67 -53.12
N ARG B 69 -19.85 -22.90 -52.18
CA ARG B 69 -20.76 -21.81 -52.52
C ARG B 69 -20.03 -20.59 -53.10
N SER B 70 -20.78 -19.68 -53.72
CA SER B 70 -20.21 -18.45 -54.28
C SER B 70 -19.71 -17.46 -53.21
N TYR B 71 -19.87 -17.82 -51.94
CA TYR B 71 -19.36 -17.05 -50.82
C TYR B 71 -18.76 -17.94 -49.74
N ARG B 72 -18.04 -17.34 -48.80
CA ARG B 72 -17.64 -17.98 -47.55
C ARG B 72 -17.96 -17.03 -46.39
N PRO B 73 -18.57 -17.54 -45.31
CA PRO B 73 -18.76 -16.69 -44.13
C PRO B 73 -17.43 -16.37 -43.45
N TYR B 74 -17.20 -15.08 -43.16
CA TYR B 74 -16.14 -14.67 -42.26
C TYR B 74 -16.80 -14.35 -40.93
N LEU B 75 -16.59 -15.23 -39.95
CA LEU B 75 -17.28 -15.15 -38.67
C LEU B 75 -16.68 -14.08 -37.75
N LEU B 76 -17.45 -13.01 -37.54
CA LEU B 76 -17.03 -11.89 -36.70
C LEU B 76 -17.76 -11.88 -35.37
N GLY B 77 -17.06 -12.24 -34.30
CA GLY B 77 -17.62 -12.05 -32.97
C GLY B 77 -17.15 -13.00 -31.90
N GLN B 78 -17.41 -12.59 -30.66
CA GLN B 78 -17.05 -13.34 -29.46
C GLN B 78 -18.15 -13.14 -28.44
N GLY B 79 -18.21 -14.00 -27.42
CA GLY B 79 -19.19 -13.85 -26.34
C GLY B 79 -19.09 -12.49 -25.67
N GLY B 80 -20.23 -11.81 -25.53
CA GLY B 80 -20.28 -10.51 -24.88
C GLY B 80 -20.12 -9.32 -25.82
N ALA B 81 -19.81 -9.59 -27.08
CA ALA B 81 -19.69 -8.53 -28.08
C ALA B 81 -21.05 -8.13 -28.63
N ALA B 82 -21.39 -6.85 -28.49
CA ALA B 82 -22.64 -6.32 -29.02
C ALA B 82 -22.35 -5.22 -30.03
N SER B 83 -23.30 -4.30 -30.21
CA SER B 83 -23.26 -3.33 -31.31
C SER B 83 -22.18 -2.25 -31.23
N LEU B 84 -21.78 -1.87 -30.01
CA LEU B 84 -20.70 -0.89 -29.84
C LEU B 84 -19.37 -1.53 -30.29
N ASN B 85 -19.14 -2.78 -29.89
CA ASN B 85 -17.98 -3.54 -30.34
C ASN B 85 -17.89 -3.71 -31.85
N GLN B 86 -19.00 -4.09 -32.48
CA GLN B 86 -19.04 -4.35 -33.91
C GLN B 86 -18.78 -3.08 -34.71
N TYR B 87 -19.33 -1.96 -34.23
CA TYR B 87 -19.16 -0.66 -34.84
C TYR B 87 -17.71 -0.21 -34.87
N PHE B 88 -16.98 -0.45 -33.79
CA PHE B 88 -15.57 -0.06 -33.71
C PHE B 88 -14.69 -0.96 -34.57
N GLY B 89 -15.06 -2.24 -34.66
CA GLY B 89 -14.40 -3.19 -35.56
C GLY B 89 -14.61 -2.86 -37.01
N MET B 90 -15.80 -2.32 -37.34
CA MET B 90 -16.14 -1.88 -38.69
C MET B 90 -15.22 -0.78 -39.21
N GLN B 91 -14.74 0.08 -38.31
CA GLN B 91 -13.90 1.22 -38.67
C GLN B 91 -12.55 0.82 -39.27
N GLN B 92 -12.13 -0.42 -38.99
CA GLN B 92 -10.90 -0.98 -39.52
C GLN B 92 -11.05 -1.50 -40.96
N MET B 93 -12.28 -1.62 -41.43
CA MET B 93 -12.55 -2.35 -42.69
C MET B 93 -13.64 -1.70 -43.55
N LEU B 94 -13.77 -0.38 -43.41
CA LEU B 94 -14.68 0.45 -44.19
C LEU B 94 -14.67 0.31 -45.73
N PRO B 95 -13.48 0.24 -46.39
CA PRO B 95 -13.54 -0.01 -47.84
C PRO B 95 -13.99 -1.42 -48.20
N GLN B 96 -13.85 -2.36 -47.27
CA GLN B 96 -14.23 -3.75 -47.50
C GLN B 96 -15.71 -4.02 -47.18
N LEU B 97 -16.38 -3.03 -46.60
CA LEU B 97 -17.82 -3.09 -46.30
C LEU B 97 -18.64 -2.30 -47.32
N GLU B 98 -17.97 -1.39 -48.02
CA GLU B 98 -18.57 -0.49 -48.99
C GLU B 98 -19.30 -1.26 -50.09
N ASN B 99 -20.59 -0.95 -50.26
CA ASN B 99 -21.47 -1.54 -51.29
C ASN B 99 -21.58 -3.06 -51.30
N LYS B 100 -21.60 -3.66 -50.11
CA LYS B 100 -21.58 -5.11 -49.98
C LYS B 100 -22.61 -5.64 -49.00
N GLN B 101 -22.83 -6.95 -49.03
CA GLN B 101 -23.82 -7.59 -48.16
C GLN B 101 -23.18 -8.16 -46.90
N VAL B 102 -23.93 -8.09 -45.80
CA VAL B 102 -23.47 -8.64 -44.52
C VAL B 102 -24.59 -9.42 -43.82
N VAL B 103 -24.20 -10.28 -42.89
CA VAL B 103 -25.15 -10.89 -41.96
C VAL B 103 -24.95 -10.23 -40.60
N TYR B 104 -26.05 -9.83 -39.96
CA TYR B 104 -26.00 -9.19 -38.64
C TYR B 104 -27.03 -9.78 -37.67
N VAL B 105 -26.54 -10.43 -36.61
CA VAL B 105 -27.41 -10.99 -35.58
C VAL B 105 -27.82 -9.87 -34.61
N ILE B 106 -29.12 -9.77 -34.34
CA ILE B 106 -29.61 -8.93 -33.25
C ILE B 106 -30.36 -9.79 -32.25
N SER B 107 -29.66 -10.15 -31.18
CA SER B 107 -30.20 -11.00 -30.12
C SER B 107 -30.85 -10.12 -29.05
N PRO B 108 -32.18 -10.28 -28.84
CA PRO B 108 -32.97 -9.51 -27.87
C PRO B 108 -32.45 -9.50 -26.43
N GLN B 109 -31.73 -10.53 -26.02
CA GLN B 109 -31.18 -10.59 -24.66
C GLN B 109 -29.95 -9.69 -24.46
N TRP B 110 -29.45 -9.09 -25.54
CA TRP B 110 -28.42 -8.05 -25.46
C TRP B 110 -28.99 -6.76 -24.91
N PHE B 111 -30.32 -6.66 -24.88
CA PHE B 111 -31.00 -5.43 -24.55
C PHE B 111 -31.36 -5.37 -23.07
N SER B 112 -30.36 -5.66 -22.24
CA SER B 112 -30.42 -5.55 -20.79
C SER B 112 -30.48 -4.08 -20.39
N LYS B 113 -31.02 -3.80 -19.20
CA LYS B 113 -31.20 -2.42 -18.75
C LYS B 113 -29.88 -1.65 -18.60
N ASN B 114 -28.79 -2.38 -18.34
CA ASN B 114 -27.46 -1.79 -18.23
C ASN B 114 -26.61 -1.98 -19.49
N GLY B 115 -27.16 -2.64 -20.50
CA GLY B 115 -26.48 -2.82 -21.78
C GLY B 115 -25.35 -3.85 -21.71
N TYR B 116 -24.39 -3.71 -22.61
CA TYR B 116 -23.27 -4.65 -22.76
C TYR B 116 -22.40 -4.80 -21.51
N ASP B 117 -21.73 -5.95 -21.40
CA ASP B 117 -20.81 -6.24 -20.31
C ASP B 117 -19.48 -5.52 -20.58
N PRO B 118 -19.12 -4.53 -19.72
CA PRO B 118 -17.91 -3.71 -19.93
C PRO B 118 -16.63 -4.54 -19.92
N ALA B 119 -16.62 -5.60 -19.11
CA ALA B 119 -15.48 -6.49 -18.97
C ALA B 119 -15.30 -7.41 -20.20
N ALA B 120 -16.33 -7.50 -21.03
CA ALA B 120 -16.23 -8.23 -22.30
C ALA B 120 -15.77 -7.32 -23.44
N PHE B 121 -16.29 -6.10 -23.47
CA PHE B 121 -15.96 -5.07 -24.47
C PHE B 121 -14.45 -4.80 -24.55
N GLN B 122 -13.84 -4.66 -23.36
CA GLN B 122 -12.43 -4.36 -23.18
C GLN B 122 -11.48 -5.30 -23.89
N GLN B 123 -11.88 -6.56 -24.03
CA GLN B 123 -11.04 -7.59 -24.62
C GLN B 123 -11.00 -7.53 -26.15
N TYR B 124 -11.97 -6.85 -26.74
CA TYR B 124 -12.15 -6.87 -28.19
C TYR B 124 -11.84 -5.51 -28.83
N PHE B 125 -11.58 -4.51 -27.98
CA PHE B 125 -11.21 -3.19 -28.44
C PHE B 125 -9.69 -3.04 -28.36
N ASN B 126 -9.09 -2.42 -29.38
CA ASN B 126 -7.67 -2.08 -29.34
C ASN B 126 -7.41 -0.62 -29.78
N GLY B 127 -6.13 -0.24 -29.83
CA GLY B 127 -5.74 1.10 -30.25
C GLY B 127 -5.92 1.37 -31.74
N ASP B 128 -5.80 0.33 -32.56
CA ASP B 128 -6.11 0.42 -33.98
C ASP B 128 -7.55 0.87 -34.19
N GLN B 129 -8.47 0.22 -33.49
CA GLN B 129 -9.89 0.62 -33.49
C GLN B 129 -10.10 2.05 -33.00
N LEU B 130 -9.36 2.44 -31.96
CA LEU B 130 -9.42 3.82 -31.44
C LEU B 130 -9.05 4.81 -32.53
N THR B 131 -7.87 4.65 -33.13
CA THR B 131 -7.39 5.57 -34.15
C THR B 131 -8.16 5.51 -35.48
N SER B 132 -8.70 4.34 -35.82
CA SER B 132 -9.55 4.18 -37.01
C SER B 132 -10.82 5.00 -36.85
N PHE B 133 -11.48 4.82 -35.72
CA PHE B 133 -12.65 5.61 -35.33
C PHE B 133 -12.37 7.10 -35.45
N LEU B 134 -11.26 7.55 -34.85
CA LEU B 134 -10.87 8.95 -34.81
C LEU B 134 -10.59 9.53 -36.19
N LYS B 135 -10.03 8.71 -37.07
CA LYS B 135 -9.71 9.12 -38.43
C LYS B 135 -10.96 9.21 -39.30
N HIS B 136 -11.88 8.26 -39.13
CA HIS B 136 -13.00 8.13 -40.05
C HIS B 136 -14.28 8.83 -39.59
N GLN B 137 -14.26 9.42 -38.41
CA GLN B 137 -15.42 10.15 -37.88
C GLN B 137 -15.71 11.39 -38.73
N SER B 138 -16.97 11.82 -38.75
CA SER B 138 -17.35 12.94 -39.60
C SER B 138 -18.04 14.09 -38.84
N GLY B 139 -17.95 14.06 -37.52
CA GLY B 139 -18.49 15.13 -36.67
C GLY B 139 -20.00 15.17 -36.63
N ASP B 140 -20.62 14.01 -36.79
CA ASP B 140 -22.08 13.89 -36.76
C ASP B 140 -22.58 13.36 -35.42
N GLN B 141 -23.82 12.88 -35.39
CA GLN B 141 -24.41 12.37 -34.15
CA GLN B 141 -24.43 12.34 -34.17
C GLN B 141 -23.88 10.97 -33.80
N ALA B 142 -23.49 10.21 -34.83
CA ALA B 142 -22.87 8.89 -34.63
C ALA B 142 -21.53 8.99 -33.90
N SER B 143 -20.64 9.83 -34.41
CA SER B 143 -19.32 10.05 -33.80
C SER B 143 -19.42 10.59 -32.37
N GLN B 144 -20.39 11.47 -32.15
CA GLN B 144 -20.63 12.08 -30.84
C GLN B 144 -21.19 11.08 -29.83
N TYR B 145 -22.09 10.22 -30.30
CA TYR B 145 -22.62 9.18 -29.43
C TYR B 145 -21.55 8.14 -29.11
N ALA B 146 -20.74 7.77 -30.10
CA ALA B 146 -19.73 6.73 -29.93
C ALA B 146 -18.60 7.19 -29.00
N ALA B 147 -18.20 8.45 -29.13
CA ALA B 147 -17.20 9.06 -28.26
C ALA B 147 -17.66 9.12 -26.81
N THR B 148 -18.93 9.50 -26.62
CA THR B 148 -19.55 9.56 -25.28
C THR B 148 -19.52 8.19 -24.60
N ARG B 149 -19.93 7.18 -25.35
CA ARG B 149 -19.93 5.80 -24.88
C ARG B 149 -18.53 5.23 -24.66
N LEU B 150 -17.58 5.66 -25.49
CA LEU B 150 -16.18 5.29 -25.31
C LEU B 150 -15.61 5.86 -24.02
N LEU B 151 -16.03 7.09 -23.70
CA LEU B 151 -15.56 7.78 -22.49
C LEU B 151 -16.21 7.30 -21.21
N GLN B 152 -17.41 6.74 -21.33
CA GLN B 152 -18.07 6.09 -20.21
C GLN B 152 -17.33 4.78 -19.90
N GLN B 153 -16.96 4.08 -20.98
CA GLN B 153 -16.20 2.83 -20.91
C GLN B 153 -14.78 3.04 -20.40
N PHE B 154 -14.04 3.90 -21.09
CA PHE B 154 -12.67 4.23 -20.73
C PHE B 154 -12.55 5.73 -20.44
N PRO B 155 -12.76 6.14 -19.16
CA PRO B 155 -12.63 7.56 -18.76
C PRO B 155 -11.20 8.09 -18.90
N ASN B 156 -10.22 7.21 -18.80
CA ASN B 156 -8.82 7.57 -18.99
C ASN B 156 -8.21 6.94 -20.25
N VAL B 157 -8.99 6.96 -21.34
CA VAL B 157 -8.58 6.41 -22.63
C VAL B 157 -7.36 7.15 -23.20
N ALA B 158 -6.57 6.44 -24.02
CA ALA B 158 -5.52 7.07 -24.83
C ALA B 158 -6.15 8.11 -25.76
N MET B 159 -5.47 9.23 -25.96
CA MET B 159 -5.96 10.37 -26.76
C MET B 159 -7.32 10.89 -26.27
N LYS B 160 -7.43 10.96 -24.95
CA LYS B 160 -8.63 11.35 -24.20
C LYS B 160 -9.26 12.65 -24.68
N ASP B 161 -8.42 13.66 -24.87
CA ASP B 161 -8.86 15.00 -25.29
C ASP B 161 -9.60 14.98 -26.61
N LEU B 162 -9.10 14.20 -27.56
CA LEU B 162 -9.69 14.10 -28.89
C LEU B 162 -11.05 13.44 -28.84
N VAL B 163 -11.18 12.41 -28.02
CA VAL B 163 -12.43 11.70 -27.80
C VAL B 163 -13.43 12.59 -27.03
N GLN B 164 -12.91 13.42 -26.12
CA GLN B 164 -13.71 14.42 -25.39
C GLN B 164 -14.27 15.51 -26.29
N LYS B 165 -13.46 15.96 -27.26
CA LYS B 165 -13.90 16.98 -28.22
CA LYS B 165 -13.90 16.98 -28.21
C LYS B 165 -15.06 16.46 -29.06
N LEU B 166 -14.94 15.21 -29.51
CA LEU B 166 -15.94 14.54 -30.35
C LEU B 166 -17.26 14.36 -29.60
N ALA B 167 -17.16 13.98 -28.33
CA ALA B 167 -18.32 13.80 -27.47
C ALA B 167 -19.01 15.13 -27.13
N SER B 168 -18.25 16.22 -27.16
CA SER B 168 -18.79 17.56 -26.90
C SER B 168 -19.21 18.29 -28.18
N LYS B 169 -19.19 17.59 -29.31
CA LYS B 169 -19.50 18.12 -30.66
C LYS B 169 -18.61 19.26 -31.15
N GLU B 170 -17.40 19.35 -30.60
CA GLU B 170 -16.43 20.37 -31.00
C GLU B 170 -15.72 19.95 -32.28
N GLU B 171 -15.35 20.94 -33.09
CA GLU B 171 -14.57 20.67 -34.29
C GLU B 171 -13.08 20.55 -33.96
N LEU B 172 -12.45 19.54 -34.54
CA LEU B 172 -11.03 19.30 -34.30
C LEU B 172 -10.19 20.27 -35.14
N SER B 173 -9.05 20.66 -34.58
CA SER B 173 -8.12 21.56 -35.27
C SER B 173 -7.27 20.78 -36.27
N THR B 174 -6.43 21.51 -37.01
CA THR B 174 -5.51 20.92 -37.97
C THR B 174 -4.42 20.13 -37.24
N ALA B 175 -3.94 20.67 -36.13
CA ALA B 175 -2.95 20.00 -35.28
C ALA B 175 -3.49 18.69 -34.71
N ASP B 176 -4.75 18.72 -34.28
CA ASP B 176 -5.47 17.54 -33.81
C ASP B 176 -5.67 16.52 -34.94
N ASN B 177 -6.08 17.00 -36.12
CA ASN B 177 -6.29 16.14 -37.28
C ASN B 177 -5.02 15.47 -37.77
N GLU B 178 -3.90 16.20 -37.72
CA GLU B 178 -2.65 15.66 -38.22
C GLU B 178 -1.97 14.70 -37.28
N MET B 179 -2.24 14.86 -35.98
CA MET B 179 -1.85 13.86 -34.99
C MET B 179 -2.63 12.56 -35.22
N ILE B 180 -3.94 12.67 -35.42
CA ILE B 180 -4.80 11.53 -35.75
C ILE B 180 -4.34 10.81 -37.02
N GLU B 181 -4.09 11.57 -38.09
CA GLU B 181 -3.69 11.02 -39.38
C GLU B 181 -2.37 10.27 -39.31
N LEU B 182 -1.41 10.84 -38.59
CA LEU B 182 -0.11 10.21 -38.33
C LEU B 182 -0.23 8.91 -37.53
N LEU B 183 -0.89 8.98 -36.37
CA LEU B 183 -0.98 7.83 -35.48
C LEU B 183 -1.89 6.73 -36.01
N ALA B 184 -2.94 7.12 -36.74
CA ALA B 184 -3.82 6.15 -37.40
C ALA B 184 -3.11 5.41 -38.52
N ARG B 185 -2.27 6.13 -39.27
CA ARG B 185 -1.48 5.56 -40.36
C ARG B 185 -0.45 4.61 -39.80
N PHE B 186 0.20 5.02 -38.71
CA PHE B 186 1.18 4.17 -38.04
C PHE B 186 0.52 2.89 -37.52
N ASN B 187 -0.67 3.01 -36.95
CA ASN B 187 -1.39 1.85 -36.43
C ASN B 187 -1.85 0.84 -37.47
N GLU B 188 -2.23 1.31 -38.64
CA GLU B 188 -2.64 0.41 -39.72
C GLU B 188 -1.46 -0.29 -40.38
N ARG B 189 -0.34 0.42 -40.53
CA ARG B 189 0.91 -0.15 -41.04
C ARG B 189 1.45 -1.21 -40.10
N GLN B 190 1.40 -0.90 -38.81
CA GLN B 190 1.86 -1.77 -37.74
C GLN B 190 1.00 -3.02 -37.60
N ALA B 191 -0.32 -2.85 -37.68
CA ALA B 191 -1.25 -3.96 -37.58
C ALA B 191 -1.22 -4.88 -38.79
N SER B 192 -1.14 -4.30 -40.00
CA SER B 192 -1.16 -5.10 -41.21
CA SER B 192 -1.14 -5.07 -41.24
C SER B 192 0.18 -5.81 -41.47
N PHE B 193 1.27 -5.23 -40.98
CA PHE B 193 2.57 -5.88 -41.14
C PHE B 193 2.79 -7.02 -40.16
N PHE B 194 2.63 -6.75 -38.86
CA PHE B 194 2.92 -7.78 -37.85
C PHE B 194 1.80 -8.79 -37.63
N GLY B 195 0.56 -8.37 -37.90
CA GLY B 195 -0.62 -9.21 -37.71
C GLY B 195 -0.76 -10.34 -38.73
N GLN B 196 -0.03 -10.24 -39.84
CA GLN B 196 -0.03 -11.26 -40.88
C GLN B 196 0.72 -12.54 -40.48
N PHE B 197 1.42 -12.48 -39.35
CA PHE B 197 2.22 -13.61 -38.87
C PHE B 197 1.50 -14.42 -37.79
N SER B 198 0.29 -14.00 -37.44
CA SER B 198 -0.52 -14.65 -36.41
C SER B 198 -1.15 -15.95 -36.89
N VAL B 199 -0.85 -17.05 -36.20
CA VAL B 199 -1.36 -18.38 -36.54
C VAL B 199 -2.34 -18.87 -35.45
N ARG B 200 -3.04 -17.93 -34.81
CA ARG B 200 -3.98 -18.23 -33.72
C ARG B 200 -5.29 -18.83 -34.23
N GLY B 201 -5.55 -20.07 -33.80
CA GLY B 201 -6.78 -20.79 -34.19
C GLY B 201 -6.77 -21.26 -35.64
N TYR B 202 -5.62 -21.76 -36.08
CA TYR B 202 -5.46 -22.23 -37.47
C TYR B 202 -5.61 -23.75 -37.59
N VAL B 203 -5.48 -24.44 -36.45
CA VAL B 203 -5.74 -25.89 -36.38
C VAL B 203 -7.23 -26.15 -36.08
N ASN B 204 -7.94 -25.08 -35.74
CA ASN B 204 -9.40 -25.12 -35.49
C ASN B 204 -10.24 -25.43 -36.74
N TYR B 205 -9.61 -25.41 -37.91
CA TYR B 205 -10.25 -25.76 -39.16
C TYR B 205 -10.67 -27.23 -39.21
N ASP B 206 -9.85 -28.10 -38.63
CA ASP B 206 -10.17 -29.53 -38.56
C ASP B 206 -11.24 -29.85 -37.53
N LYS B 207 -11.13 -29.19 -36.38
CA LYS B 207 -12.02 -29.46 -35.25
CA LYS B 207 -12.01 -29.43 -35.24
C LYS B 207 -13.42 -28.89 -35.44
N HIS B 208 -13.57 -27.93 -36.35
CA HIS B 208 -14.84 -27.25 -36.52
C HIS B 208 -15.45 -27.32 -37.92
N VAL B 209 -14.62 -27.40 -38.95
CA VAL B 209 -15.12 -27.45 -40.33
C VAL B 209 -14.88 -28.81 -41.01
N ALA B 210 -13.62 -29.26 -41.04
CA ALA B 210 -13.24 -30.49 -41.74
C ALA B 210 -13.79 -31.79 -41.13
N LYS B 211 -14.07 -31.76 -39.84
CA LYS B 211 -14.73 -32.85 -39.11
C LYS B 211 -16.09 -33.20 -39.71
N TYR B 212 -16.86 -32.17 -40.04
CA TYR B 212 -18.23 -32.33 -40.47
C TYR B 212 -18.40 -32.47 -41.98
N LEU B 213 -17.29 -32.36 -42.71
CA LEU B 213 -17.31 -32.55 -44.16
C LEU B 213 -17.43 -34.04 -44.50
N LYS B 214 -16.83 -34.87 -43.66
CA LYS B 214 -16.82 -36.33 -43.85
C LYS B 214 -18.22 -36.95 -43.75
N ILE B 215 -19.05 -36.43 -42.86
CA ILE B 215 -20.37 -36.99 -42.58
C ILE B 215 -21.49 -36.51 -43.52
N LEU B 216 -21.29 -35.35 -44.13
CA LEU B 216 -22.28 -34.72 -45.01
C LEU B 216 -22.33 -35.37 -46.39
N PRO B 217 -23.54 -35.43 -47.00
CA PRO B 217 -23.67 -35.92 -48.38
C PRO B 217 -23.02 -34.99 -49.41
N ASP B 218 -22.46 -35.56 -50.48
CA ASP B 218 -21.75 -34.81 -51.50
C ASP B 218 -22.66 -33.90 -52.33
N GLN B 219 -23.88 -34.38 -52.56
CA GLN B 219 -24.88 -33.60 -53.29
C GLN B 219 -25.80 -32.89 -52.29
N PHE B 220 -26.09 -31.63 -52.55
CA PHE B 220 -26.91 -30.83 -51.64
C PHE B 220 -28.35 -31.31 -51.56
N SER B 221 -28.81 -31.49 -50.33
CA SER B 221 -30.16 -31.94 -50.03
C SER B 221 -30.48 -31.55 -48.59
N TYR B 222 -31.43 -30.62 -48.44
CA TYR B 222 -31.85 -30.15 -47.11
C TYR B 222 -32.32 -31.28 -46.18
N GLN B 223 -33.05 -32.23 -46.74
CA GLN B 223 -33.54 -33.38 -45.97
C GLN B 223 -32.42 -34.33 -45.55
N ALA B 224 -31.47 -34.57 -46.44
CA ALA B 224 -30.32 -35.45 -46.15
C ALA B 224 -29.40 -34.88 -45.09
N ILE B 225 -29.23 -33.54 -45.12
CA ILE B 225 -28.47 -32.83 -44.09
C ILE B 225 -29.23 -32.87 -42.77
N GLU B 226 -30.55 -32.63 -42.83
CA GLU B 226 -31.41 -32.69 -41.65
C GLU B 226 -31.35 -34.04 -40.95
N ASP B 227 -31.36 -35.13 -41.72
CA ASP B 227 -31.24 -36.50 -41.19
C ASP B 227 -29.91 -36.75 -40.46
N VAL B 228 -28.81 -36.25 -41.04
CA VAL B 228 -27.46 -36.38 -40.46
C VAL B 228 -27.33 -35.57 -39.16
N VAL B 229 -27.81 -34.33 -39.21
CA VAL B 229 -27.65 -33.37 -38.11
C VAL B 229 -28.57 -33.68 -36.92
N LYS B 230 -29.80 -34.12 -37.20
CA LYS B 230 -30.79 -34.49 -36.17
C LYS B 230 -30.33 -35.66 -35.30
N ALA B 231 -29.65 -36.62 -35.92
CA ALA B 231 -29.09 -37.78 -35.23
C ALA B 231 -27.93 -37.39 -34.31
N ASP B 232 -27.12 -36.44 -34.76
CA ASP B 232 -26.03 -35.86 -33.96
C ASP B 232 -26.61 -35.08 -32.79
N ALA B 233 -27.72 -34.37 -33.04
CA ALA B 233 -28.42 -33.60 -32.02
C ALA B 233 -29.04 -34.50 -30.95
N GLU B 234 -29.70 -35.57 -31.38
CA GLU B 234 -30.32 -36.57 -30.49
C GLU B 234 -29.32 -37.22 -29.53
N LYS B 235 -28.14 -37.55 -30.07
CA LYS B 235 -27.04 -38.13 -29.33
C LYS B 235 -26.47 -37.14 -28.29
N ASN B 236 -26.42 -35.86 -28.67
CA ASN B 236 -25.76 -34.83 -27.85
C ASN B 236 -26.69 -33.98 -26.97
N THR B 237 -27.99 -34.30 -26.98
CA THR B 237 -28.95 -33.67 -26.05
C THR B 237 -29.60 -34.71 -25.14
N SER B 238 -28.88 -35.80 -24.90
CA SER B 238 -29.45 -36.99 -24.25
C SER B 238 -29.69 -36.85 -22.75
N ASN B 239 -28.84 -36.06 -22.07
CA ASN B 239 -28.87 -35.99 -20.61
C ASN B 239 -29.89 -35.04 -19.97
N ASN B 240 -30.62 -34.30 -20.81
CA ASN B 240 -31.69 -33.40 -20.34
C ASN B 240 -32.94 -33.45 -21.20
N GLU B 241 -33.98 -32.73 -20.80
CA GLU B 241 -35.27 -32.75 -21.50
C GLU B 241 -35.66 -31.40 -22.12
N MET B 242 -34.82 -30.40 -21.95
CA MET B 242 -35.04 -29.09 -22.59
C MET B 242 -34.23 -28.89 -23.88
N GLY B 243 -33.69 -29.98 -24.42
CA GLY B 243 -33.04 -29.99 -25.73
C GLY B 243 -31.71 -29.27 -25.85
N MET B 244 -31.00 -29.12 -24.74
CA MET B 244 -29.70 -28.45 -24.72
C MET B 244 -28.56 -29.44 -24.87
N GLU B 245 -27.44 -28.95 -25.38
CA GLU B 245 -26.22 -29.75 -25.54
C GLU B 245 -25.68 -30.19 -24.18
N ASN B 246 -25.24 -31.46 -24.11
CA ASN B 246 -24.81 -32.12 -22.87
C ASN B 246 -23.76 -31.35 -22.05
N TYR B 247 -22.76 -30.81 -22.74
CA TYR B 247 -21.68 -30.04 -22.12
C TYR B 247 -22.15 -28.71 -21.53
N PHE B 248 -23.01 -28.02 -22.27
CA PHE B 248 -23.59 -26.75 -21.82
C PHE B 248 -24.46 -26.95 -20.59
N TYR B 249 -25.31 -27.98 -20.64
CA TYR B 249 -26.27 -28.26 -19.57
C TYR B 249 -25.57 -28.59 -18.25
N ASN B 250 -24.50 -29.39 -18.33
CA ASN B 250 -23.71 -29.76 -17.15
C ASN B 250 -22.99 -28.58 -16.51
N GLU B 251 -22.35 -27.76 -17.34
CA GLU B 251 -21.53 -26.65 -16.87
C GLU B 251 -22.33 -25.42 -16.41
N GLN B 252 -23.46 -25.16 -17.07
CA GLN B 252 -24.29 -23.98 -16.75
C GLN B 252 -25.54 -24.29 -15.90
N ILE B 253 -26.33 -25.27 -16.32
CA ILE B 253 -27.68 -25.47 -15.77
C ILE B 253 -27.75 -26.46 -14.59
N LYS B 254 -27.05 -27.59 -14.73
CA LYS B 254 -27.20 -28.72 -13.80
C LYS B 254 -26.76 -28.45 -12.36
N LYS B 255 -25.65 -27.74 -12.18
CA LYS B 255 -25.22 -27.35 -10.83
C LYS B 255 -26.08 -26.19 -10.29
N ASP B 256 -27.05 -26.55 -9.48
CA ASP B 256 -28.17 -25.69 -9.19
C ASP B 256 -29.04 -25.32 -10.37
N LEU B 257 -30.15 -26.01 -10.52
CA LEU B 257 -31.30 -25.49 -11.18
C LEU B 257 -32.26 -24.94 -10.19
N LYS B 258 -32.35 -25.57 -9.03
CA LYS B 258 -33.21 -25.05 -7.99
C LYS B 258 -33.23 -23.55 -8.09
N LYS B 259 -32.06 -22.95 -8.09
CA LYS B 259 -31.94 -21.51 -8.19
C LYS B 259 -32.54 -20.96 -9.46
N LEU B 260 -32.34 -21.66 -10.58
CA LEU B 260 -32.58 -21.09 -11.89
C LEU B 260 -34.05 -20.99 -12.15
N LYS B 261 -34.84 -21.70 -11.39
CA LYS B 261 -36.29 -21.68 -11.60
C LYS B 261 -36.88 -20.32 -11.20
N ASP B 262 -37.69 -19.77 -12.11
CA ASP B 262 -38.40 -18.49 -11.94
C ASP B 262 -37.49 -17.27 -11.68
N SER B 263 -36.23 -17.39 -12.09
CA SER B 263 -35.23 -16.34 -11.89
CA SER B 263 -35.23 -16.34 -11.88
C SER B 263 -35.42 -15.16 -12.82
N GLN B 264 -35.92 -15.45 -14.03
CA GLN B 264 -36.09 -14.43 -15.05
C GLN B 264 -37.54 -13.95 -15.16
N LYS B 265 -38.23 -13.92 -14.03
CA LYS B 265 -39.62 -13.45 -13.96
C LYS B 265 -39.75 -11.94 -14.16
N SER B 266 -38.83 -11.20 -13.53
CA SER B 266 -38.83 -9.73 -13.60
C SER B 266 -37.90 -9.19 -14.69
N PHE B 267 -37.31 -10.11 -15.47
CA PHE B 267 -36.41 -9.78 -16.58
C PHE B 267 -37.16 -9.06 -17.71
N THR B 268 -36.63 -7.93 -18.14
CA THR B 268 -37.20 -7.19 -19.27
C THR B 268 -36.13 -6.66 -20.22
N TYR B 269 -36.44 -6.70 -21.51
CA TYR B 269 -35.50 -6.25 -22.54
C TYR B 269 -36.04 -5.08 -23.36
N LEU B 270 -37.06 -4.41 -22.82
CA LEU B 270 -37.68 -3.27 -23.49
C LEU B 270 -36.93 -1.97 -23.25
N LYS B 271 -36.27 -1.87 -22.11
CA LYS B 271 -35.45 -0.70 -21.79
C LYS B 271 -33.97 -1.06 -21.85
N SER B 272 -33.21 -0.35 -22.68
CA SER B 272 -31.79 -0.62 -22.90
C SER B 272 -31.03 0.46 -23.66
N PRO B 273 -29.80 0.79 -23.21
CA PRO B 273 -28.86 1.58 -24.02
C PRO B 273 -28.41 0.87 -25.31
N GLU B 274 -28.67 -0.44 -25.42
CA GLU B 274 -28.32 -1.24 -26.60
C GLU B 274 -29.08 -0.81 -27.86
N TYR B 275 -30.29 -0.27 -27.68
CA TYR B 275 -31.06 0.31 -28.79
C TYR B 275 -30.33 1.49 -29.45
N ASN B 276 -29.69 2.32 -28.63
CA ASN B 276 -28.88 3.44 -29.14
C ASN B 276 -27.54 2.96 -29.73
N ASP B 277 -26.99 1.89 -29.15
CA ASP B 277 -25.78 1.23 -29.66
C ASP B 277 -26.00 0.60 -31.03
N LEU B 278 -27.19 0.03 -31.22
CA LEU B 278 -27.62 -0.52 -32.51
C LEU B 278 -27.70 0.57 -33.58
N GLN B 279 -28.14 1.76 -33.18
CA GLN B 279 -28.30 2.88 -34.09
C GLN B 279 -26.99 3.36 -34.73
N LEU B 280 -25.88 3.21 -33.98
CA LEU B 280 -24.53 3.46 -34.50
C LEU B 280 -24.21 2.60 -35.71
N VAL B 281 -24.49 1.31 -35.58
CA VAL B 281 -24.25 0.32 -36.62
C VAL B 281 -25.11 0.64 -37.83
N LEU B 282 -26.40 0.91 -37.58
CA LEU B 282 -27.36 1.26 -38.63
C LEU B 282 -26.96 2.51 -39.41
N THR B 283 -26.46 3.51 -38.69
CA THR B 283 -25.88 4.72 -39.29
C THR B 283 -24.66 4.38 -40.18
N GLN B 284 -23.80 3.49 -39.72
CA GLN B 284 -22.64 3.07 -40.51
C GLN B 284 -23.07 2.28 -41.75
N PHE B 285 -24.05 1.39 -41.59
CA PHE B 285 -24.64 0.64 -42.70
C PHE B 285 -25.19 1.55 -43.81
N SER B 286 -25.81 2.65 -43.41
CA SER B 286 -26.31 3.66 -44.34
C SER B 286 -25.17 4.39 -45.07
N LYS B 287 -24.20 4.88 -44.29
CA LYS B 287 -23.02 5.59 -44.80
C LYS B 287 -22.20 4.75 -45.78
N SER B 288 -21.98 3.49 -45.43
CA SER B 288 -21.18 2.57 -46.25
C SER B 288 -22.01 1.87 -47.33
N LYS B 289 -23.32 2.14 -47.34
CA LYS B 289 -24.28 1.54 -48.27
C LYS B 289 -24.26 0.01 -48.23
N VAL B 290 -24.21 -0.57 -47.03
CA VAL B 290 -24.23 -2.03 -46.95
C VAL B 290 -25.67 -2.53 -46.95
N ASN B 291 -25.86 -3.73 -47.50
CA ASN B 291 -27.16 -4.39 -47.51
C ASN B 291 -27.16 -5.56 -46.51
N PRO B 292 -27.61 -5.29 -45.26
CA PRO B 292 -27.60 -6.32 -44.23
C PRO B 292 -28.84 -7.21 -44.20
N ILE B 293 -28.64 -8.48 -43.86
CA ILE B 293 -29.76 -9.31 -43.42
C ILE B 293 -29.67 -9.48 -41.92
N PHE B 294 -30.77 -9.21 -41.22
CA PHE B 294 -30.80 -9.28 -39.77
C PHE B 294 -31.38 -10.60 -39.27
N ILE B 295 -30.70 -11.16 -38.26
CA ILE B 295 -31.09 -12.43 -37.69
C ILE B 295 -31.54 -12.22 -36.26
N ILE B 296 -32.82 -12.51 -35.99
CA ILE B 296 -33.34 -12.42 -34.63
C ILE B 296 -33.61 -13.82 -34.07
N PRO B 297 -32.76 -14.27 -33.13
CA PRO B 297 -32.89 -15.58 -32.49
C PRO B 297 -34.00 -15.60 -31.43
N PRO B 298 -34.55 -16.80 -31.13
CA PRO B 298 -35.40 -16.99 -29.96
C PRO B 298 -34.60 -17.43 -28.73
N VAL B 299 -35.30 -17.68 -27.64
CA VAL B 299 -34.76 -18.38 -26.48
C VAL B 299 -35.38 -19.78 -26.50
N ASN B 300 -34.69 -20.75 -25.88
CA ASN B 300 -35.24 -22.09 -25.67
C ASN B 300 -36.56 -21.97 -24.92
N LYS B 301 -37.64 -22.44 -25.54
CA LYS B 301 -39.01 -22.26 -25.02
C LYS B 301 -39.26 -23.05 -23.74
N LYS B 302 -38.64 -24.22 -23.64
CA LYS B 302 -38.73 -25.05 -22.46
C LYS B 302 -37.98 -24.40 -21.29
N TRP B 303 -36.85 -23.78 -21.60
CA TRP B 303 -36.05 -23.03 -20.64
C TRP B 303 -36.76 -21.75 -20.20
N MET B 304 -37.40 -21.06 -21.14
CA MET B 304 -38.05 -19.80 -20.83
C MET B 304 -39.39 -19.98 -20.07
N ASP B 305 -39.93 -21.20 -20.11
CA ASP B 305 -41.05 -21.58 -19.25
C ASP B 305 -40.57 -21.87 -17.82
N TYR B 306 -39.42 -22.54 -17.72
CA TYR B 306 -38.83 -22.92 -16.43
C TYR B 306 -38.22 -21.73 -15.68
N ALA B 307 -37.57 -20.84 -16.42
CA ALA B 307 -36.92 -19.66 -15.83
C ALA B 307 -37.88 -18.50 -15.67
N GLY B 308 -39.05 -18.60 -16.31
CA GLY B 308 -40.08 -17.58 -16.17
C GLY B 308 -39.88 -16.37 -17.08
N LEU B 309 -39.11 -16.56 -18.15
CA LEU B 309 -38.87 -15.50 -19.13
C LEU B 309 -40.13 -15.30 -19.95
N ARG B 310 -40.76 -14.14 -19.76
CA ARG B 310 -42.06 -13.82 -20.35
C ARG B 310 -41.98 -13.75 -21.87
N GLU B 311 -42.85 -14.52 -22.53
CA GLU B 311 -42.96 -14.52 -23.98
C GLU B 311 -43.66 -13.25 -24.47
N ASP B 312 -44.44 -12.63 -23.58
CA ASP B 312 -45.14 -11.38 -23.86
C ASP B 312 -44.13 -10.25 -24.05
N MET B 313 -43.18 -10.17 -23.12
CA MET B 313 -42.10 -9.19 -23.13
C MET B 313 -41.19 -9.40 -24.33
N TYR B 314 -40.81 -10.66 -24.56
CA TYR B 314 -39.87 -11.02 -25.63
C TYR B 314 -40.36 -10.62 -27.02
N GLN B 315 -41.64 -10.82 -27.30
CA GLN B 315 -42.22 -10.41 -28.58
C GLN B 315 -42.35 -8.89 -28.69
N GLN B 316 -42.59 -8.25 -27.54
CA GLN B 316 -42.68 -6.80 -27.45
C GLN B 316 -41.31 -6.14 -27.68
N THR B 317 -40.25 -6.87 -27.29
CA THR B 317 -38.86 -6.48 -27.55
C THR B 317 -38.53 -6.58 -29.05
N VAL B 318 -38.90 -7.70 -29.65
CA VAL B 318 -38.71 -7.94 -31.09
C VAL B 318 -39.48 -6.92 -31.94
N GLN B 319 -40.68 -6.56 -31.50
CA GLN B 319 -41.47 -5.50 -32.12
C GLN B 319 -40.72 -4.16 -32.10
N LYS B 320 -40.08 -3.87 -30.97
CA LYS B 320 -39.32 -2.62 -30.80
C LYS B 320 -38.07 -2.59 -31.70
N ILE B 321 -37.34 -3.71 -31.74
CA ILE B 321 -36.17 -3.87 -32.61
C ILE B 321 -36.56 -3.74 -34.09
N ARG B 322 -37.57 -4.51 -34.50
CA ARG B 322 -38.08 -4.49 -35.89
C ARG B 322 -38.59 -3.13 -36.33
N TYR B 323 -39.19 -2.37 -35.41
CA TYR B 323 -39.60 -1.00 -35.72
C TYR B 323 -38.40 -0.14 -36.09
N GLN B 324 -37.35 -0.21 -35.26
CA GLN B 324 -36.11 0.54 -35.49
C GLN B 324 -35.46 0.22 -36.83
N LEU B 325 -35.45 -1.06 -37.20
CA LEU B 325 -34.94 -1.48 -38.49
C LEU B 325 -35.83 -1.03 -39.65
N GLU B 326 -37.10 -1.43 -39.62
CA GLU B 326 -38.04 -1.22 -40.73
C GLU B 326 -38.41 0.23 -41.01
N SER B 327 -38.61 1.03 -39.96
CA SER B 327 -38.95 2.44 -40.12
C SER B 327 -37.82 3.28 -40.73
N GLN B 328 -36.62 2.70 -40.78
CA GLN B 328 -35.47 3.36 -41.37
C GLN B 328 -35.09 2.76 -42.72
N GLY B 329 -35.80 1.70 -43.13
CA GLY B 329 -35.59 1.08 -44.44
C GLY B 329 -34.95 -0.30 -44.43
N PHE B 330 -34.59 -0.79 -43.26
CA PHE B 330 -33.98 -2.11 -43.12
C PHE B 330 -35.07 -3.19 -43.05
N THR B 331 -35.26 -3.90 -44.16
CA THR B 331 -36.39 -4.82 -44.33
C THR B 331 -36.01 -6.30 -44.41
N ASN B 332 -34.73 -6.58 -44.67
CA ASN B 332 -34.22 -7.96 -44.72
C ASN B 332 -34.03 -8.52 -43.31
N ILE B 333 -35.11 -9.07 -42.77
CA ILE B 333 -35.11 -9.59 -41.42
C ILE B 333 -35.57 -11.05 -41.39
N ALA B 334 -34.65 -11.94 -41.00
CA ALA B 334 -34.96 -13.32 -40.70
C ALA B 334 -35.34 -13.43 -39.23
N ASP B 335 -36.64 -13.37 -38.96
CA ASP B 335 -37.16 -13.38 -37.60
C ASP B 335 -37.48 -14.81 -37.17
N PHE B 336 -36.70 -15.30 -36.20
CA PHE B 336 -36.87 -16.65 -35.69
C PHE B 336 -37.31 -16.66 -34.24
N SER B 337 -37.72 -15.50 -33.71
CA SER B 337 -38.05 -15.34 -32.29
C SER B 337 -39.20 -16.21 -31.76
N LYS B 338 -40.10 -16.61 -32.66
CA LYS B 338 -41.22 -17.50 -32.34
C LYS B 338 -40.92 -18.99 -32.57
N ASP B 339 -39.66 -19.33 -32.81
CA ASP B 339 -39.28 -20.71 -33.19
C ASP B 339 -38.50 -21.48 -32.11
N GLY B 340 -38.60 -21.01 -30.86
CA GLY B 340 -37.85 -21.60 -29.74
C GLY B 340 -38.31 -22.97 -29.27
N GLY B 341 -39.56 -23.31 -29.59
CA GLY B 341 -40.10 -24.62 -29.24
C GLY B 341 -39.94 -25.69 -30.32
N GLU B 342 -39.27 -25.33 -31.41
CA GLU B 342 -39.05 -26.26 -32.51
C GLU B 342 -37.94 -27.26 -32.18
N PRO B 343 -38.13 -28.56 -32.56
CA PRO B 343 -37.16 -29.62 -32.24
C PRO B 343 -35.76 -29.38 -32.83
N PHE B 344 -34.76 -29.39 -31.95
CA PHE B 344 -33.33 -29.21 -32.27
C PHE B 344 -32.99 -27.92 -33.02
N PHE B 345 -33.75 -26.87 -32.71
CA PHE B 345 -33.57 -25.56 -33.29
C PHE B 345 -32.47 -24.80 -32.55
N MET B 346 -32.26 -25.21 -31.29
CA MET B 346 -31.38 -24.51 -30.37
C MET B 346 -30.23 -25.41 -29.96
N LYS B 347 -29.06 -24.81 -29.79
CA LYS B 347 -27.87 -25.50 -29.29
C LYS B 347 -27.83 -25.43 -27.76
N ASP B 348 -28.34 -24.33 -27.22
CA ASP B 348 -28.38 -24.10 -25.78
C ASP B 348 -29.60 -23.26 -25.37
N THR B 349 -29.40 -22.27 -24.50
CA THR B 349 -30.50 -21.42 -24.07
C THR B 349 -30.83 -20.32 -25.07
N ILE B 350 -29.81 -19.79 -25.74
CA ILE B 350 -29.94 -18.57 -26.55
C ILE B 350 -29.40 -18.66 -27.99
N HIS B 351 -28.69 -19.75 -28.29
CA HIS B 351 -28.02 -19.86 -29.60
C HIS B 351 -28.67 -20.88 -30.53
N LEU B 352 -28.81 -20.47 -31.79
CA LEU B 352 -29.20 -21.37 -32.88
C LEU B 352 -28.18 -22.47 -33.05
N GLY B 353 -28.66 -23.66 -33.39
CA GLY B 353 -27.81 -24.80 -33.62
C GLY B 353 -28.58 -25.87 -34.35
N TRP B 354 -27.83 -26.82 -34.91
CA TRP B 354 -28.39 -27.99 -35.58
C TRP B 354 -29.44 -27.66 -36.65
N LEU B 355 -30.70 -27.94 -36.38
CA LEU B 355 -31.78 -27.70 -37.33
C LEU B 355 -32.17 -26.22 -37.41
N GLY B 356 -31.74 -25.44 -36.41
CA GLY B 356 -31.89 -23.99 -36.45
C GLY B 356 -30.98 -23.34 -37.46
N TRP B 357 -29.83 -23.98 -37.73
CA TRP B 357 -28.90 -23.52 -38.75
C TRP B 357 -29.43 -23.71 -40.17
N LEU B 358 -30.29 -24.70 -40.36
CA LEU B 358 -30.93 -24.94 -41.66
C LEU B 358 -32.02 -23.92 -41.96
N ALA B 359 -32.73 -23.49 -40.92
CA ALA B 359 -33.73 -22.41 -41.06
C ALA B 359 -33.04 -21.08 -41.30
N PHE B 360 -31.92 -20.88 -40.61
CA PHE B 360 -31.00 -19.77 -40.84
C PHE B 360 -30.59 -19.74 -42.29
N ASP B 361 -30.14 -20.88 -42.81
CA ASP B 361 -29.67 -21.02 -44.19
C ASP B 361 -30.74 -20.72 -45.23
N LYS B 362 -31.98 -21.13 -44.96
CA LYS B 362 -33.12 -20.92 -45.87
C LYS B 362 -33.47 -19.45 -46.08
N ALA B 363 -32.99 -18.57 -45.21
CA ALA B 363 -33.18 -17.12 -45.36
C ALA B 363 -31.91 -16.44 -45.87
N VAL B 364 -30.76 -16.94 -45.42
CA VAL B 364 -29.47 -16.33 -45.70
C VAL B 364 -28.88 -16.71 -47.07
N ASP B 365 -28.89 -18.01 -47.38
CA ASP B 365 -28.38 -18.51 -48.66
C ASP B 365 -29.03 -17.91 -49.93
N PRO B 366 -30.39 -17.79 -49.98
CA PRO B 366 -30.94 -17.09 -51.15
C PRO B 366 -30.56 -15.62 -51.22
N PHE B 367 -30.44 -14.99 -50.05
CA PHE B 367 -30.05 -13.58 -49.94
C PHE B 367 -28.61 -13.33 -50.41
N LEU B 368 -27.67 -14.15 -49.94
CA LEU B 368 -26.25 -13.93 -50.24
C LEU B 368 -25.85 -14.37 -51.64
N SER B 369 -26.48 -15.43 -52.15
CA SER B 369 -26.19 -15.95 -53.51
C SER B 369 -26.53 -14.97 -54.64
N ASN B 370 -27.49 -14.09 -54.40
CA ASN B 370 -27.85 -13.05 -55.35
C ASN B 370 -27.72 -11.65 -54.73
N PRO B 371 -26.50 -11.07 -54.74
CA PRO B 371 -26.24 -9.73 -54.19
C PRO B 371 -27.10 -8.62 -54.80
N THR B 372 -28.05 -8.13 -54.02
CA THR B 372 -28.88 -7.00 -54.39
C THR B 372 -28.35 -5.73 -53.68
N PRO B 373 -28.39 -4.55 -54.37
CA PRO B 373 -27.92 -3.31 -53.76
C PRO B 373 -28.78 -2.83 -52.60
N ALA B 374 -28.17 -2.07 -51.69
CA ALA B 374 -28.87 -1.49 -50.55
C ALA B 374 -29.79 -0.36 -50.99
N PRO B 375 -31.00 -0.29 -50.39
CA PRO B 375 -31.91 0.83 -50.66
C PRO B 375 -31.44 2.10 -49.97
N THR B 376 -32.04 3.23 -50.35
CA THR B 376 -31.80 4.50 -49.67
C THR B 376 -32.52 4.48 -48.33
N TYR B 377 -31.74 4.57 -47.26
CA TYR B 377 -32.27 4.51 -45.91
C TYR B 377 -32.75 5.87 -45.44
N HIS B 378 -33.61 5.87 -44.43
CA HIS B 378 -34.14 7.11 -43.87
C HIS B 378 -33.88 7.16 -42.38
N LEU B 379 -32.69 7.65 -42.04
CA LEU B 379 -32.19 7.60 -40.67
C LEU B 379 -32.94 8.54 -39.75
N ASN B 380 -33.24 8.05 -38.57
CA ASN B 380 -33.86 8.85 -37.54
C ASN B 380 -32.93 8.94 -36.34
N GLU B 381 -32.48 10.16 -36.05
CA GLU B 381 -31.53 10.41 -34.97
C GLU B 381 -32.16 10.36 -33.58
N ARG B 382 -33.49 10.23 -33.54
CA ARG B 382 -34.25 10.05 -32.30
C ARG B 382 -33.95 8.69 -31.65
N PHE B 383 -33.48 7.74 -32.45
CA PHE B 383 -33.09 6.41 -31.94
C PHE B 383 -31.79 6.42 -31.13
N PHE B 384 -31.05 7.53 -31.19
CA PHE B 384 -29.87 7.75 -30.32
C PHE B 384 -30.26 8.28 -28.94
N SER B 385 -31.48 8.78 -28.80
CA SER B 385 -31.93 9.44 -27.57
C SER B 385 -32.30 8.47 -26.45
N LYS B 386 -32.34 8.99 -25.23
CA LYS B 386 -32.74 8.21 -24.05
C LYS B 386 -34.24 7.92 -23.99
N ASP B 387 -35.04 8.72 -24.69
CA ASP B 387 -36.48 8.50 -24.81
C ASP B 387 -36.78 7.20 -25.55
N TRP B 388 -35.99 6.90 -26.58
CA TRP B 388 -36.15 5.65 -27.31
C TRP B 388 -35.60 4.45 -26.55
N ALA B 389 -34.48 4.65 -25.86
CA ALA B 389 -33.83 3.59 -25.08
C ALA B 389 -34.71 3.04 -23.96
N THR B 390 -35.61 3.88 -23.45
CA THR B 390 -36.49 3.52 -22.33
C THR B 390 -37.96 3.38 -22.73
N TYR B 391 -38.24 3.46 -24.04
CA TYR B 391 -39.61 3.41 -24.56
C TYR B 391 -40.33 2.10 -24.26
N ASP B 392 -41.49 2.23 -23.62
CA ASP B 392 -42.27 1.10 -23.12
C ASP B 392 -43.53 0.80 -23.93
N GLY B 393 -44.11 1.85 -24.52
CA GLY B 393 -45.41 1.76 -25.18
C GLY B 393 -45.38 1.10 -26.54
N ASP B 394 -46.50 1.20 -27.25
CA ASP B 394 -46.62 0.65 -28.60
C ASP B 394 -45.85 1.52 -29.59
N VAL B 395 -45.11 0.85 -30.48
CA VAL B 395 -44.11 1.49 -31.33
C VAL B 395 -44.65 2.43 -32.42
N LYS B 396 -45.92 2.27 -32.77
CA LYS B 396 -46.58 3.08 -33.81
C LYS B 396 -46.69 4.57 -33.48
N GLU B 397 -46.92 4.89 -32.21
CA GLU B 397 -47.14 6.28 -31.79
C GLU B 397 -45.89 6.98 -31.25
N PHE B 398 -44.71 6.56 -31.71
CA PHE B 398 -43.45 7.17 -31.29
C PHE B 398 -43.24 8.54 -31.96
N GLN B 399 -43.68 8.65 -33.21
CA GLN B 399 -43.66 9.92 -33.94
C GLN B 399 -44.93 10.10 -34.78
N MET C 7 63.67 -21.94 0.83
CA MET C 7 62.23 -22.23 0.62
C MET C 7 61.91 -22.72 -0.79
N HIS C 8 61.92 -24.04 -0.96
CA HIS C 8 61.39 -24.67 -2.17
C HIS C 8 60.35 -25.71 -1.79
N HIS C 9 59.40 -25.94 -2.69
CA HIS C 9 58.16 -26.63 -2.38
C HIS C 9 58.11 -28.07 -2.89
N ASN C 10 57.63 -28.97 -2.03
CA ASN C 10 57.34 -30.34 -2.43
C ASN C 10 55.83 -30.54 -2.46
N LEU C 11 55.30 -30.85 -3.65
CA LEU C 11 53.86 -31.01 -3.87
C LEU C 11 53.26 -32.17 -3.08
N GLY C 12 54.02 -33.26 -2.97
CA GLY C 12 53.61 -34.45 -2.23
C GLY C 12 53.36 -34.21 -0.75
N ALA C 13 54.28 -33.50 -0.10
CA ALA C 13 54.19 -33.20 1.34
C ALA C 13 53.05 -32.26 1.67
N GLU C 14 52.76 -31.34 0.75
CA GLU C 14 51.71 -30.35 0.92
C GLU C 14 50.30 -30.92 0.80
N LYS C 15 50.15 -31.90 -0.09
CA LYS C 15 48.87 -32.59 -0.26
C LYS C 15 48.50 -33.40 0.97
N ARG C 16 49.50 -34.00 1.60
CA ARG C 16 49.31 -34.79 2.82
C ARG C 16 48.98 -33.92 4.03
N SER C 17 49.60 -32.74 4.09
CA SER C 17 49.34 -31.76 5.15
C SER C 17 47.96 -31.15 5.04
N ALA C 18 47.52 -30.94 3.79
CA ALA C 18 46.23 -30.32 3.48
C ALA C 18 45.04 -31.09 3.99
N VAL C 19 45.16 -32.41 4.03
CA VAL C 19 44.06 -33.30 4.41
C VAL C 19 44.33 -34.10 5.70
N ALA C 20 45.45 -33.80 6.37
CA ALA C 20 45.85 -34.52 7.58
C ALA C 20 44.89 -34.31 8.75
N THR C 21 44.37 -33.08 8.85
CA THR C 21 43.51 -32.65 9.97
C THR C 21 44.00 -33.13 11.34
N THR C 22 45.28 -32.86 11.61
CA THR C 22 45.86 -33.14 12.92
C THR C 22 46.01 -31.83 13.65
N ILE C 23 46.48 -31.89 14.90
CA ILE C 23 46.75 -30.70 15.69
C ILE C 23 47.92 -29.95 15.05
N ASP C 24 48.92 -30.70 14.59
CA ASP C 24 50.11 -30.17 13.93
C ASP C 24 49.82 -29.38 12.65
N SER C 25 48.99 -29.93 11.77
CA SER C 25 48.64 -29.26 10.51
C SER C 25 47.94 -27.92 10.75
N PHE C 26 47.28 -27.79 11.89
CA PHE C 26 46.62 -26.56 12.28
C PHE C 26 47.53 -25.57 13.03
N LYS C 27 48.15 -26.00 14.13
CA LYS C 27 48.89 -25.08 15.01
CA LYS C 27 48.89 -25.08 15.01
C LYS C 27 50.30 -24.71 14.51
N GLU C 28 50.93 -25.63 13.78
CA GLU C 28 52.30 -25.39 13.30
C GLU C 28 52.33 -24.46 12.09
N ARG C 29 53.36 -23.63 12.09
CA ARG C 29 53.60 -22.65 11.04
CA ARG C 29 53.59 -22.64 11.03
C ARG C 29 54.02 -23.32 9.73
N SER C 30 55.00 -24.21 9.82
CA SER C 30 55.66 -24.82 8.67
C SER C 30 54.77 -25.41 7.58
N GLN C 31 53.94 -26.38 7.94
CA GLN C 31 53.12 -27.12 6.98
C GLN C 31 52.10 -26.25 6.24
N LYS C 32 51.42 -25.37 6.97
CA LYS C 32 50.42 -24.49 6.36
C LYS C 32 51.03 -23.36 5.52
N VAL C 33 52.19 -22.84 5.91
CA VAL C 33 52.84 -21.78 5.14
C VAL C 33 53.50 -22.33 3.86
N ARG C 34 53.99 -23.57 3.93
CA ARG C 34 54.63 -24.25 2.79
CA ARG C 34 54.63 -24.22 2.78
C ARG C 34 53.64 -24.45 1.64
N ALA C 35 52.44 -24.91 1.97
CA ALA C 35 51.39 -25.17 0.98
C ALA C 35 50.76 -23.89 0.44
N LEU C 36 50.44 -22.96 1.34
CA LEU C 36 49.76 -21.71 0.96
C LEU C 36 50.65 -20.68 0.24
N SER C 37 51.95 -20.98 0.12
CA SER C 37 52.89 -20.11 -0.59
C SER C 37 53.46 -20.71 -1.88
N ASP C 38 53.02 -21.93 -2.23
CA ASP C 38 53.43 -22.61 -3.46
C ASP C 38 52.86 -21.86 -4.68
N PRO C 39 53.76 -21.39 -5.57
CA PRO C 39 53.31 -20.74 -6.81
C PRO C 39 52.78 -21.71 -7.86
N ASN C 40 53.17 -22.98 -7.78
CA ASN C 40 52.82 -23.99 -8.78
C ASN C 40 51.41 -24.57 -8.61
N VAL C 41 50.96 -24.68 -7.36
CA VAL C 41 49.61 -25.16 -7.06
C VAL C 41 48.91 -24.26 -6.05
N ARG C 42 47.61 -24.06 -6.25
CA ARG C 42 46.83 -23.20 -5.39
C ARG C 42 46.19 -23.96 -4.24
N PHE C 43 46.59 -23.63 -3.03
CA PHE C 43 45.96 -24.16 -1.83
C PHE C 43 45.09 -23.08 -1.21
N VAL C 44 43.89 -23.46 -0.78
CA VAL C 44 42.90 -22.53 -0.25
C VAL C 44 42.62 -22.88 1.21
N PRO C 45 42.76 -21.90 2.12
CA PRO C 45 42.46 -22.11 3.52
C PRO C 45 40.99 -22.44 3.74
N PHE C 46 40.73 -23.63 4.28
CA PHE C 46 39.39 -24.05 4.67
C PHE C 46 39.29 -24.07 6.18
N PHE C 47 38.86 -22.95 6.76
CA PHE C 47 38.69 -22.83 8.21
C PHE C 47 37.39 -23.44 8.70
N GLY C 48 37.48 -24.22 9.78
CA GLY C 48 36.30 -24.75 10.48
C GLY C 48 36.69 -25.43 11.78
N SER C 49 35.78 -26.26 12.31
CA SER C 49 36.08 -27.05 13.50
CA SER C 49 36.06 -27.05 13.51
C SER C 49 36.28 -28.52 13.10
N SER C 50 35.34 -29.39 13.49
CA SER C 50 35.40 -30.81 13.17
C SER C 50 34.75 -31.12 11.82
N GLU C 51 34.41 -30.07 11.07
CA GLU C 51 33.69 -30.19 9.80
CA GLU C 51 33.70 -30.18 9.80
C GLU C 51 34.45 -30.99 8.74
N TRP C 52 35.78 -30.82 8.70
CA TRP C 52 36.60 -31.48 7.68
C TRP C 52 37.12 -32.86 8.10
N LEU C 53 36.79 -33.27 9.32
CA LEU C 53 37.33 -34.50 9.90
C LEU C 53 36.81 -35.80 9.29
N ARG C 54 35.50 -35.86 9.04
CA ARG C 54 34.90 -37.04 8.43
CA ARG C 54 34.89 -37.04 8.43
C ARG C 54 34.76 -36.90 6.92
N PHE C 55 35.37 -37.84 6.20
CA PHE C 55 35.45 -37.80 4.75
C PHE C 55 34.45 -38.76 4.11
N ASP C 56 33.92 -38.35 2.96
CA ASP C 56 33.14 -39.23 2.08
C ASP C 56 33.46 -38.93 0.62
N GLY C 57 32.65 -39.46 -0.29
CA GLY C 57 32.87 -39.29 -1.73
C GLY C 57 32.62 -37.89 -2.25
N ALA C 58 31.84 -37.11 -1.50
CA ALA C 58 31.49 -35.75 -1.90
C ALA C 58 32.26 -34.66 -1.13
N HIS C 59 33.12 -35.09 -0.21
CA HIS C 59 34.00 -34.21 0.57
C HIS C 59 34.83 -33.31 -0.35
N PRO C 60 34.95 -31.99 -0.03
CA PRO C 60 35.66 -31.01 -0.87
C PRO C 60 37.11 -31.36 -1.23
N ALA C 61 37.79 -32.10 -0.34
CA ALA C 61 39.15 -32.57 -0.60
C ALA C 61 39.18 -33.68 -1.65
N VAL C 62 38.14 -34.51 -1.67
CA VAL C 62 38.03 -35.62 -2.62
C VAL C 62 37.67 -35.13 -4.03
N LEU C 63 36.69 -34.23 -4.10
CA LEU C 63 36.23 -33.66 -5.37
C LEU C 63 37.30 -32.84 -6.09
N ALA C 64 38.15 -32.15 -5.32
CA ALA C 64 39.23 -31.36 -5.91
C ALA C 64 40.34 -32.20 -6.52
N GLU C 65 40.55 -33.40 -5.97
CA GLU C 65 41.64 -34.28 -6.39
C GLU C 65 41.32 -35.10 -7.64
N LYS C 66 40.18 -35.79 -7.63
CA LYS C 66 39.72 -36.58 -8.77
C LYS C 66 39.54 -35.71 -10.01
N TYR C 67 38.85 -34.58 -9.84
CA TYR C 67 38.48 -33.74 -10.96
C TYR C 67 39.51 -32.67 -11.32
N ASN C 68 40.69 -32.75 -10.67
CA ASN C 68 41.86 -31.91 -10.96
C ASN C 68 41.53 -30.42 -11.05
N ARG C 69 40.93 -29.89 -9.99
CA ARG C 69 40.44 -28.52 -9.96
C ARG C 69 41.57 -27.49 -9.92
N SER C 70 41.23 -26.22 -10.13
CA SER C 70 42.21 -25.14 -10.11
C SER C 70 42.67 -24.76 -8.69
N TYR C 71 42.22 -25.53 -7.71
CA TYR C 71 42.58 -25.33 -6.31
C TYR C 71 42.53 -26.64 -5.52
N ARG C 72 43.22 -26.65 -4.38
CA ARG C 72 43.08 -27.70 -3.38
C ARG C 72 42.73 -27.05 -2.04
N PRO C 73 41.81 -27.65 -1.27
CA PRO C 73 41.56 -27.17 0.09
C PRO C 73 42.72 -27.49 1.04
N TYR C 74 43.11 -26.53 1.86
CA TYR C 74 43.95 -26.80 3.03
C TYR C 74 43.04 -26.75 4.25
N LEU C 75 42.75 -27.91 4.81
CA LEU C 75 41.77 -28.02 5.88
C LEU C 75 42.35 -27.58 7.22
N LEU C 76 41.86 -26.45 7.71
CA LEU C 76 42.36 -25.84 8.93
C LEU C 76 41.31 -25.88 10.04
N GLY C 77 41.36 -26.94 10.85
CA GLY C 77 40.49 -27.05 12.00
C GLY C 77 40.51 -28.39 12.70
N GLN C 78 40.16 -28.35 13.99
CA GLN C 78 39.99 -29.54 14.80
C GLN C 78 38.82 -29.33 15.76
N GLY C 79 38.46 -30.36 16.52
CA GLY C 79 37.35 -30.31 17.48
C GLY C 79 37.50 -29.22 18.53
N GLY C 80 36.49 -28.37 18.64
CA GLY C 80 36.47 -27.32 19.65
C GLY C 80 37.14 -26.01 19.24
N ALA C 81 37.74 -25.99 18.06
CA ALA C 81 38.36 -24.76 17.54
C ALA C 81 37.28 -23.84 16.98
N ALA C 82 37.26 -22.61 17.49
CA ALA C 82 36.33 -21.58 17.04
C ALA C 82 37.12 -20.34 16.64
N SER C 83 36.49 -19.17 16.69
CA SER C 83 37.06 -17.94 16.11
C SER C 83 38.32 -17.41 16.79
N LEU C 84 38.42 -17.57 18.11
CA LEU C 84 39.62 -17.14 18.84
C LEU C 84 40.84 -17.96 18.41
N ASN C 85 40.68 -19.28 18.36
CA ASN C 85 41.72 -20.16 17.82
C ASN C 85 42.13 -19.80 16.40
N GLN C 86 41.14 -19.59 15.52
CA GLN C 86 41.38 -19.28 14.12
C GLN C 86 42.14 -17.97 13.97
N TYR C 87 41.70 -16.95 14.71
CA TYR C 87 42.38 -15.65 14.73
C TYR C 87 43.86 -15.77 15.03
N PHE C 88 44.20 -16.53 16.07
CA PHE C 88 45.60 -16.70 16.47
C PHE C 88 46.40 -17.51 15.46
N GLY C 89 45.76 -18.52 14.88
CA GLY C 89 46.37 -19.31 13.80
C GLY C 89 46.69 -18.48 12.57
N MET C 90 45.85 -17.48 12.27
CA MET C 90 46.02 -16.58 11.12
C MET C 90 47.28 -15.73 11.25
N GLN C 91 47.62 -15.33 12.49
CA GLN C 91 48.79 -14.50 12.79
C GLN C 91 50.12 -15.10 12.31
N GLN C 92 50.14 -16.41 12.11
CA GLN C 92 51.30 -17.13 11.58
C GLN C 92 51.39 -17.10 10.05
N MET C 93 50.32 -16.69 9.38
CA MET C 93 50.23 -16.81 7.92
C MET C 93 49.61 -15.58 7.24
N LEU C 94 49.83 -14.41 7.83
CA LEU C 94 49.33 -13.13 7.29
C LEU C 94 49.69 -12.80 5.82
N PRO C 95 50.97 -13.00 5.39
CA PRO C 95 51.23 -12.74 3.97
C PRO C 95 50.62 -13.78 3.02
N GLN C 96 50.33 -14.97 3.56
CA GLN C 96 49.72 -16.06 2.79
C GLN C 96 48.20 -15.91 2.67
N LEU C 97 47.63 -14.98 3.43
CA LEU C 97 46.21 -14.69 3.39
C LEU C 97 45.89 -13.42 2.63
N GLU C 98 46.88 -12.54 2.50
CA GLU C 98 46.76 -11.24 1.82
C GLU C 98 46.22 -11.36 0.39
N ASN C 99 45.11 -10.66 0.13
CA ASN C 99 44.38 -10.62 -1.15
C ASN C 99 43.94 -12.00 -1.67
N LYS C 100 43.42 -12.83 -0.77
CA LYS C 100 43.10 -14.21 -1.13
C LYS C 100 41.68 -14.65 -0.77
N GLN C 101 41.24 -15.76 -1.36
CA GLN C 101 39.95 -16.32 -1.03
C GLN C 101 40.08 -17.39 0.04
N VAL C 102 39.16 -17.39 1.00
CA VAL C 102 39.08 -18.44 2.03
C VAL C 102 37.65 -19.00 2.19
N VAL C 103 37.54 -20.15 2.85
CA VAL C 103 36.25 -20.71 3.29
C VAL C 103 36.24 -20.67 4.82
N TYR C 104 35.20 -20.07 5.40
CA TYR C 104 35.07 -19.98 6.84
C TYR C 104 33.71 -20.49 7.31
N VAL C 105 33.72 -21.66 7.95
CA VAL C 105 32.51 -22.21 8.55
C VAL C 105 32.15 -21.42 9.82
N ILE C 106 30.87 -21.05 9.95
CA ILE C 106 30.37 -20.43 11.18
C ILE C 106 29.20 -21.26 11.70
N SER C 107 29.47 -22.13 12.66
CA SER C 107 28.43 -22.97 13.23
C SER C 107 27.73 -22.22 14.38
N PRO C 108 26.40 -22.09 14.30
CA PRO C 108 25.61 -21.43 15.35
C PRO C 108 25.69 -22.09 16.74
N GLN C 109 26.07 -23.36 16.79
CA GLN C 109 26.22 -24.04 18.07
C GLN C 109 27.52 -23.67 18.82
N TRP C 110 28.46 -23.01 18.14
CA TRP C 110 29.63 -22.41 18.81
C TRP C 110 29.22 -21.18 19.59
N PHE C 111 27.99 -20.71 19.38
CA PHE C 111 27.53 -19.49 20.00
C PHE C 111 26.79 -19.78 21.32
N SER C 112 27.40 -20.66 22.12
CA SER C 112 26.91 -21.02 23.44
CA SER C 112 26.89 -21.00 23.44
C SER C 112 27.15 -19.87 24.43
N LYS C 113 26.45 -19.90 25.57
CA LYS C 113 26.55 -18.83 26.57
C LYS C 113 27.96 -18.68 27.15
N ASN C 114 28.67 -19.81 27.30
CA ASN C 114 30.03 -19.82 27.82
C ASN C 114 31.07 -19.73 26.71
N GLY C 115 30.65 -19.97 25.47
CA GLY C 115 31.53 -19.87 24.32
C GLY C 115 32.39 -21.10 24.14
N TYR C 116 33.64 -20.89 23.70
CA TYR C 116 34.53 -22.00 23.37
C TYR C 116 35.02 -22.74 24.61
N ASP C 117 35.42 -24.00 24.40
CA ASP C 117 35.94 -24.87 25.43
C ASP C 117 37.43 -24.60 25.64
N PRO C 118 37.80 -24.10 26.85
CA PRO C 118 39.19 -23.76 27.19
C PRO C 118 40.16 -24.94 27.10
N ALA C 119 39.69 -26.15 27.39
CA ALA C 119 40.49 -27.37 27.25
C ALA C 119 40.83 -27.67 25.80
N ALA C 120 39.93 -27.32 24.89
CA ALA C 120 40.15 -27.47 23.45
C ALA C 120 41.14 -26.43 22.91
N PHE C 121 40.95 -25.17 23.29
CA PHE C 121 41.82 -24.05 22.88
C PHE C 121 43.31 -24.29 23.13
N GLN C 122 43.63 -24.82 24.31
CA GLN C 122 45.00 -25.06 24.78
C GLN C 122 45.84 -25.91 23.83
N GLN C 123 45.18 -26.82 23.13
CA GLN C 123 45.84 -27.74 22.22
C GLN C 123 46.30 -27.09 20.94
N TYR C 124 45.63 -26.02 20.52
CA TYR C 124 45.88 -25.43 19.19
C TYR C 124 46.61 -24.08 19.25
N PHE C 125 46.82 -23.58 20.46
CA PHE C 125 47.58 -22.35 20.67
C PHE C 125 48.99 -22.68 21.13
N ASN C 126 49.98 -22.33 20.32
CA ASN C 126 51.39 -22.50 20.70
C ASN C 126 52.07 -21.15 20.97
N GLY C 127 53.35 -21.19 21.33
CA GLY C 127 54.14 -19.98 21.58
C GLY C 127 54.48 -19.17 20.34
N ASP C 128 54.47 -19.83 19.18
CA ASP C 128 54.68 -19.14 17.91
C ASP C 128 53.50 -18.24 17.59
N GLN C 129 52.30 -18.65 17.98
CA GLN C 129 51.09 -17.84 17.82
C GLN C 129 51.06 -16.65 18.78
N LEU C 130 51.57 -16.85 20.00
CA LEU C 130 51.69 -15.78 20.99
C LEU C 130 52.56 -14.65 20.46
N THR C 131 53.77 -15.00 20.01
CA THR C 131 54.75 -14.01 19.55
C THR C 131 54.35 -13.34 18.23
N SER C 132 53.68 -14.10 17.36
CA SER C 132 53.11 -13.57 16.11
C SER C 132 52.00 -12.57 16.38
N PHE C 133 51.18 -12.85 17.40
CA PHE C 133 50.14 -11.93 17.84
C PHE C 133 50.75 -10.61 18.34
N LEU C 134 51.77 -10.70 19.19
CA LEU C 134 52.41 -9.51 19.77
C LEU C 134 53.21 -8.71 18.74
N LYS C 135 53.72 -9.39 17.71
CA LYS C 135 54.44 -8.71 16.63
C LYS C 135 53.50 -7.96 15.69
N HIS C 136 52.39 -8.59 15.33
CA HIS C 136 51.50 -8.04 14.31
C HIS C 136 50.33 -7.22 14.83
N GLN C 137 50.21 -7.10 16.15
CA GLN C 137 49.17 -6.27 16.75
C GLN C 137 49.40 -4.80 16.41
N SER C 138 48.31 -4.07 16.18
CA SER C 138 48.39 -2.68 15.77
C SER C 138 47.89 -1.72 16.84
N GLY C 139 47.72 -2.22 18.06
CA GLY C 139 47.33 -1.39 19.21
C GLY C 139 45.87 -0.95 19.22
N ASP C 140 45.07 -1.56 18.35
CA ASP C 140 43.67 -1.20 18.18
C ASP C 140 42.74 -1.94 19.17
N GLN C 141 41.45 -1.97 18.84
CA GLN C 141 40.44 -2.66 19.63
C GLN C 141 40.54 -4.18 19.49
N ALA C 142 40.99 -4.63 18.31
CA ALA C 142 41.24 -6.04 18.06
C ALA C 142 42.36 -6.60 18.94
N SER C 143 43.41 -5.81 19.13
CA SER C 143 44.55 -6.20 19.97
C SER C 143 44.19 -6.20 21.45
N GLN C 144 43.40 -5.20 21.86
CA GLN C 144 42.97 -5.06 23.25
C GLN C 144 42.00 -6.18 23.65
N TYR C 145 41.08 -6.53 22.75
CA TYR C 145 40.10 -7.57 23.03
C TYR C 145 40.73 -8.96 23.09
N ALA C 146 41.62 -9.25 22.13
CA ALA C 146 42.25 -10.57 22.04
C ALA C 146 43.21 -10.84 23.18
N ALA C 147 43.84 -9.79 23.69
CA ALA C 147 44.71 -9.88 24.87
C ALA C 147 43.90 -10.21 26.10
N THR C 148 42.72 -9.59 26.20
CA THR C 148 41.77 -9.81 27.29
C THR C 148 41.31 -11.26 27.31
N ARG C 149 40.98 -11.79 26.14
CA ARG C 149 40.56 -13.19 26.00
C ARG C 149 41.68 -14.17 26.34
N LEU C 150 42.92 -13.77 26.07
CA LEU C 150 44.10 -14.59 26.39
C LEU C 150 44.33 -14.72 27.90
N LEU C 151 44.18 -13.60 28.61
CA LEU C 151 44.34 -13.57 30.06
C LEU C 151 43.19 -14.25 30.80
N GLN C 152 42.04 -14.37 30.15
CA GLN C 152 40.93 -15.15 30.68
C GLN C 152 41.24 -16.64 30.54
N GLN C 153 41.84 -17.00 29.40
CA GLN C 153 42.21 -18.38 29.08
C GLN C 153 43.41 -18.84 29.89
N PHE C 154 44.50 -18.08 29.80
CA PHE C 154 45.71 -18.37 30.57
C PHE C 154 46.02 -17.18 31.49
N PRO C 155 45.50 -17.22 32.74
CA PRO C 155 45.78 -16.16 33.72
C PRO C 155 47.28 -15.95 33.99
N ASN C 156 48.05 -17.05 33.95
CA ASN C 156 49.50 -16.98 34.04
C ASN C 156 50.18 -17.33 32.71
N VAL C 157 49.86 -16.55 31.68
CA VAL C 157 50.40 -16.74 30.33
C VAL C 157 51.89 -16.35 30.26
N ALA C 158 52.61 -16.92 29.29
CA ALA C 158 53.95 -16.48 28.97
C ALA C 158 53.91 -15.06 28.42
N MET C 159 54.90 -14.26 28.79
CA MET C 159 54.95 -12.82 28.49
C MET C 159 53.70 -12.08 28.97
N LYS C 160 53.30 -12.38 30.21
CA LYS C 160 52.12 -11.82 30.87
C LYS C 160 52.14 -10.29 30.94
N ASP C 161 53.33 -9.71 31.12
CA ASP C 161 53.52 -8.26 31.18
C ASP C 161 53.13 -7.56 29.88
N LEU C 162 53.39 -8.22 28.76
CA LEU C 162 53.15 -7.65 27.43
C LEU C 162 51.69 -7.79 27.03
N VAL C 163 51.08 -8.91 27.40
CA VAL C 163 49.65 -9.17 27.15
C VAL C 163 48.76 -8.26 28.01
N GLN C 164 49.13 -8.09 29.29
CA GLN C 164 48.41 -7.18 30.20
C GLN C 164 48.41 -5.72 29.75
N LYS C 165 49.53 -5.27 29.18
CA LYS C 165 49.67 -3.92 28.62
C LYS C 165 48.71 -3.70 27.45
N LEU C 166 48.61 -4.71 26.59
CA LEU C 166 47.69 -4.67 25.46
C LEU C 166 46.23 -4.71 25.90
N ALA C 167 45.94 -5.50 26.94
CA ALA C 167 44.60 -5.61 27.51
C ALA C 167 44.13 -4.32 28.17
N SER C 168 45.05 -3.57 28.76
CA SER C 168 44.74 -2.34 29.49
C SER C 168 44.85 -1.07 28.64
N LYS C 169 44.91 -1.24 27.32
CA LYS C 169 45.11 -0.14 26.35
C LYS C 169 46.41 0.67 26.52
N GLU C 170 47.36 0.09 27.26
CA GLU C 170 48.66 0.73 27.50
C GLU C 170 49.55 0.55 26.28
N GLU C 171 50.37 1.57 26.02
CA GLU C 171 51.36 1.50 24.95
C GLU C 171 52.56 0.71 25.42
N LEU C 172 53.08 -0.14 24.53
CA LEU C 172 54.30 -0.89 24.80
C LEU C 172 55.51 0.05 24.70
N SER C 173 56.56 -0.28 25.45
CA SER C 173 57.76 0.53 25.45
C SER C 173 58.69 0.15 24.29
N THR C 174 59.78 0.89 24.15
CA THR C 174 60.78 0.68 23.12
C THR C 174 61.55 -0.63 23.38
N ALA C 175 61.83 -0.91 24.65
CA ALA C 175 62.50 -2.15 25.07
C ALA C 175 61.57 -3.34 24.90
N ASP C 176 60.29 -3.14 25.20
CA ASP C 176 59.25 -4.14 25.01
C ASP C 176 59.12 -4.55 23.54
N ASN C 177 59.09 -3.54 22.66
CA ASN C 177 58.96 -3.75 21.22
C ASN C 177 60.12 -4.53 20.61
N GLU C 178 61.34 -4.17 21.01
CA GLU C 178 62.55 -4.84 20.57
C GLU C 178 62.56 -6.31 21.01
N MET C 179 62.18 -6.56 22.27
CA MET C 179 62.07 -7.91 22.81
C MET C 179 61.07 -8.77 22.03
N ILE C 180 59.90 -8.20 21.73
CA ILE C 180 58.86 -8.86 20.92
C ILE C 180 59.38 -9.23 19.53
N GLU C 181 60.02 -8.26 18.88
CA GLU C 181 60.52 -8.43 17.51
C GLU C 181 61.64 -9.44 17.40
N LEU C 182 62.50 -9.48 18.41
CA LEU C 182 63.59 -10.45 18.45
CA LEU C 182 63.59 -10.44 18.45
C LEU C 182 62.93 -11.81 18.57
N LEU C 183 62.17 -12.01 19.65
CA LEU C 183 61.68 -13.33 20.03
C LEU C 183 60.69 -13.93 19.03
N ALA C 184 59.94 -13.07 18.35
CA ALA C 184 59.00 -13.48 17.30
C ALA C 184 59.74 -13.97 16.07
N ARG C 185 60.82 -13.28 15.72
CA ARG C 185 61.70 -13.70 14.62
C ARG C 185 62.37 -15.02 14.93
N PHE C 186 62.81 -15.18 16.17
CA PHE C 186 63.39 -16.44 16.62
C PHE C 186 62.39 -17.57 16.55
N ASN C 187 61.17 -17.30 17.00
CA ASN C 187 60.08 -18.28 16.94
C ASN C 187 59.65 -18.67 15.53
N GLU C 188 59.69 -17.72 14.59
CA GLU C 188 59.38 -18.05 13.21
C GLU C 188 60.51 -18.85 12.51
N ARG C 189 61.78 -18.53 12.83
CA ARG C 189 62.93 -19.27 12.29
C ARG C 189 62.99 -20.69 12.84
N GLN C 190 62.65 -20.82 14.13
CA GLN C 190 62.61 -22.09 14.83
C GLN C 190 61.53 -22.98 14.25
N ALA C 191 60.31 -22.43 14.15
CA ALA C 191 59.14 -23.16 13.64
C ALA C 191 59.29 -23.64 12.19
N SER C 192 59.83 -22.77 11.33
CA SER C 192 59.97 -23.10 9.92
CA SER C 192 59.99 -23.09 9.91
C SER C 192 61.09 -24.11 9.65
N PHE C 193 62.10 -24.13 10.52
CA PHE C 193 63.19 -25.10 10.39
C PHE C 193 62.81 -26.46 10.99
N PHE C 194 62.23 -26.44 12.19
CA PHE C 194 61.95 -27.68 12.94
C PHE C 194 60.57 -28.28 12.70
N GLY C 195 59.72 -27.56 11.98
CA GLY C 195 58.36 -28.03 11.72
C GLY C 195 58.23 -28.84 10.44
N GLN C 196 59.27 -28.83 9.62
CA GLN C 196 59.25 -29.53 8.34
C GLN C 196 59.52 -31.04 8.44
N PHE C 197 59.78 -31.50 9.66
CA PHE C 197 60.13 -32.91 9.91
C PHE C 197 58.96 -33.73 10.48
N SER C 198 57.77 -33.14 10.51
CA SER C 198 56.57 -33.81 11.01
C SER C 198 56.02 -34.81 9.99
N VAL C 199 56.03 -36.09 10.34
CA VAL C 199 55.58 -37.15 9.43
C VAL C 199 54.39 -37.97 9.98
N ARG C 200 53.20 -37.65 9.49
CA ARG C 200 52.00 -38.49 9.61
C ARG C 200 51.05 -38.16 8.47
N GLY C 201 51.36 -38.70 7.29
CA GLY C 201 50.63 -38.35 6.07
C GLY C 201 50.09 -39.52 5.27
N TYR C 202 50.91 -40.54 5.07
CA TYR C 202 50.62 -41.63 4.12
C TYR C 202 49.42 -42.51 4.44
N VAL C 203 49.22 -42.83 5.72
CA VAL C 203 48.05 -43.56 6.18
C VAL C 203 46.82 -42.64 6.13
N ASN C 204 47.00 -41.40 6.58
CA ASN C 204 45.94 -40.41 6.65
C ASN C 204 45.44 -39.90 5.28
N TYR C 205 46.33 -39.91 4.27
CA TYR C 205 45.96 -39.50 2.92
C TYR C 205 45.13 -40.58 2.22
N ASP C 206 45.55 -41.82 2.36
CA ASP C 206 44.90 -42.95 1.69
C ASP C 206 43.49 -43.24 2.22
N LYS C 207 43.36 -43.31 3.54
CA LYS C 207 42.09 -43.61 4.20
C LYS C 207 41.03 -42.51 4.05
N HIS C 208 41.48 -41.29 3.78
CA HIS C 208 40.57 -40.14 3.68
C HIS C 208 40.33 -39.63 2.25
N VAL C 209 41.37 -39.65 1.42
CA VAL C 209 41.27 -39.09 0.07
C VAL C 209 41.35 -40.16 -1.04
N ALA C 210 42.42 -40.96 -1.03
CA ALA C 210 42.71 -41.90 -2.12
C ALA C 210 41.71 -43.05 -2.28
N LYS C 211 41.04 -43.43 -1.19
CA LYS C 211 40.06 -44.52 -1.23
C LYS C 211 38.72 -44.12 -1.87
N TYR C 212 38.38 -42.84 -1.78
CA TYR C 212 37.13 -42.33 -2.35
C TYR C 212 37.28 -41.88 -3.82
N LEU C 213 38.49 -41.96 -4.36
CA LEU C 213 38.76 -41.57 -5.74
C LEU C 213 38.28 -42.64 -6.73
N LYS C 214 38.32 -43.90 -6.30
CA LYS C 214 37.94 -45.03 -7.16
C LYS C 214 36.43 -45.12 -7.40
N ILE C 215 35.64 -44.77 -6.39
CA ILE C 215 34.17 -44.89 -6.46
C ILE C 215 33.49 -43.76 -7.25
N LEU C 216 34.21 -42.66 -7.48
CA LEU C 216 33.67 -41.50 -8.20
C LEU C 216 33.77 -41.67 -9.72
N PRO C 217 32.74 -41.18 -10.46
CA PRO C 217 32.78 -41.14 -11.92
C PRO C 217 33.88 -40.23 -12.45
N ASP C 218 34.43 -40.57 -13.61
CA ASP C 218 35.54 -39.83 -14.20
C ASP C 218 35.10 -38.52 -14.86
N GLN C 219 33.82 -38.41 -15.18
CA GLN C 219 33.24 -37.15 -15.67
C GLN C 219 32.38 -36.48 -14.62
N PHE C 220 32.63 -35.20 -14.38
CA PHE C 220 31.98 -34.47 -13.30
C PHE C 220 30.53 -34.09 -13.62
N SER C 221 29.63 -34.58 -12.78
CA SER C 221 28.25 -34.10 -12.72
C SER C 221 27.70 -34.33 -11.31
N TYR C 222 26.97 -33.33 -10.80
CA TYR C 222 26.44 -33.38 -9.45
C TYR C 222 25.41 -34.49 -9.23
N GLN C 223 24.62 -34.79 -10.25
CA GLN C 223 23.59 -35.83 -10.16
C GLN C 223 24.17 -37.25 -10.17
N ALA C 224 25.24 -37.46 -10.94
CA ALA C 224 25.92 -38.76 -11.01
C ALA C 224 26.65 -39.08 -9.72
N ILE C 225 27.30 -38.06 -9.15
CA ILE C 225 27.98 -38.19 -7.85
C ILE C 225 26.94 -38.45 -6.75
N GLU C 226 25.81 -37.75 -6.82
CA GLU C 226 24.70 -37.92 -5.87
C GLU C 226 24.21 -39.36 -5.80
N ASP C 227 24.22 -40.06 -6.93
CA ASP C 227 23.86 -41.48 -7.00
C ASP C 227 24.81 -42.37 -6.19
N VAL C 228 26.10 -42.10 -6.28
CA VAL C 228 27.13 -42.87 -5.57
C VAL C 228 27.14 -42.53 -4.08
N VAL C 229 26.89 -41.26 -3.76
CA VAL C 229 26.90 -40.77 -2.38
C VAL C 229 25.61 -41.14 -1.63
N LYS C 230 24.50 -41.23 -2.37
CA LYS C 230 23.19 -41.67 -1.84
C LYS C 230 23.26 -43.11 -1.34
N ALA C 231 23.94 -43.96 -2.10
CA ALA C 231 24.05 -45.40 -1.81
C ALA C 231 24.97 -45.68 -0.62
N ASP C 232 25.99 -44.83 -0.46
CA ASP C 232 26.90 -44.90 0.68
C ASP C 232 26.20 -44.48 1.96
N ALA C 233 25.36 -43.45 1.86
CA ALA C 233 24.63 -42.90 2.99
C ALA C 233 23.50 -43.80 3.49
N GLU C 234 22.82 -44.47 2.56
CA GLU C 234 21.76 -45.43 2.91
C GLU C 234 22.33 -46.65 3.62
N LYS C 235 23.51 -47.07 3.19
CA LYS C 235 24.25 -48.21 3.75
C LYS C 235 24.78 -47.91 5.16
N ASN C 236 25.05 -46.63 5.42
CA ASN C 236 25.69 -46.21 6.67
C ASN C 236 24.82 -45.42 7.65
N THR C 237 23.52 -45.38 7.41
CA THR C 237 22.55 -44.82 8.37
C THR C 237 21.52 -45.89 8.76
N SER C 238 22.00 -47.12 8.91
CA SER C 238 21.16 -48.30 9.14
C SER C 238 20.55 -48.38 10.54
N ASN C 239 21.40 -48.24 11.56
CA ASN C 239 21.01 -48.51 12.96
C ASN C 239 20.03 -47.54 13.64
N ASN C 240 19.64 -46.48 12.92
CA ASN C 240 18.72 -45.47 13.46
C ASN C 240 17.78 -44.90 12.39
N GLU C 241 16.67 -44.32 12.84
CA GLU C 241 15.70 -43.70 11.93
C GLU C 241 15.60 -42.18 12.11
N MET C 242 16.72 -41.55 12.42
CA MET C 242 16.83 -40.09 12.44
C MET C 242 17.98 -39.58 11.54
N GLY C 243 18.55 -40.49 10.75
CA GLY C 243 19.43 -40.14 9.64
C GLY C 243 20.91 -39.99 9.93
N MET C 244 21.35 -40.39 11.12
CA MET C 244 22.75 -40.24 11.52
C MET C 244 23.60 -41.43 11.12
N GLU C 245 24.92 -41.22 11.06
CA GLU C 245 25.89 -42.26 10.73
C GLU C 245 25.89 -43.36 11.80
N ASN C 246 26.13 -44.60 11.37
CA ASN C 246 26.14 -45.77 12.24
C ASN C 246 27.13 -45.69 13.40
N TYR C 247 28.34 -45.23 13.07
CA TYR C 247 29.44 -45.12 14.03
C TYR C 247 29.17 -44.05 15.08
N PHE C 248 28.63 -42.91 14.65
CA PHE C 248 28.33 -41.79 15.54
C PHE C 248 27.15 -42.06 16.49
N TYR C 249 26.10 -42.69 15.95
CA TYR C 249 24.89 -42.98 16.71
C TYR C 249 25.14 -43.91 17.89
N ASN C 250 25.98 -44.93 17.68
CA ASN C 250 26.35 -45.88 18.72
C ASN C 250 27.14 -45.27 19.88
N GLU C 251 28.00 -44.31 19.55
CA GLU C 251 28.98 -43.80 20.51
C GLU C 251 28.52 -42.60 21.34
N GLN C 252 27.80 -41.66 20.71
CA GLN C 252 27.41 -40.42 21.38
C GLN C 252 25.94 -40.31 21.81
N ILE C 253 25.07 -41.12 21.21
CA ILE C 253 23.62 -40.93 21.38
C ILE C 253 22.85 -42.18 21.85
N LYS C 254 23.31 -43.36 21.43
CA LYS C 254 22.61 -44.64 21.67
C LYS C 254 22.19 -44.91 23.11
N LYS C 255 23.17 -44.97 24.02
CA LYS C 255 22.89 -45.30 25.43
C LYS C 255 22.39 -44.11 26.26
N ASP C 256 22.60 -42.89 25.75
CA ASP C 256 22.16 -41.67 26.43
C ASP C 256 20.77 -41.19 25.97
N LEU C 257 20.17 -41.95 25.05
CA LEU C 257 18.93 -41.57 24.37
C LEU C 257 17.74 -41.26 25.28
N LYS C 258 17.70 -41.91 26.44
CA LYS C 258 16.63 -41.70 27.42
C LYS C 258 16.63 -40.29 28.01
N LYS C 259 17.81 -39.80 28.41
CA LYS C 259 17.94 -38.48 29.03
C LYS C 259 18.06 -37.33 28.03
N LEU C 260 18.37 -37.66 26.78
CA LEU C 260 18.54 -36.66 25.71
C LEU C 260 17.22 -36.06 25.20
N LYS C 261 16.11 -36.72 25.52
CA LYS C 261 14.76 -36.24 25.19
C LYS C 261 14.44 -34.94 25.94
N ASP C 262 14.12 -33.90 25.17
CA ASP C 262 13.85 -32.53 25.67
C ASP C 262 14.99 -31.88 26.45
N SER C 263 16.23 -32.26 26.10
CA SER C 263 17.43 -31.74 26.77
CA SER C 263 17.42 -31.74 26.78
C SER C 263 17.74 -30.31 26.36
N GLN C 264 17.52 -29.99 25.10
CA GLN C 264 17.87 -28.67 24.57
C GLN C 264 16.67 -27.72 24.52
N LYS C 265 15.74 -27.90 25.46
CA LYS C 265 14.49 -27.14 25.50
C LYS C 265 14.65 -25.65 25.84
N SER C 266 15.69 -25.32 26.60
CA SER C 266 15.98 -23.93 26.95
C SER C 266 17.35 -23.46 26.42
N PHE C 267 17.89 -24.24 25.47
CA PHE C 267 19.12 -23.90 24.74
C PHE C 267 18.91 -22.68 23.85
N THR C 268 19.76 -21.67 24.01
CA THR C 268 19.74 -20.47 23.17
C THR C 268 21.15 -20.06 22.72
N TYR C 269 21.28 -19.70 21.45
CA TYR C 269 22.58 -19.29 20.91
C TYR C 269 22.65 -17.79 20.63
N LEU C 270 21.71 -17.04 21.21
CA LEU C 270 21.62 -15.62 20.95
C LEU C 270 22.64 -14.84 21.76
N LYS C 271 23.02 -15.40 22.90
CA LYS C 271 23.95 -14.75 23.82
C LYS C 271 25.25 -15.54 23.86
N SER C 272 26.35 -14.89 23.49
CA SER C 272 27.66 -15.56 23.39
C SER C 272 28.83 -14.58 23.30
N PRO C 273 29.97 -14.95 23.94
CA PRO C 273 31.24 -14.25 23.68
C PRO C 273 31.82 -14.55 22.29
N GLU C 274 31.33 -15.61 21.64
CA GLU C 274 31.71 -15.99 20.29
C GLU C 274 31.35 -14.95 19.22
N TYR C 275 30.37 -14.10 19.51
CA TYR C 275 30.05 -12.96 18.65
C TYR C 275 31.18 -11.93 18.63
N ASN C 276 31.82 -11.72 19.79
CA ASN C 276 32.97 -10.82 19.86
C ASN C 276 34.23 -11.47 19.32
N ASP C 277 34.35 -12.78 19.45
CA ASP C 277 35.49 -13.53 18.92
C ASP C 277 35.46 -13.55 17.40
N LEU C 278 34.25 -13.61 16.83
CA LEU C 278 34.04 -13.57 15.38
C LEU C 278 34.50 -12.24 14.79
N GLN C 279 34.29 -11.16 15.54
CA GLN C 279 34.74 -9.83 15.14
C GLN C 279 36.26 -9.69 15.01
N LEU C 280 37.03 -10.54 15.70
CA LEU C 280 38.48 -10.59 15.53
C LEU C 280 38.85 -11.10 14.15
N VAL C 281 38.23 -12.21 13.76
CA VAL C 281 38.42 -12.82 12.45
C VAL C 281 38.06 -11.84 11.32
N LEU C 282 36.87 -11.24 11.40
CA LEU C 282 36.36 -10.32 10.37
C LEU C 282 37.26 -9.11 10.18
N THR C 283 37.79 -8.59 11.30
CA THR C 283 38.77 -7.50 11.28
C THR C 283 40.04 -7.90 10.56
N GLN C 284 40.52 -9.12 10.82
CA GLN C 284 41.70 -9.66 10.13
C GLN C 284 41.44 -9.83 8.64
N PHE C 285 40.23 -10.28 8.29
CA PHE C 285 39.80 -10.40 6.90
C PHE C 285 39.78 -9.06 6.17
N SER C 286 39.41 -8.00 6.89
CA SER C 286 39.37 -6.66 6.34
C SER C 286 40.77 -6.08 6.14
N LYS C 287 41.64 -6.27 7.14
CA LYS C 287 43.02 -5.80 7.10
C LYS C 287 43.84 -6.49 6.02
N SER C 288 43.61 -7.79 5.86
CA SER C 288 44.36 -8.62 4.91
C SER C 288 43.73 -8.63 3.52
N LYS C 289 42.56 -8.01 3.40
CA LYS C 289 41.76 -7.98 2.17
C LYS C 289 41.41 -9.37 1.64
N VAL C 290 41.01 -10.28 2.53
CA VAL C 290 40.61 -11.61 2.07
C VAL C 290 39.15 -11.60 1.66
N ASN C 291 38.81 -12.45 0.69
CA ASN C 291 37.43 -12.59 0.22
C ASN C 291 36.89 -13.96 0.67
N PRO C 292 36.23 -13.98 1.83
CA PRO C 292 35.74 -15.22 2.41
C PRO C 292 34.35 -15.60 1.93
N ILE C 293 34.10 -16.91 1.80
CA ILE C 293 32.74 -17.41 1.74
C ILE C 293 32.41 -18.10 3.06
N PHE C 294 31.35 -17.62 3.71
CA PHE C 294 30.92 -18.19 5.00
C PHE C 294 29.88 -19.30 4.82
N ILE C 295 30.01 -20.34 5.64
CA ILE C 295 29.11 -21.48 5.60
C ILE C 295 28.36 -21.55 6.92
N ILE C 296 27.03 -21.54 6.85
CA ILE C 296 26.20 -21.67 8.03
C ILE C 296 25.44 -23.00 7.98
N PRO C 297 25.92 -24.02 8.72
CA PRO C 297 25.35 -25.36 8.73
C PRO C 297 24.03 -25.45 9.50
N PRO C 298 23.17 -26.42 9.16
CA PRO C 298 22.01 -26.69 10.00
C PRO C 298 22.31 -27.73 11.09
N VAL C 299 21.37 -27.88 12.01
CA VAL C 299 21.35 -29.03 12.91
C VAL C 299 20.35 -30.02 12.31
N ASN C 300 20.61 -31.32 12.51
CA ASN C 300 19.67 -32.38 12.16
C ASN C 300 18.29 -32.08 12.76
N LYS C 301 17.29 -31.96 11.89
CA LYS C 301 15.92 -31.56 12.30
C LYS C 301 15.22 -32.63 13.13
N LYS C 302 15.44 -33.90 12.76
CA LYS C 302 14.87 -35.02 13.51
CA LYS C 302 14.90 -35.04 13.49
C LYS C 302 15.50 -35.13 14.90
N TRP C 303 16.75 -34.70 15.01
CA TRP C 303 17.44 -34.62 16.29
C TRP C 303 16.93 -33.46 17.13
N MET C 304 16.76 -32.31 16.48
CA MET C 304 16.37 -31.09 17.19
C MET C 304 14.91 -31.10 17.65
N ASP C 305 14.07 -31.86 16.94
CA ASP C 305 12.69 -32.12 17.37
C ASP C 305 12.68 -33.02 18.60
N TYR C 306 13.58 -34.01 18.62
CA TYR C 306 13.73 -34.93 19.74
C TYR C 306 14.31 -34.23 20.97
N ALA C 307 15.37 -33.45 20.76
CA ALA C 307 16.08 -32.78 21.84
C ALA C 307 15.40 -31.48 22.29
N GLY C 308 14.48 -30.96 21.50
CA GLY C 308 13.73 -29.76 21.87
C GLY C 308 14.44 -28.46 21.53
N LEU C 309 15.40 -28.53 20.62
CA LEU C 309 16.14 -27.36 20.14
C LEU C 309 15.23 -26.53 19.23
N ARG C 310 14.93 -25.31 19.65
CA ARG C 310 13.96 -24.44 18.98
C ARG C 310 14.43 -23.91 17.61
N GLU C 311 13.60 -24.13 16.59
CA GLU C 311 13.85 -23.65 15.23
C GLU C 311 13.73 -22.13 15.14
N ASP C 312 12.82 -21.57 15.94
CA ASP C 312 12.62 -20.12 16.03
C ASP C 312 13.84 -19.40 16.60
N MET C 313 14.50 -20.03 17.58
CA MET C 313 15.74 -19.52 18.15
C MET C 313 16.88 -19.66 17.14
N TYR C 314 16.98 -20.85 16.54
CA TYR C 314 18.06 -21.20 15.62
C TYR C 314 18.18 -20.27 14.40
N GLN C 315 17.04 -19.84 13.86
CA GLN C 315 17.04 -18.91 12.73
C GLN C 315 17.23 -17.47 13.20
N GLN C 316 16.88 -17.20 14.46
CA GLN C 316 17.09 -15.88 15.06
C GLN C 316 18.56 -15.59 15.34
N THR C 317 19.33 -16.65 15.61
CA THR C 317 20.78 -16.54 15.81
CA THR C 317 20.78 -16.48 15.82
C THR C 317 21.53 -16.43 14.49
N VAL C 318 21.02 -17.13 13.48
CA VAL C 318 21.54 -17.04 12.11
C VAL C 318 21.35 -15.61 11.57
N GLN C 319 20.18 -15.03 11.84
CA GLN C 319 19.89 -13.63 11.52
C GLN C 319 20.86 -12.67 12.24
N LYS C 320 21.24 -13.02 13.46
CA LYS C 320 22.19 -12.23 14.25
C LYS C 320 23.61 -12.34 13.68
N ILE C 321 23.95 -13.54 13.20
CA ILE C 321 25.23 -13.81 12.54
C ILE C 321 25.32 -13.07 11.21
N ARG C 322 24.31 -13.26 10.36
CA ARG C 322 24.24 -12.64 9.04
C ARG C 322 24.30 -11.11 9.10
N TYR C 323 23.69 -10.51 10.12
CA TYR C 323 23.75 -9.07 10.30
C TYR C 323 25.17 -8.57 10.56
N GLN C 324 25.90 -9.27 11.41
CA GLN C 324 27.29 -8.94 11.73
C GLN C 324 28.18 -8.99 10.48
N LEU C 325 27.95 -10.00 9.66
CA LEU C 325 28.67 -10.16 8.40
C LEU C 325 28.27 -9.08 7.39
N GLU C 326 26.98 -9.05 7.05
CA GLU C 326 26.47 -8.24 5.95
C GLU C 326 26.48 -6.72 6.17
N SER C 327 26.29 -6.29 7.42
CA SER C 327 26.33 -4.85 7.73
C SER C 327 27.75 -4.29 7.66
N GLN C 328 28.72 -5.18 7.54
CA GLN C 328 30.13 -4.81 7.46
C GLN C 328 30.69 -5.07 6.07
N GLY C 329 29.91 -5.72 5.22
CA GLY C 329 30.26 -5.90 3.82
C GLY C 329 30.58 -7.33 3.42
N PHE C 330 30.33 -8.28 4.31
CA PHE C 330 30.61 -9.68 4.04
C PHE C 330 29.31 -10.32 3.56
N THR C 331 29.20 -10.51 2.26
CA THR C 331 27.91 -10.92 1.66
C THR C 331 27.96 -12.27 0.96
N ASN C 332 29.14 -12.89 0.94
CA ASN C 332 29.28 -14.25 0.41
C ASN C 332 28.93 -15.27 1.49
N ILE C 333 27.64 -15.55 1.65
CA ILE C 333 27.17 -16.44 2.70
C ILE C 333 26.39 -17.60 2.12
N ALA C 334 26.95 -18.80 2.26
CA ALA C 334 26.26 -20.03 1.90
C ALA C 334 25.49 -20.57 3.11
N ASP C 335 24.24 -20.11 3.23
CA ASP C 335 23.37 -20.41 4.34
C ASP C 335 22.61 -21.72 4.10
N PHE C 336 22.85 -22.71 4.95
CA PHE C 336 22.20 -24.01 4.86
C PHE C 336 21.37 -24.34 6.09
N SER C 337 21.19 -23.35 6.96
CA SER C 337 20.51 -23.53 8.25
C SER C 337 19.06 -24.03 8.19
N LYS C 338 18.40 -23.86 7.05
CA LYS C 338 17.03 -24.36 6.85
C LYS C 338 16.99 -25.73 6.16
N ASP C 339 18.16 -26.30 5.88
CA ASP C 339 18.26 -27.58 5.17
C ASP C 339 18.49 -28.78 6.09
N GLY C 340 18.06 -28.65 7.35
CA GLY C 340 18.30 -29.67 8.36
C GLY C 340 17.48 -30.93 8.24
N GLY C 341 16.29 -30.79 7.67
CA GLY C 341 15.34 -31.90 7.51
C GLY C 341 15.50 -32.69 6.23
N GLU C 342 16.56 -32.38 5.47
CA GLU C 342 16.85 -33.06 4.23
C GLU C 342 17.63 -34.35 4.52
N PRO C 343 17.12 -35.50 4.05
CA PRO C 343 17.82 -36.78 4.20
C PRO C 343 19.21 -36.78 3.57
N PHE C 344 20.18 -37.23 4.36
CA PHE C 344 21.61 -37.36 3.99
C PHE C 344 22.36 -36.04 3.71
N PHE C 345 21.78 -34.92 4.17
CA PHE C 345 22.43 -33.62 4.16
C PHE C 345 23.43 -33.56 5.31
N MET C 346 23.16 -34.35 6.34
CA MET C 346 23.88 -34.33 7.59
C MET C 346 24.63 -35.64 7.80
N LYS C 347 25.85 -35.55 8.33
CA LYS C 347 26.64 -36.72 8.68
C LYS C 347 26.29 -37.18 10.11
N ASP C 348 26.11 -36.21 11.00
CA ASP C 348 25.72 -36.49 12.38
C ASP C 348 24.69 -35.48 12.91
N THR C 349 24.91 -34.96 14.11
CA THR C 349 23.99 -34.00 14.71
C THR C 349 24.20 -32.56 14.21
N ILE C 350 25.46 -32.22 13.90
CA ILE C 350 25.83 -30.83 13.64
C ILE C 350 26.71 -30.62 12.40
N HIS C 351 27.26 -31.70 11.86
CA HIS C 351 28.22 -31.62 10.76
C HIS C 351 27.64 -31.96 9.41
N LEU C 352 28.00 -31.15 8.41
CA LEU C 352 27.71 -31.42 7.00
C LEU C 352 28.37 -32.71 6.58
N GLY C 353 27.70 -33.46 5.72
CA GLY C 353 28.23 -34.68 5.15
C GLY C 353 27.39 -35.15 4.00
N TRP C 354 27.95 -36.08 3.23
CA TRP C 354 27.28 -36.75 2.12
C TRP C 354 26.69 -35.80 1.08
N LEU C 355 25.36 -35.74 1.01
CA LEU C 355 24.67 -34.86 0.06
C LEU C 355 24.79 -33.39 0.44
N GLY C 356 25.03 -33.12 1.73
CA GLY C 356 25.28 -31.77 2.22
C GLY C 356 26.58 -31.17 1.72
N TRP C 357 27.55 -32.03 1.40
CA TRP C 357 28.79 -31.61 0.76
C TRP C 357 28.58 -31.16 -0.68
N LEU C 358 27.56 -31.74 -1.33
CA LEU C 358 27.26 -31.43 -2.72
C LEU C 358 26.59 -30.06 -2.85
N ALA C 359 25.76 -29.72 -1.87
CA ALA C 359 25.17 -28.39 -1.78
C ALA C 359 26.23 -27.35 -1.44
N PHE C 360 27.14 -27.75 -0.55
CA PHE C 360 28.33 -26.98 -0.16
C PHE C 360 29.16 -26.64 -1.40
N ASP C 361 29.45 -27.67 -2.22
CA ASP C 361 30.23 -27.51 -3.45
C ASP C 361 29.61 -26.55 -4.47
N LYS C 362 28.29 -26.57 -4.59
CA LYS C 362 27.56 -25.72 -5.55
C LYS C 362 27.68 -24.22 -5.27
N ALA C 363 28.02 -23.86 -4.03
CA ALA C 363 28.25 -22.46 -3.68
C ALA C 363 29.74 -22.14 -3.60
N VAL C 364 30.54 -23.13 -3.21
CA VAL C 364 31.96 -22.92 -2.93
C VAL C 364 32.82 -23.06 -4.20
N ASP C 365 32.63 -24.15 -4.95
CA ASP C 365 33.38 -24.36 -6.21
C ASP C 365 33.32 -23.20 -7.23
N PRO C 366 32.11 -22.71 -7.61
CA PRO C 366 32.07 -21.59 -8.56
C PRO C 366 32.70 -20.31 -8.02
N PHE C 367 32.64 -20.10 -6.71
CA PHE C 367 33.26 -18.96 -6.04
C PHE C 367 34.79 -19.02 -6.10
N LEU C 368 35.35 -20.19 -5.79
CA LEU C 368 36.81 -20.37 -5.77
C LEU C 368 37.41 -20.56 -7.16
N SER C 369 36.65 -21.15 -8.08
CA SER C 369 37.10 -21.37 -9.46
C SER C 369 37.22 -20.06 -10.25
N ASN C 370 36.44 -19.06 -9.84
CA ASN C 370 36.48 -17.73 -10.43
C ASN C 370 36.85 -16.69 -9.38
N PRO C 371 38.16 -16.54 -9.10
CA PRO C 371 38.63 -15.70 -8.00
C PRO C 371 38.42 -14.21 -8.28
N THR C 372 37.72 -13.55 -7.37
CA THR C 372 37.50 -12.11 -7.44
C THR C 372 38.04 -11.46 -6.17
N PRO C 373 38.62 -10.24 -6.30
CA PRO C 373 39.12 -9.51 -5.13
C PRO C 373 38.04 -9.13 -4.11
N ALA C 374 38.45 -8.97 -2.86
CA ALA C 374 37.55 -8.59 -1.77
C ALA C 374 37.02 -7.17 -1.95
N PRO C 375 35.75 -6.93 -1.58
CA PRO C 375 35.21 -5.58 -1.60
C PRO C 375 35.78 -4.71 -0.49
N THR C 376 35.30 -3.48 -0.39
CA THR C 376 35.65 -2.61 0.73
C THR C 376 34.71 -2.92 1.89
N TYR C 377 35.29 -3.27 3.03
CA TYR C 377 34.49 -3.55 4.23
C TYR C 377 34.38 -2.32 5.12
N HIS C 378 33.25 -2.20 5.81
CA HIS C 378 33.03 -1.09 6.73
C HIS C 378 32.81 -1.63 8.15
N LEU C 379 33.91 -1.74 8.90
CA LEU C 379 33.91 -2.41 10.19
C LEU C 379 33.21 -1.65 11.30
N ASN C 380 32.40 -2.37 12.08
CA ASN C 380 31.75 -1.82 13.25
C ASN C 380 32.38 -2.39 14.51
N GLU C 381 32.88 -1.50 15.36
CA GLU C 381 33.62 -1.88 16.55
CA GLU C 381 33.61 -1.88 16.56
C GLU C 381 32.69 -2.21 17.73
N ARG C 382 31.40 -1.93 17.55
CA ARG C 382 30.39 -2.25 18.57
C ARG C 382 30.09 -3.75 18.63
N PHE C 383 30.57 -4.50 17.64
CA PHE C 383 30.47 -5.95 17.65
C PHE C 383 31.47 -6.61 18.59
N PHE C 384 32.45 -5.83 19.07
CA PHE C 384 33.37 -6.25 20.13
C PHE C 384 32.74 -6.15 21.52
N SER C 385 31.70 -5.34 21.64
CA SER C 385 31.09 -5.01 22.93
C SER C 385 30.25 -6.13 23.52
N LYS C 386 30.03 -6.04 24.84
CA LYS C 386 29.18 -6.96 25.58
C LYS C 386 27.70 -6.75 25.22
N ASP C 387 27.38 -5.52 24.79
CA ASP C 387 26.04 -5.15 24.31
C ASP C 387 25.63 -6.00 23.11
N TRP C 388 26.55 -6.19 22.17
CA TRP C 388 26.32 -7.06 21.02
C TRP C 388 26.30 -8.52 21.41
N ALA C 389 27.20 -8.89 22.33
CA ALA C 389 27.39 -10.26 22.76
C ALA C 389 26.11 -10.87 23.34
N THR C 390 25.35 -10.05 24.06
CA THR C 390 24.14 -10.51 24.76
C THR C 390 22.83 -9.99 24.15
N TYR C 391 22.89 -9.47 22.93
CA TYR C 391 21.74 -8.83 22.29
C TYR C 391 20.65 -9.81 21.85
N ASP C 392 19.44 -9.59 22.38
CA ASP C 392 18.29 -10.47 22.19
C ASP C 392 17.41 -10.09 21.00
N GLY C 393 17.03 -8.82 20.94
CA GLY C 393 15.89 -8.37 20.16
C GLY C 393 16.05 -8.24 18.65
N ASP C 394 15.28 -7.33 18.08
CA ASP C 394 15.28 -7.06 16.65
C ASP C 394 16.63 -6.51 16.22
N VAL C 395 17.25 -7.19 15.25
CA VAL C 395 18.63 -6.93 14.85
C VAL C 395 18.78 -5.64 14.02
N LYS C 396 17.67 -5.16 13.48
CA LYS C 396 17.64 -3.91 12.72
C LYS C 396 17.56 -2.68 13.64
N GLU C 397 17.31 -2.92 14.92
CA GLU C 397 17.20 -1.86 15.92
C GLU C 397 18.35 -1.86 16.93
N PHE C 398 19.50 -2.38 16.52
CA PHE C 398 20.68 -2.47 17.39
C PHE C 398 21.39 -1.12 17.58
N GLN C 399 21.46 -0.34 16.51
CA GLN C 399 22.18 0.95 16.51
C GLN C 399 21.52 2.05 17.36
N GLU C 400 20.21 1.93 17.59
CA GLU C 400 19.47 2.87 18.43
C GLU C 400 19.10 2.27 19.78
N MET D 7 -38.61 -0.75 31.58
CA MET D 7 -38.90 -0.61 30.12
CA MET D 7 -38.90 -0.56 30.13
C MET D 7 -40.40 -0.38 29.89
N HIS D 8 -40.81 0.88 29.88
CA HIS D 8 -42.20 1.26 29.64
C HIS D 8 -42.33 1.98 28.30
N HIS D 9 -43.27 1.52 27.47
CA HIS D 9 -43.38 1.99 26.09
C HIS D 9 -44.20 3.26 25.90
N ASN D 10 -43.67 4.16 25.06
CA ASN D 10 -44.39 5.34 24.62
C ASN D 10 -44.16 5.55 23.12
N LEU D 11 -45.21 5.32 22.33
CA LEU D 11 -45.12 5.30 20.86
C LEU D 11 -44.48 6.55 20.24
N GLY D 12 -44.86 7.72 20.76
CA GLY D 12 -44.33 8.99 20.28
C GLY D 12 -42.83 9.10 20.41
N ALA D 13 -42.33 8.81 21.61
CA ALA D 13 -40.89 8.88 21.94
C ALA D 13 -40.05 7.94 21.11
N GLU D 14 -40.65 6.79 20.75
CA GLU D 14 -40.01 5.76 19.96
C GLU D 14 -40.04 6.09 18.47
N LYS D 15 -41.06 6.83 18.05
CA LYS D 15 -41.15 7.33 16.67
C LYS D 15 -40.12 8.42 16.45
N ARG D 16 -39.92 9.25 17.48
CA ARG D 16 -38.91 10.32 17.45
C ARG D 16 -37.49 9.76 17.49
N SER D 17 -37.30 8.66 18.21
CA SER D 17 -35.99 7.98 18.32
C SER D 17 -35.58 7.31 17.02
N ALA D 18 -36.58 6.77 16.33
CA ALA D 18 -36.40 6.04 15.08
C ALA D 18 -35.82 6.91 13.96
N VAL D 19 -36.16 8.19 13.96
CA VAL D 19 -35.72 9.14 12.93
C VAL D 19 -34.79 10.24 13.46
N ALA D 20 -34.41 10.14 14.73
CA ALA D 20 -33.49 11.10 15.34
C ALA D 20 -32.15 11.09 14.64
N THR D 21 -31.72 9.90 14.24
CA THR D 21 -30.45 9.63 13.56
C THR D 21 -29.29 10.37 14.22
N THR D 22 -29.14 10.16 15.52
CA THR D 22 -28.10 10.76 16.32
C THR D 22 -27.12 9.68 16.74
N ILE D 23 -26.01 10.12 17.34
CA ILE D 23 -25.02 9.22 17.95
C ILE D 23 -25.70 8.44 19.07
N ASP D 24 -26.48 9.16 19.88
CA ASP D 24 -27.20 8.59 21.02
C ASP D 24 -28.29 7.60 20.65
N SER D 25 -29.06 7.86 19.60
CA SER D 25 -30.10 6.93 19.16
C SER D 25 -29.54 5.64 18.55
N PHE D 26 -28.26 5.68 18.18
CA PHE D 26 -27.54 4.49 17.75
C PHE D 26 -26.98 3.71 18.95
N LYS D 27 -26.14 4.37 19.75
CA LYS D 27 -25.32 3.68 20.74
C LYS D 27 -26.02 3.36 22.06
N GLU D 28 -27.07 4.13 22.40
CA GLU D 28 -27.72 3.92 23.69
C GLU D 28 -28.93 2.98 23.59
N ARG D 29 -28.98 2.05 24.53
CA ARG D 29 -29.93 0.92 24.58
C ARG D 29 -31.39 1.35 24.68
N SER D 30 -31.67 2.30 25.57
CA SER D 30 -33.04 2.67 25.91
C SER D 30 -33.82 3.37 24.82
N GLN D 31 -33.15 3.88 23.79
CA GLN D 31 -33.87 4.43 22.65
C GLN D 31 -34.23 3.31 21.68
N LYS D 32 -33.23 2.55 21.25
CA LYS D 32 -33.45 1.48 20.25
C LYS D 32 -34.25 0.28 20.75
N VAL D 33 -33.86 -0.26 21.90
CA VAL D 33 -34.51 -1.45 22.46
C VAL D 33 -35.98 -1.17 22.84
N ARG D 34 -36.25 0.01 23.41
CA ARG D 34 -37.61 0.42 23.76
CA ARG D 34 -37.60 0.44 23.76
C ARG D 34 -38.52 0.40 22.53
N ALA D 35 -38.02 0.90 21.40
CA ALA D 35 -38.75 0.93 20.14
C ALA D 35 -38.88 -0.46 19.51
N LEU D 36 -37.77 -1.20 19.52
CA LEU D 36 -37.74 -2.54 18.91
C LEU D 36 -38.47 -3.62 19.72
N SER D 37 -38.70 -3.36 21.00
CA SER D 37 -39.42 -4.28 21.89
C SER D 37 -40.88 -3.87 22.16
N ASP D 38 -41.37 -2.85 21.46
CA ASP D 38 -42.78 -2.43 21.57
C ASP D 38 -43.67 -3.43 20.85
N PRO D 39 -44.64 -4.05 21.57
CA PRO D 39 -45.54 -5.02 20.93
C PRO D 39 -46.73 -4.43 20.19
N ASN D 40 -46.89 -3.10 20.23
CA ASN D 40 -47.97 -2.43 19.50
C ASN D 40 -47.61 -2.13 18.04
N VAL D 41 -46.38 -1.66 17.83
CA VAL D 41 -45.90 -1.26 16.50
C VAL D 41 -44.61 -1.98 16.13
N ARG D 42 -44.46 -2.22 14.82
CA ARG D 42 -43.30 -2.94 14.30
C ARG D 42 -42.22 -1.96 13.86
N PHE D 43 -41.13 -1.88 14.63
CA PHE D 43 -39.96 -1.14 14.18
C PHE D 43 -38.98 -2.11 13.52
N VAL D 44 -38.46 -1.71 12.37
CA VAL D 44 -37.48 -2.51 11.65
C VAL D 44 -36.13 -1.80 11.69
N PRO D 45 -35.07 -2.53 12.14
CA PRO D 45 -33.70 -2.04 12.07
C PRO D 45 -33.22 -1.73 10.66
N PHE D 46 -32.78 -0.49 10.47
CA PHE D 46 -32.19 -0.01 9.23
C PHE D 46 -30.75 0.32 9.53
N PHE D 47 -29.86 -0.65 9.28
CA PHE D 47 -28.44 -0.45 9.49
C PHE D 47 -27.80 0.19 8.27
N GLY D 48 -27.03 1.24 8.53
CA GLY D 48 -26.26 1.92 7.49
C GLY D 48 -25.27 2.84 8.17
N SER D 49 -24.70 3.76 7.42
CA SER D 49 -23.88 4.81 8.00
C SER D 49 -24.60 6.14 7.82
N SER D 50 -24.09 7.01 6.95
CA SER D 50 -24.68 8.33 6.75
C SER D 50 -25.86 8.38 5.76
N GLU D 51 -26.33 7.21 5.33
CA GLU D 51 -27.38 7.07 4.31
C GLU D 51 -28.75 7.63 4.70
N TRP D 52 -29.05 7.62 6.00
CA TRP D 52 -30.38 8.01 6.46
C TRP D 52 -30.51 9.49 6.79
N LEU D 53 -29.38 10.20 6.83
CA LEU D 53 -29.31 11.58 7.34
C LEU D 53 -30.08 12.61 6.51
N ARG D 54 -30.07 12.44 5.20
CA ARG D 54 -30.69 13.41 4.29
C ARG D 54 -32.07 12.95 3.85
N PHE D 55 -33.06 13.74 4.23
CA PHE D 55 -34.45 13.39 4.07
C PHE D 55 -35.07 14.08 2.87
N ASP D 56 -35.99 13.38 2.20
CA ASP D 56 -36.85 13.95 1.17
C ASP D 56 -38.19 13.20 1.18
N GLY D 57 -39.05 13.49 0.20
CA GLY D 57 -40.38 12.88 0.12
C GLY D 57 -40.44 11.38 -0.14
N ALA D 58 -39.33 10.80 -0.60
CA ALA D 58 -39.31 9.38 -0.96
C ALA D 58 -38.50 8.53 0.01
N HIS D 59 -37.88 9.19 1.00
CA HIS D 59 -37.13 8.56 2.09
C HIS D 59 -38.00 7.51 2.79
N PRO D 60 -37.43 6.33 3.12
CA PRO D 60 -38.20 5.20 3.69
C PRO D 60 -38.99 5.55 4.97
N ALA D 61 -38.43 6.42 5.80
CA ALA D 61 -39.08 6.84 7.03
C ALA D 61 -40.25 7.79 6.76
N VAL D 62 -40.21 8.47 5.62
CA VAL D 62 -41.27 9.39 5.23
C VAL D 62 -42.43 8.62 4.60
N LEU D 63 -42.12 7.65 3.74
CA LEU D 63 -43.14 6.80 3.11
C LEU D 63 -43.92 5.96 4.12
N ALA D 64 -43.20 5.34 5.04
CA ALA D 64 -43.79 4.51 6.10
C ALA D 64 -44.80 5.28 6.96
N GLU D 65 -44.45 6.51 7.35
CA GLU D 65 -45.34 7.32 8.18
C GLU D 65 -46.51 7.91 7.39
N LYS D 66 -46.22 8.45 6.20
CA LYS D 66 -47.24 9.06 5.33
C LYS D 66 -48.34 8.09 4.96
N TYR D 67 -47.95 6.85 4.66
CA TYR D 67 -48.91 5.85 4.19
C TYR D 67 -49.20 4.75 5.21
N ASN D 68 -48.95 5.07 6.48
CA ASN D 68 -49.22 4.21 7.64
C ASN D 68 -48.99 2.73 7.33
N ARG D 69 -47.73 2.39 7.07
CA ARG D 69 -47.36 1.02 6.70
C ARG D 69 -47.32 0.12 7.93
N SER D 70 -47.24 -1.19 7.69
CA SER D 70 -47.18 -2.19 8.75
C SER D 70 -45.87 -2.17 9.54
N TYR D 71 -44.96 -1.27 9.16
CA TYR D 71 -43.65 -1.14 9.80
C TYR D 71 -43.21 0.32 9.85
N ARG D 72 -42.23 0.60 10.71
CA ARG D 72 -41.54 1.88 10.76
C ARG D 72 -40.05 1.61 10.85
N PRO D 73 -39.24 2.25 9.99
CA PRO D 73 -37.79 2.09 10.04
C PRO D 73 -37.23 2.68 11.33
N TYR D 74 -36.37 1.95 12.01
CA TYR D 74 -35.50 2.54 13.02
C TYR D 74 -34.15 2.72 12.36
N LEU D 75 -33.74 3.98 12.18
CA LEU D 75 -32.54 4.31 11.43
C LEU D 75 -31.29 4.31 12.31
N LEU D 76 -30.37 3.41 12.01
CA LEU D 76 -29.17 3.23 12.83
C LEU D 76 -27.87 3.53 12.10
N GLY D 77 -27.14 4.54 12.59
CA GLY D 77 -25.78 4.82 12.12
C GLY D 77 -25.57 6.24 11.67
N GLN D 78 -24.34 6.75 11.82
CA GLN D 78 -23.92 7.99 11.16
C GLN D 78 -22.63 7.75 10.42
N GLY D 79 -22.02 8.85 9.96
CA GLY D 79 -20.76 8.80 9.24
C GLY D 79 -19.68 8.08 10.01
N GLY D 80 -19.03 7.14 9.34
CA GLY D 80 -17.92 6.42 9.94
C GLY D 80 -18.28 5.12 10.62
N ALA D 81 -19.58 4.89 10.82
CA ALA D 81 -20.06 3.65 11.43
C ALA D 81 -20.11 2.55 10.37
N ALA D 82 -19.28 1.53 10.55
CA ALA D 82 -19.24 0.40 9.63
C ALA D 82 -19.57 -0.88 10.38
N SER D 83 -19.21 -2.04 9.79
CA SER D 83 -19.64 -3.34 10.29
C SER D 83 -19.23 -3.70 11.72
N LEU D 84 -18.06 -3.23 12.17
CA LEU D 84 -17.63 -3.52 13.54
C LEU D 84 -18.48 -2.77 14.56
N ASN D 85 -18.75 -1.50 14.28
CA ASN D 85 -19.70 -0.72 15.09
C ASN D 85 -21.09 -1.35 15.10
N GLN D 86 -21.51 -1.90 13.96
CA GLN D 86 -22.84 -2.49 13.83
C GLN D 86 -22.96 -3.77 14.63
N TYR D 87 -21.95 -4.63 14.53
CA TYR D 87 -21.85 -5.85 15.34
C TYR D 87 -22.00 -5.60 16.85
N PHE D 88 -21.25 -4.62 17.36
CA PHE D 88 -21.25 -4.33 18.79
C PHE D 88 -22.57 -3.73 19.27
N GLY D 89 -23.21 -2.94 18.42
CA GLY D 89 -24.52 -2.35 18.70
C GLY D 89 -25.65 -3.37 18.75
N MET D 90 -25.52 -4.40 17.92
CA MET D 90 -26.46 -5.53 17.87
C MET D 90 -26.51 -6.32 19.17
N GLN D 91 -25.38 -6.38 19.87
CA GLN D 91 -25.24 -7.11 21.15
C GLN D 91 -26.18 -6.58 22.25
N GLN D 92 -26.66 -5.36 22.07
CA GLN D 92 -27.59 -4.73 23.00
C GLN D 92 -29.04 -5.08 22.69
N MET D 93 -29.29 -5.66 21.51
CA MET D 93 -30.66 -5.87 21.02
C MET D 93 -30.89 -7.24 20.37
N LEU D 94 -30.09 -8.21 20.78
CA LEU D 94 -30.23 -9.60 20.32
C LEU D 94 -31.63 -10.23 20.42
N PRO D 95 -32.34 -10.11 21.58
CA PRO D 95 -33.70 -10.65 21.61
C PRO D 95 -34.68 -9.96 20.65
N GLN D 96 -34.47 -8.66 20.45
CA GLN D 96 -35.28 -7.85 19.53
C GLN D 96 -34.92 -8.10 18.06
N LEU D 97 -33.80 -8.77 17.80
CA LEU D 97 -33.37 -9.11 16.45
C LEU D 97 -33.69 -10.55 16.07
N GLU D 98 -33.94 -11.37 17.09
CA GLU D 98 -34.21 -12.80 16.94
C GLU D 98 -35.42 -13.05 16.04
N ASN D 99 -35.18 -13.80 14.96
CA ASN D 99 -36.19 -14.24 14.00
C ASN D 99 -36.88 -13.13 13.23
N LYS D 100 -36.15 -12.04 12.99
CA LYS D 100 -36.74 -10.86 12.37
C LYS D 100 -36.04 -10.39 11.11
N GLN D 101 -36.67 -9.47 10.39
CA GLN D 101 -36.13 -8.93 9.15
C GLN D 101 -35.45 -7.59 9.43
N VAL D 102 -34.33 -7.37 8.76
CA VAL D 102 -33.60 -6.08 8.87
C VAL D 102 -33.21 -5.55 7.50
N VAL D 103 -32.83 -4.27 7.47
CA VAL D 103 -32.18 -3.67 6.31
C VAL D 103 -30.71 -3.39 6.64
N TYR D 104 -29.82 -3.87 5.79
CA TYR D 104 -28.39 -3.67 5.98
C TYR D 104 -27.70 -3.11 4.74
N VAL D 105 -27.35 -1.83 4.80
CA VAL D 105 -26.57 -1.18 3.74
C VAL D 105 -25.12 -1.69 3.79
N ILE D 106 -24.59 -2.08 2.64
CA ILE D 106 -23.16 -2.37 2.50
C ILE D 106 -22.62 -1.45 1.41
N SER D 107 -21.91 -0.41 1.84
CA SER D 107 -21.27 0.52 0.92
C SER D 107 -19.83 0.09 0.67
N PRO D 108 -19.47 -0.05 -0.62
CA PRO D 108 -18.10 -0.39 -1.02
C PRO D 108 -17.04 0.63 -0.58
N GLN D 109 -17.45 1.89 -0.32
CA GLN D 109 -16.50 2.92 0.12
CA GLN D 109 -16.56 2.96 0.15
C GLN D 109 -15.93 2.64 1.50
N TRP D 110 -16.61 1.81 2.29
CA TRP D 110 -16.16 1.42 3.64
C TRP D 110 -15.02 0.43 3.57
N PHE D 111 -14.84 -0.18 2.40
CA PHE D 111 -13.86 -1.23 2.24
C PHE D 111 -12.48 -0.67 1.86
N SER D 112 -12.08 0.37 2.59
CA SER D 112 -10.75 1.00 2.50
C SER D 112 -9.66 0.07 3.04
N LYS D 113 -8.42 0.25 2.57
CA LYS D 113 -7.31 -0.65 2.91
C LYS D 113 -6.89 -0.62 4.38
N ASN D 114 -7.08 0.53 5.02
CA ASN D 114 -6.86 0.68 6.46
C ASN D 114 -8.13 0.41 7.28
N GLY D 115 -9.23 0.10 6.58
CA GLY D 115 -10.53 -0.17 7.22
C GLY D 115 -11.18 1.07 7.81
N TYR D 116 -12.03 0.87 8.82
CA TYR D 116 -12.80 1.95 9.45
C TYR D 116 -11.94 3.04 10.10
N ASP D 117 -12.57 4.16 10.43
CA ASP D 117 -11.90 5.30 11.06
C ASP D 117 -11.99 5.13 12.58
N PRO D 118 -10.83 4.91 13.25
CA PRO D 118 -10.78 4.73 14.71
C PRO D 118 -11.34 5.91 15.50
N ALA D 119 -11.24 7.12 14.94
CA ALA D 119 -11.82 8.32 15.53
C ALA D 119 -13.35 8.29 15.50
N ALA D 120 -13.92 7.62 14.49
CA ALA D 120 -15.37 7.51 14.37
C ALA D 120 -15.90 6.35 15.21
N PHE D 121 -15.13 5.27 15.30
CA PHE D 121 -15.50 4.08 16.09
C PHE D 121 -15.75 4.39 17.57
N GLN D 122 -14.91 5.27 18.12
CA GLN D 122 -14.95 5.66 19.54
C GLN D 122 -16.20 6.43 19.92
N GLN D 123 -16.89 6.97 18.93
CA GLN D 123 -18.09 7.76 19.15
C GLN D 123 -19.31 6.87 19.36
N TYR D 124 -19.32 5.69 18.74
CA TYR D 124 -20.49 4.82 18.74
C TYR D 124 -20.36 3.59 19.64
N PHE D 125 -19.16 3.35 20.14
CA PHE D 125 -18.91 2.23 21.04
C PHE D 125 -19.04 2.70 22.49
N ASN D 126 -19.64 1.86 23.34
CA ASN D 126 -19.69 2.13 24.78
C ASN D 126 -19.55 0.89 25.69
N GLY D 127 -19.58 1.11 26.99
CA GLY D 127 -19.41 0.05 27.98
C GLY D 127 -20.53 -0.95 28.01
N ASP D 128 -21.74 -0.47 27.75
CA ASP D 128 -22.90 -1.35 27.62
C ASP D 128 -22.71 -2.31 26.44
N GLN D 129 -22.15 -1.84 25.34
CA GLN D 129 -21.80 -2.71 24.19
C GLN D 129 -20.67 -3.70 24.49
N LEU D 130 -19.73 -3.27 25.33
CA LEU D 130 -18.59 -4.10 25.73
C LEU D 130 -19.06 -5.29 26.57
N THR D 131 -19.84 -5.01 27.60
CA THR D 131 -20.33 -6.05 28.50
C THR D 131 -21.38 -6.95 27.85
N SER D 132 -22.16 -6.38 26.93
CA SER D 132 -23.13 -7.15 26.15
C SER D 132 -22.45 -8.14 25.21
N PHE D 133 -21.31 -7.73 24.64
CA PHE D 133 -20.51 -8.63 23.80
C PHE D 133 -19.87 -9.73 24.63
N LEU D 134 -19.39 -9.38 25.83
CA LEU D 134 -18.77 -10.35 26.73
C LEU D 134 -19.79 -11.35 27.28
N LYS D 135 -21.03 -10.91 27.41
CA LYS D 135 -22.12 -11.77 27.89
C LYS D 135 -22.61 -12.73 26.81
N HIS D 136 -22.73 -12.22 25.58
CA HIS D 136 -23.38 -13.00 24.52
C HIS D 136 -22.42 -13.77 23.62
N GLN D 137 -21.11 -13.62 23.84
CA GLN D 137 -20.13 -14.38 23.07
C GLN D 137 -20.18 -15.87 23.39
N SER D 138 -19.89 -16.69 22.38
CA SER D 138 -20.01 -18.14 22.53
C SER D 138 -18.68 -18.87 22.37
N GLY D 139 -17.58 -18.13 22.59
CA GLY D 139 -16.23 -18.68 22.56
C GLY D 139 -15.77 -19.21 21.22
N ASP D 140 -16.29 -18.64 20.14
CA ASP D 140 -16.02 -19.11 18.80
C ASP D 140 -14.98 -18.25 18.08
N GLN D 141 -14.89 -18.40 16.77
CA GLN D 141 -14.00 -17.59 15.93
C GLN D 141 -14.43 -16.12 15.91
N ALA D 142 -15.74 -15.88 15.96
CA ALA D 142 -16.33 -14.55 15.98
C ALA D 142 -15.94 -13.77 17.24
N SER D 143 -16.01 -14.43 18.39
CA SER D 143 -15.61 -13.82 19.66
C SER D 143 -14.11 -13.54 19.68
N GLN D 144 -13.34 -14.49 19.14
CA GLN D 144 -11.89 -14.39 19.00
C GLN D 144 -11.46 -13.24 18.09
N TYR D 145 -12.17 -13.08 16.96
CA TYR D 145 -11.87 -12.01 16.02
C TYR D 145 -12.23 -10.62 16.55
N ALA D 146 -13.44 -10.49 17.09
CA ALA D 146 -13.94 -9.22 17.64
C ALA D 146 -13.07 -8.70 18.78
N ALA D 147 -12.62 -9.61 19.64
CA ALA D 147 -11.73 -9.26 20.75
C ALA D 147 -10.35 -8.80 20.27
N THR D 148 -9.83 -9.48 19.25
CA THR D 148 -8.58 -9.11 18.58
C THR D 148 -8.68 -7.70 17.99
N ARG D 149 -9.82 -7.37 17.40
CA ARG D 149 -10.10 -6.05 16.83
C ARG D 149 -10.26 -4.96 17.90
N LEU D 150 -10.91 -5.31 19.01
CA LEU D 150 -10.99 -4.44 20.18
C LEU D 150 -9.62 -4.09 20.76
N LEU D 151 -8.72 -5.08 20.80
CA LEU D 151 -7.35 -4.86 21.26
C LEU D 151 -6.50 -4.06 20.27
N GLN D 152 -6.83 -4.16 18.98
CA GLN D 152 -6.19 -3.36 17.95
C GLN D 152 -6.62 -1.90 18.06
N GLN D 153 -7.92 -1.70 18.27
CA GLN D 153 -8.51 -0.36 18.45
C GLN D 153 -8.08 0.25 19.78
N PHE D 154 -8.27 -0.50 20.87
CA PHE D 154 -7.94 -0.07 22.22
C PHE D 154 -6.95 -1.04 22.89
N PRO D 155 -5.63 -0.76 22.80
CA PRO D 155 -4.62 -1.57 23.51
C PRO D 155 -4.84 -1.72 25.02
N ASN D 156 -5.20 -0.63 25.70
CA ASN D 156 -5.54 -0.67 27.13
C ASN D 156 -7.05 -0.61 27.35
N VAL D 157 -7.77 -1.48 26.63
CA VAL D 157 -9.23 -1.55 26.66
C VAL D 157 -9.75 -1.83 28.07
N ALA D 158 -10.90 -1.27 28.40
CA ALA D 158 -11.61 -1.59 29.64
C ALA D 158 -11.91 -3.07 29.68
N MET D 159 -11.71 -3.68 30.85
CA MET D 159 -11.78 -5.13 31.04
C MET D 159 -10.86 -5.91 30.10
N LYS D 160 -9.60 -5.50 30.05
CA LYS D 160 -8.58 -6.07 29.18
C LYS D 160 -8.36 -7.56 29.39
N ASP D 161 -8.37 -7.97 30.66
CA ASP D 161 -8.15 -9.37 31.02
CA ASP D 161 -8.18 -9.37 31.07
C ASP D 161 -9.17 -10.30 30.38
N LEU D 162 -10.42 -9.86 30.28
CA LEU D 162 -11.49 -10.65 29.66
C LEU D 162 -11.40 -10.65 28.13
N VAL D 163 -11.08 -9.50 27.56
CA VAL D 163 -10.93 -9.36 26.11
C VAL D 163 -9.73 -10.16 25.57
N GLN D 164 -8.58 -10.07 26.26
CA GLN D 164 -7.37 -10.84 25.91
CA GLN D 164 -7.38 -10.83 25.87
C GLN D 164 -7.60 -12.34 25.94
N LYS D 165 -8.33 -12.80 26.96
CA LYS D 165 -8.70 -14.21 27.10
C LYS D 165 -9.53 -14.69 25.91
N LEU D 166 -10.44 -13.83 25.45
CA LEU D 166 -11.25 -14.09 24.27
C LEU D 166 -10.44 -14.10 22.97
N ALA D 167 -9.51 -13.14 22.85
CA ALA D 167 -8.62 -13.05 21.69
C ALA D 167 -7.63 -14.22 21.59
N SER D 168 -7.24 -14.76 22.75
CA SER D 168 -6.38 -15.95 22.80
C SER D 168 -7.15 -17.25 22.68
N LYS D 169 -8.47 -17.13 22.48
CA LYS D 169 -9.45 -18.21 22.43
C LYS D 169 -9.38 -19.18 23.62
N GLU D 170 -9.31 -18.60 24.82
CA GLU D 170 -9.34 -19.35 26.07
C GLU D 170 -10.76 -19.43 26.61
N GLU D 171 -11.13 -20.62 27.10
CA GLU D 171 -12.41 -20.81 27.77
C GLU D 171 -12.41 -20.11 29.11
N LEU D 172 -13.44 -19.33 29.37
CA LEU D 172 -13.51 -18.54 30.60
C LEU D 172 -13.99 -19.38 31.77
N SER D 173 -13.47 -19.07 32.95
CA SER D 173 -13.87 -19.76 34.17
C SER D 173 -15.29 -19.37 34.58
N THR D 174 -15.88 -20.17 35.47
CA THR D 174 -17.22 -19.91 36.03
C THR D 174 -17.26 -18.56 36.75
N ALA D 175 -16.19 -18.25 37.48
CA ALA D 175 -16.04 -16.96 38.18
C ALA D 175 -15.94 -15.78 37.21
N ASP D 176 -15.26 -16.00 36.08
CA ASP D 176 -15.18 -15.01 35.01
C ASP D 176 -16.54 -14.78 34.36
N ASN D 177 -17.23 -15.88 34.03
CA ASN D 177 -18.56 -15.82 33.43
C ASN D 177 -19.59 -15.17 34.34
N GLU D 178 -19.47 -15.41 35.64
CA GLU D 178 -20.38 -14.83 36.62
C GLU D 178 -20.15 -13.33 36.84
N MET D 179 -18.89 -12.89 36.77
CA MET D 179 -18.56 -11.47 36.85
C MET D 179 -19.11 -10.73 35.64
N ILE D 180 -19.00 -11.34 34.47
CA ILE D 180 -19.52 -10.78 33.22
C ILE D 180 -21.04 -10.63 33.27
N GLU D 181 -21.74 -11.67 33.73
CA GLU D 181 -23.20 -11.64 33.82
C GLU D 181 -23.66 -10.55 34.78
N LEU D 182 -22.95 -10.39 35.87
CA LEU D 182 -23.24 -9.36 36.87
C LEU D 182 -23.09 -7.94 36.32
N LEU D 183 -21.94 -7.66 35.71
CA LEU D 183 -21.62 -6.33 35.21
C LEU D 183 -22.41 -5.95 33.96
N ALA D 184 -22.77 -6.95 33.16
CA ALA D 184 -23.63 -6.76 31.99
C ALA D 184 -25.05 -6.41 32.39
N ARG D 185 -25.58 -7.10 33.41
CA ARG D 185 -26.88 -6.76 33.98
C ARG D 185 -26.91 -5.36 34.58
N PHE D 186 -25.86 -5.00 35.31
CA PHE D 186 -25.77 -3.64 35.85
C PHE D 186 -25.84 -2.63 34.74
N ASN D 187 -25.04 -2.85 33.69
CA ASN D 187 -25.02 -1.95 32.54
C ASN D 187 -26.36 -1.82 31.82
N GLU D 188 -27.06 -2.93 31.62
CA GLU D 188 -28.37 -2.85 30.97
C GLU D 188 -29.43 -2.20 31.85
N ARG D 189 -29.36 -2.41 33.16
CA ARG D 189 -30.26 -1.70 34.09
C ARG D 189 -29.93 -0.21 34.17
N GLN D 190 -28.64 0.11 34.02
CA GLN D 190 -28.16 1.48 34.08
C GLN D 190 -28.40 2.25 32.78
N ALA D 191 -28.24 1.57 31.65
CA ALA D 191 -28.48 2.17 30.33
C ALA D 191 -29.96 2.32 30.04
N SER D 192 -30.74 1.30 30.38
CA SER D 192 -32.18 1.36 30.13
C SER D 192 -32.89 2.09 31.26
N PHE D 193 -32.22 3.12 31.76
CA PHE D 193 -32.83 4.12 32.59
C PHE D 193 -32.29 5.52 32.29
N PHE D 194 -30.96 5.65 32.21
CA PHE D 194 -30.29 6.95 32.03
C PHE D 194 -30.08 7.36 30.58
N GLY D 195 -30.91 6.81 29.69
CA GLY D 195 -30.92 7.21 28.29
C GLY D 195 -32.32 7.39 27.76
N GLN D 196 -33.26 7.68 28.66
CA GLN D 196 -34.65 7.97 28.29
C GLN D 196 -34.80 9.45 27.92
N PHE D 197 -33.68 10.17 27.98
CA PHE D 197 -33.65 11.63 27.86
C PHE D 197 -32.33 12.11 27.27
N GLY D 201 -36.12 15.33 21.14
CA GLY D 201 -36.11 14.90 19.74
C GLY D 201 -37.25 15.46 18.92
N TYR D 202 -37.91 16.51 19.43
CA TYR D 202 -39.09 17.08 18.78
C TYR D 202 -38.80 17.92 17.54
N VAL D 203 -37.76 18.75 17.62
CA VAL D 203 -37.42 19.64 16.49
C VAL D 203 -36.74 18.87 15.34
N ASN D 204 -36.19 17.68 15.65
CA ASN D 204 -35.67 16.76 14.65
C ASN D 204 -36.79 16.16 13.79
N TYR D 205 -37.85 15.67 14.44
CA TYR D 205 -38.96 14.98 13.75
C TYR D 205 -39.70 15.89 12.76
N ASP D 206 -39.91 17.14 13.14
CA ASP D 206 -40.67 18.07 12.30
C ASP D 206 -39.86 18.64 11.13
N LYS D 207 -38.54 18.63 11.26
CA LYS D 207 -37.64 19.07 10.19
C LYS D 207 -37.29 17.94 9.23
N HIS D 208 -37.28 16.71 9.74
CA HIS D 208 -36.90 15.54 8.94
C HIS D 208 -38.07 14.79 8.32
N VAL D 209 -39.12 14.56 9.09
CA VAL D 209 -40.26 13.76 8.60
C VAL D 209 -41.46 14.62 8.22
N ALA D 210 -41.97 15.39 9.18
CA ALA D 210 -43.20 16.19 8.99
C ALA D 210 -43.16 17.21 7.85
N LYS D 211 -41.96 17.71 7.54
CA LYS D 211 -41.72 18.63 6.43
C LYS D 211 -42.07 18.03 5.07
N TYR D 212 -41.76 16.74 4.89
CA TYR D 212 -42.00 16.06 3.63
C TYR D 212 -43.32 15.29 3.59
N LEU D 213 -44.01 15.26 4.73
CA LEU D 213 -45.35 14.68 4.80
C LEU D 213 -46.37 15.62 4.15
N LYS D 214 -46.14 16.93 4.28
CA LYS D 214 -47.01 17.99 3.74
C LYS D 214 -47.03 18.05 2.23
N ILE D 215 -45.92 17.65 1.61
CA ILE D 215 -45.76 17.75 0.17
C ILE D 215 -46.24 16.50 -0.59
N LEU D 216 -46.49 15.41 0.14
CA LEU D 216 -46.87 14.14 -0.47
C LEU D 216 -48.39 13.98 -0.66
N PRO D 217 -48.81 13.21 -1.69
CA PRO D 217 -50.23 12.90 -1.84
C PRO D 217 -50.72 11.98 -0.72
N ASP D 218 -52.00 12.11 -0.37
CA ASP D 218 -52.62 11.24 0.64
C ASP D 218 -52.87 9.86 0.06
N GLN D 219 -53.07 9.80 -1.25
CA GLN D 219 -53.23 8.53 -1.97
C GLN D 219 -51.87 8.02 -2.44
N PHE D 220 -51.62 6.73 -2.27
CA PHE D 220 -50.35 6.16 -2.69
C PHE D 220 -50.34 5.71 -4.14
N SER D 221 -49.34 6.24 -4.86
CA SER D 221 -49.01 5.80 -6.21
CA SER D 221 -49.01 5.83 -6.22
C SER D 221 -47.55 6.17 -6.46
N TYR D 222 -46.80 5.22 -7.01
CA TYR D 222 -45.38 5.45 -7.32
C TYR D 222 -45.20 6.56 -8.38
N GLN D 223 -46.22 6.77 -9.20
CA GLN D 223 -46.17 7.77 -10.25
C GLN D 223 -46.35 9.20 -9.71
N ALA D 224 -47.31 9.39 -8.82
CA ALA D 224 -47.59 10.73 -8.26
C ALA D 224 -46.51 11.18 -7.27
N ILE D 225 -45.94 10.22 -6.55
CA ILE D 225 -44.82 10.49 -5.65
C ILE D 225 -43.58 10.84 -6.47
N GLU D 226 -43.33 10.09 -7.54
CA GLU D 226 -42.23 10.39 -8.47
C GLU D 226 -42.27 11.84 -8.98
N ASP D 227 -43.45 12.28 -9.40
CA ASP D 227 -43.65 13.65 -9.91
C ASP D 227 -43.35 14.72 -8.86
N VAL D 228 -43.75 14.47 -7.62
CA VAL D 228 -43.50 15.40 -6.51
C VAL D 228 -42.01 15.44 -6.17
N VAL D 229 -41.39 14.26 -6.20
CA VAL D 229 -39.99 14.09 -5.81
C VAL D 229 -39.01 14.55 -6.91
N LYS D 230 -39.32 14.23 -8.17
CA LYS D 230 -38.57 14.71 -9.34
C LYS D 230 -38.53 16.24 -9.40
N ALA D 231 -39.69 16.86 -9.14
CA ALA D 231 -39.81 18.32 -9.09
C ALA D 231 -38.92 18.92 -8.01
N ASP D 232 -38.91 18.29 -6.83
CA ASP D 232 -38.03 18.71 -5.73
C ASP D 232 -36.56 18.54 -6.09
N ALA D 233 -36.26 17.46 -6.82
CA ALA D 233 -34.91 17.15 -7.26
C ALA D 233 -34.39 18.16 -8.29
N GLU D 234 -35.22 18.51 -9.27
CA GLU D 234 -34.87 19.51 -10.30
C GLU D 234 -34.60 20.88 -9.69
N LYS D 235 -35.37 21.23 -8.67
CA LYS D 235 -35.27 22.50 -7.98
C LYS D 235 -33.99 22.56 -7.13
N ASN D 236 -33.63 21.44 -6.51
CA ASN D 236 -32.54 21.41 -5.54
C ASN D 236 -31.19 20.91 -6.03
N THR D 237 -31.09 20.58 -7.32
CA THR D 237 -29.81 20.22 -7.94
C THR D 237 -29.42 21.23 -9.02
N SER D 238 -29.91 22.45 -8.88
CA SER D 238 -29.92 23.39 -9.99
C SER D 238 -28.66 24.25 -10.14
N ASN D 239 -27.81 24.27 -9.11
CA ASN D 239 -26.59 25.10 -9.15
C ASN D 239 -25.36 24.42 -9.77
N ASN D 240 -25.54 23.19 -10.22
CA ASN D 240 -24.46 22.41 -10.82
C ASN D 240 -24.98 21.52 -11.94
N GLU D 241 -24.05 20.81 -12.61
CA GLU D 241 -24.39 20.00 -13.78
C GLU D 241 -24.29 18.50 -13.54
N MET D 242 -23.83 18.10 -12.35
CA MET D 242 -23.69 16.67 -12.04
C MET D 242 -24.74 16.10 -11.07
N GLY D 243 -25.86 16.82 -10.91
CA GLY D 243 -27.04 16.32 -10.20
C GLY D 243 -26.94 16.20 -8.68
N MET D 244 -26.07 16.99 -8.08
CA MET D 244 -25.89 16.99 -6.62
C MET D 244 -26.73 18.07 -5.97
N GLU D 245 -27.09 17.85 -4.72
CA GLU D 245 -27.89 18.79 -3.95
C GLU D 245 -27.14 20.10 -3.73
N ASN D 246 -27.87 21.22 -3.89
CA ASN D 246 -27.31 22.57 -3.87
C ASN D 246 -26.38 22.93 -2.71
N TYR D 247 -26.81 22.58 -1.50
CA TYR D 247 -26.05 22.91 -0.30
C TYR D 247 -24.79 22.05 -0.18
N PHE D 248 -24.89 20.80 -0.61
CA PHE D 248 -23.75 19.89 -0.63
C PHE D 248 -22.70 20.36 -1.61
N TYR D 249 -23.12 20.66 -2.84
CA TYR D 249 -22.21 21.13 -3.90
C TYR D 249 -21.45 22.38 -3.48
N ASN D 250 -22.18 23.37 -2.96
CA ASN D 250 -21.60 24.64 -2.54
C ASN D 250 -20.63 24.52 -1.36
N GLU D 251 -20.85 23.55 -0.49
CA GLU D 251 -20.00 23.37 0.69
C GLU D 251 -18.86 22.37 0.51
N GLN D 252 -19.08 21.31 -0.27
CA GLN D 252 -18.12 20.22 -0.34
C GLN D 252 -17.39 20.11 -1.68
N ILE D 253 -17.97 20.67 -2.74
CA ILE D 253 -17.44 20.52 -4.09
C ILE D 253 -16.95 21.83 -4.71
N LYS D 254 -17.86 22.83 -4.75
CA LYS D 254 -17.69 24.09 -5.49
C LYS D 254 -16.33 24.78 -5.36
N LYS D 255 -15.85 24.94 -4.13
CA LYS D 255 -14.58 25.63 -3.86
C LYS D 255 -13.37 24.77 -4.25
N ASP D 256 -13.45 23.48 -3.98
CA ASP D 256 -12.34 22.56 -4.16
C ASP D 256 -12.41 21.79 -5.49
N LEU D 257 -13.14 22.33 -6.45
CA LEU D 257 -13.42 21.65 -7.72
C LEU D 257 -12.18 21.23 -8.52
N LYS D 258 -11.17 22.11 -8.57
CA LYS D 258 -9.90 21.82 -9.24
CA LYS D 258 -9.91 21.81 -9.24
C LYS D 258 -9.09 20.78 -8.47
N LYS D 259 -9.13 20.88 -7.14
CA LYS D 259 -8.36 20.02 -6.23
CA LYS D 259 -8.37 20.02 -6.25
C LYS D 259 -8.86 18.57 -6.24
N LEU D 260 -10.12 18.38 -6.63
CA LEU D 260 -10.77 17.06 -6.60
C LEU D 260 -10.65 16.24 -7.88
N LYS D 261 -10.29 16.90 -8.98
CA LYS D 261 -10.13 16.25 -10.28
CA LYS D 261 -10.12 16.25 -10.28
C LYS D 261 -8.96 15.25 -10.23
N ASP D 262 -9.27 13.99 -10.57
CA ASP D 262 -8.33 12.84 -10.55
C ASP D 262 -7.78 12.49 -9.16
N SER D 263 -8.48 12.91 -8.11
CA SER D 263 -8.02 12.73 -6.73
C SER D 263 -8.18 11.32 -6.19
N GLN D 264 -8.94 10.49 -6.91
CA GLN D 264 -9.29 9.15 -6.47
C GLN D 264 -8.87 8.06 -7.47
N LYS D 265 -7.80 8.34 -8.21
CA LYS D 265 -7.23 7.39 -9.17
C LYS D 265 -6.57 6.20 -8.49
N SER D 266 -6.02 6.42 -7.31
CA SER D 266 -5.33 5.39 -6.55
C SER D 266 -6.28 4.61 -5.63
N PHE D 267 -7.51 5.09 -5.53
CA PHE D 267 -8.52 4.55 -4.62
C PHE D 267 -8.99 3.18 -5.05
N THR D 268 -8.77 2.18 -4.19
CA THR D 268 -9.22 0.82 -4.44
C THR D 268 -9.83 0.20 -3.18
N TYR D 269 -10.93 -0.53 -3.37
CA TYR D 269 -11.70 -1.07 -2.25
C TYR D 269 -11.66 -2.58 -2.15
N LEU D 270 -10.80 -3.21 -2.97
CA LEU D 270 -10.72 -4.67 -3.05
C LEU D 270 -10.03 -5.33 -1.86
N LYS D 271 -9.09 -4.61 -1.25
CA LYS D 271 -8.38 -5.14 -0.08
C LYS D 271 -8.78 -4.34 1.16
N SER D 272 -9.32 -5.02 2.17
CA SER D 272 -9.84 -4.37 3.37
C SER D 272 -10.04 -5.30 4.55
N PRO D 273 -9.74 -4.82 5.78
CA PRO D 273 -10.20 -5.50 6.99
C PRO D 273 -11.72 -5.50 7.18
N GLU D 274 -12.43 -4.66 6.42
CA GLU D 274 -13.89 -4.56 6.45
C GLU D 274 -14.60 -5.83 5.98
N TYR D 275 -13.96 -6.59 5.10
CA TYR D 275 -14.47 -7.90 4.69
C TYR D 275 -14.54 -8.86 5.86
N ASN D 276 -13.54 -8.79 6.74
CA ASN D 276 -13.51 -9.58 7.95
C ASN D 276 -14.56 -9.07 8.97
N ASP D 277 -14.64 -7.75 9.13
CA ASP D 277 -15.68 -7.11 9.98
C ASP D 277 -17.10 -7.44 9.52
N LEU D 278 -17.33 -7.42 8.20
CA LEU D 278 -18.63 -7.85 7.63
C LEU D 278 -19.02 -9.26 8.06
N GLN D 279 -18.03 -10.15 8.14
CA GLN D 279 -18.26 -11.56 8.48
C GLN D 279 -18.79 -11.75 9.92
N LEU D 280 -18.48 -10.79 10.80
CA LEU D 280 -19.03 -10.78 12.15
C LEU D 280 -20.54 -10.56 12.15
N VAL D 281 -20.96 -9.57 11.37
CA VAL D 281 -22.37 -9.23 11.19
C VAL D 281 -23.14 -10.40 10.57
N LEU D 282 -22.55 -11.02 9.54
CA LEU D 282 -23.12 -12.23 8.91
C LEU D 282 -23.20 -13.42 9.85
N THR D 283 -22.21 -13.59 10.72
CA THR D 283 -22.21 -14.64 11.76
C THR D 283 -23.30 -14.39 12.80
N GLN D 284 -23.42 -13.13 13.23
CA GLN D 284 -24.47 -12.72 14.16
C GLN D 284 -25.87 -12.86 13.54
N PHE D 285 -25.98 -12.56 12.25
CA PHE D 285 -27.23 -12.74 11.51
C PHE D 285 -27.68 -14.21 11.48
N SER D 286 -26.72 -15.12 11.33
CA SER D 286 -26.96 -16.56 11.32
C SER D 286 -27.41 -17.10 12.68
N LYS D 287 -26.69 -16.71 13.74
CA LYS D 287 -27.00 -17.13 15.11
C LYS D 287 -28.38 -16.68 15.58
N SER D 288 -28.74 -15.46 15.21
CA SER D 288 -29.98 -14.83 15.67
C SER D 288 -31.12 -15.08 14.70
N LYS D 289 -30.85 -15.86 13.64
CA LYS D 289 -31.81 -16.18 12.57
C LYS D 289 -32.50 -14.96 11.98
N VAL D 290 -31.73 -13.90 11.72
CA VAL D 290 -32.29 -12.71 11.09
C VAL D 290 -32.27 -12.82 9.56
N ASN D 291 -33.32 -12.29 8.93
CA ASN D 291 -33.48 -12.29 7.48
C ASN D 291 -33.26 -10.91 6.88
N PRO D 292 -32.02 -10.62 6.45
CA PRO D 292 -31.70 -9.28 6.00
C PRO D 292 -31.98 -9.05 4.52
N ILE D 293 -32.28 -7.81 4.18
CA ILE D 293 -32.14 -7.34 2.81
C ILE D 293 -30.90 -6.45 2.77
N PHE D 294 -29.96 -6.81 1.91
CA PHE D 294 -28.74 -6.04 1.74
C PHE D 294 -28.85 -5.04 0.60
N ILE D 295 -28.44 -3.80 0.89
CA ILE D 295 -28.51 -2.71 -0.07
C ILE D 295 -27.10 -2.29 -0.48
N ILE D 296 -26.85 -2.30 -1.79
CA ILE D 296 -25.56 -1.84 -2.32
C ILE D 296 -25.76 -0.58 -3.18
N PRO D 297 -25.32 0.58 -2.65
CA PRO D 297 -25.47 1.87 -3.33
C PRO D 297 -24.50 2.04 -4.51
N PRO D 298 -24.83 2.94 -5.47
CA PRO D 298 -23.85 3.35 -6.48
C PRO D 298 -23.04 4.57 -6.03
N VAL D 299 -22.17 5.04 -6.92
CA VAL D 299 -21.53 6.34 -6.79
C VAL D 299 -21.93 7.15 -8.03
N ASN D 300 -22.27 8.42 -7.80
CA ASN D 300 -22.55 9.40 -8.85
C ASN D 300 -21.57 9.25 -10.01
N LYS D 301 -22.09 8.87 -11.17
CA LYS D 301 -21.28 8.46 -12.33
C LYS D 301 -20.44 9.60 -12.88
N LYS D 302 -21.03 10.78 -12.97
CA LYS D 302 -20.35 11.99 -13.42
C LYS D 302 -19.22 12.37 -12.48
N TRP D 303 -19.45 12.14 -11.19
CA TRP D 303 -18.47 12.40 -10.15
C TRP D 303 -17.30 11.43 -10.19
N MET D 304 -17.60 10.14 -10.37
CA MET D 304 -16.57 9.11 -10.30
C MET D 304 -15.65 9.14 -11.53
N ASP D 305 -16.17 9.66 -12.65
CA ASP D 305 -15.37 9.90 -13.84
C ASP D 305 -14.48 11.13 -13.69
N TYR D 306 -15.02 12.18 -13.08
CA TYR D 306 -14.26 13.40 -12.79
C TYR D 306 -13.15 13.18 -11.77
N ALA D 307 -13.44 12.42 -10.71
CA ALA D 307 -12.49 12.16 -9.64
C ALA D 307 -11.56 10.99 -9.94
N GLY D 308 -11.85 10.25 -11.01
CA GLY D 308 -11.00 9.15 -11.44
C GLY D 308 -11.19 7.88 -10.64
N LEU D 309 -12.32 7.79 -9.95
CA LEU D 309 -12.67 6.60 -9.19
C LEU D 309 -13.13 5.54 -10.19
N ARG D 310 -12.42 4.42 -10.25
CA ARG D 310 -12.60 3.42 -11.30
C ARG D 310 -13.85 2.58 -11.13
N GLU D 311 -14.62 2.45 -12.21
CA GLU D 311 -15.88 1.71 -12.17
C GLU D 311 -15.70 0.19 -12.27
N ASP D 312 -14.60 -0.25 -12.87
CA ASP D 312 -14.30 -1.68 -12.94
C ASP D 312 -13.79 -2.21 -11.59
N MET D 313 -13.06 -1.37 -10.85
CA MET D 313 -12.66 -1.67 -9.47
C MET D 313 -13.89 -1.75 -8.59
N TYR D 314 -14.79 -0.77 -8.76
CA TYR D 314 -16.00 -0.65 -7.96
C TYR D 314 -16.91 -1.86 -8.13
N GLN D 315 -17.07 -2.31 -9.38
CA GLN D 315 -17.84 -3.51 -9.67
C GLN D 315 -17.18 -4.81 -9.20
N GLN D 316 -15.85 -4.84 -9.19
CA GLN D 316 -15.11 -5.99 -8.70
C GLN D 316 -15.22 -6.11 -7.17
N THR D 317 -15.30 -4.95 -6.52
CA THR D 317 -15.59 -4.86 -5.09
C THR D 317 -16.99 -5.39 -4.80
N VAL D 318 -17.98 -4.91 -5.55
CA VAL D 318 -19.37 -5.35 -5.45
C VAL D 318 -19.49 -6.87 -5.64
N GLN D 319 -18.76 -7.40 -6.62
CA GLN D 319 -18.72 -8.84 -6.88
C GLN D 319 -18.10 -9.63 -5.73
N LYS D 320 -17.07 -9.06 -5.08
CA LYS D 320 -16.42 -9.70 -3.93
C LYS D 320 -17.33 -9.72 -2.72
N ILE D 321 -18.01 -8.59 -2.47
CA ILE D 321 -19.01 -8.46 -1.40
C ILE D 321 -20.16 -9.44 -1.61
N ARG D 322 -20.67 -9.49 -2.85
CA ARG D 322 -21.80 -10.35 -3.19
C ARG D 322 -21.47 -11.83 -3.08
N TYR D 323 -20.22 -12.20 -3.35
CA TYR D 323 -19.79 -13.58 -3.17
C TYR D 323 -19.73 -13.94 -1.68
N GLN D 324 -19.28 -13.01 -0.85
CA GLN D 324 -19.27 -13.21 0.59
C GLN D 324 -20.70 -13.39 1.13
N LEU D 325 -21.67 -12.74 0.48
CA LEU D 325 -23.07 -12.85 0.88
C LEU D 325 -23.70 -14.14 0.34
N GLU D 326 -23.75 -14.28 -0.98
CA GLU D 326 -24.45 -15.38 -1.66
C GLU D 326 -23.92 -16.76 -1.37
N SER D 327 -22.61 -16.91 -1.23
CA SER D 327 -22.00 -18.22 -0.96
C SER D 327 -22.28 -18.75 0.45
N GLN D 328 -22.83 -17.90 1.30
CA GLN D 328 -23.16 -18.28 2.66
C GLN D 328 -24.66 -18.41 2.89
N GLY D 329 -25.45 -18.12 1.85
CA GLY D 329 -26.90 -18.27 1.90
C GLY D 329 -27.69 -16.97 1.98
N PHE D 330 -27.00 -15.83 1.97
CA PHE D 330 -27.63 -14.51 1.96
C PHE D 330 -27.87 -14.04 0.52
N THR D 331 -29.13 -14.11 0.08
CA THR D 331 -29.46 -13.86 -1.33
C THR D 331 -30.45 -12.70 -1.57
N ASN D 332 -30.90 -12.05 -0.50
CA ASN D 332 -31.73 -10.86 -0.65
C ASN D 332 -30.84 -9.64 -0.79
N ILE D 333 -30.51 -9.31 -2.03
CA ILE D 333 -29.62 -8.19 -2.33
C ILE D 333 -30.30 -7.22 -3.30
N ALA D 334 -30.53 -5.99 -2.82
CA ALA D 334 -30.97 -4.91 -3.69
C ALA D 334 -29.73 -4.17 -4.17
N ASP D 335 -29.26 -4.55 -5.35
CA ASP D 335 -28.01 -4.06 -5.92
C ASP D 335 -28.23 -2.87 -6.85
N PHE D 336 -27.96 -1.67 -6.34
CA PHE D 336 -28.12 -0.44 -7.12
C PHE D 336 -26.80 0.14 -7.59
N SER D 337 -25.74 -0.67 -7.57
CA SER D 337 -24.38 -0.19 -7.83
C SER D 337 -24.14 0.32 -9.24
N LYS D 338 -24.93 -0.17 -10.19
CA LYS D 338 -24.81 0.21 -11.59
C LYS D 338 -25.76 1.36 -11.99
N ASP D 339 -26.42 1.95 -11.00
CA ASP D 339 -27.42 3.00 -11.22
C ASP D 339 -26.92 4.42 -10.95
N GLY D 340 -25.61 4.62 -10.95
CA GLY D 340 -25.02 5.94 -10.67
C GLY D 340 -25.24 7.02 -11.72
N GLY D 341 -25.67 6.63 -12.92
CA GLY D 341 -25.96 7.58 -14.00
C GLY D 341 -27.42 7.88 -14.20
N GLU D 342 -28.28 7.23 -13.42
CA GLU D 342 -29.73 7.41 -13.48
C GLU D 342 -30.15 8.81 -13.01
N PRO D 343 -31.14 9.42 -13.71
CA PRO D 343 -31.64 10.75 -13.37
C PRO D 343 -32.22 10.87 -11.96
N PHE D 344 -31.70 11.83 -11.20
CA PHE D 344 -32.15 12.19 -9.85
C PHE D 344 -32.16 11.02 -8.84
N PHE D 345 -31.25 10.09 -9.05
CA PHE D 345 -31.16 8.87 -8.28
C PHE D 345 -30.39 9.09 -6.98
N MET D 346 -29.66 10.19 -6.90
CA MET D 346 -28.75 10.41 -5.79
C MET D 346 -28.76 11.83 -5.23
N LYS D 347 -28.55 11.93 -3.92
CA LYS D 347 -28.55 13.21 -3.23
C LYS D 347 -27.21 13.92 -3.41
N ASP D 348 -26.13 13.15 -3.39
CA ASP D 348 -24.79 13.69 -3.46
C ASP D 348 -23.84 12.77 -4.22
N THR D 349 -22.59 12.70 -3.78
CA THR D 349 -21.57 11.86 -4.40
C THR D 349 -21.85 10.37 -4.21
N ILE D 350 -22.28 9.99 -3.00
CA ILE D 350 -22.31 8.58 -2.57
C ILE D 350 -23.63 8.08 -1.97
N HIS D 351 -24.53 9.01 -1.64
CA HIS D 351 -25.78 8.65 -0.98
C HIS D 351 -26.98 8.60 -1.92
N LEU D 352 -27.82 7.58 -1.73
CA LEU D 352 -29.13 7.48 -2.37
C LEU D 352 -30.01 8.64 -1.95
N GLY D 353 -30.76 9.16 -2.90
CA GLY D 353 -31.65 10.28 -2.66
C GLY D 353 -32.75 10.30 -3.69
N TRP D 354 -33.79 11.07 -3.40
CA TRP D 354 -34.93 11.28 -4.30
C TRP D 354 -35.46 10.02 -5.00
N LEU D 355 -35.18 9.87 -6.29
CA LEU D 355 -35.70 8.74 -7.08
C LEU D 355 -35.02 7.42 -6.76
N GLY D 356 -33.80 7.49 -6.26
CA GLY D 356 -33.07 6.32 -5.78
C GLY D 356 -33.71 5.74 -4.55
N TRP D 357 -34.30 6.62 -3.72
CA TRP D 357 -35.14 6.21 -2.59
C TRP D 357 -36.42 5.49 -3.02
N LEU D 358 -36.94 5.82 -4.21
CA LEU D 358 -38.09 5.11 -4.78
C LEU D 358 -37.72 3.73 -5.31
N ALA D 359 -36.50 3.61 -5.83
CA ALA D 359 -35.97 2.31 -6.27
C ALA D 359 -35.60 1.45 -5.07
N PHE D 360 -35.11 2.10 -4.01
CA PHE D 360 -34.91 1.51 -2.69
C PHE D 360 -36.21 0.88 -2.21
N ASP D 361 -37.29 1.67 -2.30
CA ASP D 361 -38.61 1.24 -1.84
C ASP D 361 -39.23 0.07 -2.61
N LYS D 362 -39.05 0.04 -3.93
CA LYS D 362 -39.58 -1.05 -4.77
C LYS D 362 -38.95 -2.39 -4.46
N ALA D 363 -37.78 -2.36 -3.82
CA ALA D 363 -37.10 -3.54 -3.34
C ALA D 363 -37.41 -3.82 -1.86
N VAL D 364 -37.40 -2.77 -1.05
CA VAL D 364 -37.53 -2.94 0.41
C VAL D 364 -38.97 -3.16 0.88
N ASP D 365 -39.90 -2.34 0.40
CA ASP D 365 -41.31 -2.43 0.80
C ASP D 365 -41.99 -3.80 0.60
N PRO D 366 -41.85 -4.45 -0.59
CA PRO D 366 -42.40 -5.81 -0.70
C PRO D 366 -41.75 -6.84 0.24
N PHE D 367 -40.47 -6.64 0.55
CA PHE D 367 -39.73 -7.53 1.45
C PHE D 367 -40.24 -7.43 2.88
N LEU D 368 -40.41 -6.20 3.36
CA LEU D 368 -40.79 -5.96 4.75
C LEU D 368 -42.29 -6.11 5.01
N SER D 369 -43.12 -5.82 4.01
CA SER D 369 -44.58 -5.93 4.15
C SER D 369 -45.08 -7.37 4.08
N ASN D 370 -44.25 -8.26 3.53
CA ASN D 370 -44.53 -9.69 3.52
C ASN D 370 -43.43 -10.43 4.26
N PRO D 371 -43.48 -10.48 5.61
CA PRO D 371 -42.41 -11.09 6.41
C PRO D 371 -42.28 -12.59 6.17
N THR D 372 -41.02 -13.04 6.09
CA THR D 372 -40.69 -14.43 5.83
C THR D 372 -39.52 -14.85 6.73
N PRO D 373 -39.55 -16.10 7.24
CA PRO D 373 -38.42 -16.58 8.05
C PRO D 373 -37.13 -16.72 7.25
N ALA D 374 -36.00 -16.51 7.94
CA ALA D 374 -34.67 -16.66 7.36
C ALA D 374 -34.39 -18.09 6.94
N PRO D 375 -33.62 -18.28 5.84
CA PRO D 375 -33.21 -19.64 5.48
C PRO D 375 -32.05 -20.14 6.34
N THR D 376 -31.63 -21.39 6.11
CA THR D 376 -30.45 -21.94 6.76
C THR D 376 -29.23 -21.38 6.06
N TYR D 377 -28.35 -20.75 6.83
CA TYR D 377 -27.11 -20.20 6.31
C TYR D 377 -25.97 -21.19 6.49
N HIS D 378 -25.05 -21.21 5.52
CA HIS D 378 -23.86 -22.06 5.60
C HIS D 378 -22.61 -21.19 5.70
N LEU D 379 -22.23 -20.86 6.94
CA LEU D 379 -21.11 -19.96 7.22
C LEU D 379 -19.76 -20.54 6.85
N ASN D 380 -18.89 -19.67 6.32
CA ASN D 380 -17.54 -20.03 5.93
C ASN D 380 -16.56 -19.18 6.74
N GLU D 381 -15.82 -19.85 7.64
CA GLU D 381 -14.93 -19.16 8.58
C GLU D 381 -13.65 -18.58 7.96
N ARG D 382 -13.38 -18.94 6.70
CA ARG D 382 -12.26 -18.37 5.96
C ARG D 382 -12.46 -16.90 5.55
N PHE D 383 -13.70 -16.40 5.70
CA PHE D 383 -14.00 -15.00 5.45
C PHE D 383 -13.50 -14.08 6.57
N PHE D 384 -13.03 -14.67 7.68
CA PHE D 384 -12.42 -13.95 8.81
C PHE D 384 -10.91 -13.74 8.64
N SER D 385 -10.34 -14.34 7.59
CA SER D 385 -8.89 -14.40 7.41
C SER D 385 -8.30 -13.19 6.67
N LYS D 386 -6.97 -13.07 6.75
CA LYS D 386 -6.22 -12.02 6.06
C LYS D 386 -6.17 -12.29 4.56
N ASP D 387 -6.17 -13.58 4.19
CA ASP D 387 -6.19 -14.02 2.79
C ASP D 387 -7.41 -13.53 2.04
N TRP D 388 -8.58 -13.59 2.68
CA TRP D 388 -9.81 -13.06 2.11
C TRP D 388 -9.82 -11.54 2.14
N ALA D 389 -9.26 -10.97 3.21
CA ALA D 389 -9.18 -9.52 3.37
C ALA D 389 -8.36 -8.85 2.26
N THR D 390 -7.30 -9.53 1.82
CA THR D 390 -6.37 -9.00 0.81
C THR D 390 -6.59 -9.57 -0.59
N TYR D 391 -7.70 -10.26 -0.79
CA TYR D 391 -7.95 -11.01 -2.03
C TYR D 391 -8.22 -10.12 -3.25
N ASP D 392 -7.50 -10.39 -4.33
CA ASP D 392 -7.52 -9.58 -5.55
C ASP D 392 -8.34 -10.14 -6.71
N GLY D 393 -8.35 -11.47 -6.81
CA GLY D 393 -8.83 -12.14 -8.02
C GLY D 393 -10.34 -12.19 -8.23
N ASP D 394 -10.74 -12.94 -9.26
CA ASP D 394 -12.15 -13.15 -9.57
C ASP D 394 -12.80 -14.11 -8.61
N VAL D 395 -14.07 -13.87 -8.34
CA VAL D 395 -14.90 -14.78 -7.55
C VAL D 395 -15.49 -15.86 -8.48
N LYS D 396 -15.33 -15.62 -9.79
CA LYS D 396 -15.62 -16.57 -10.87
C LYS D 396 -14.79 -17.85 -10.72
N GLU D 397 -13.57 -17.69 -10.20
CA GLU D 397 -12.64 -18.79 -9.87
C GLU D 397 -13.27 -19.84 -8.95
N PHE D 398 -13.91 -19.38 -7.88
CA PHE D 398 -14.55 -20.27 -6.91
C PHE D 398 -15.88 -20.81 -7.45
N MET E 7 26.79 8.96 -21.00
CA MET E 7 27.12 10.29 -20.41
C MET E 7 28.60 10.38 -20.03
N HIS E 8 29.24 11.47 -20.42
CA HIS E 8 30.68 11.67 -20.18
C HIS E 8 30.98 12.44 -18.90
N HIS E 9 32.02 12.02 -18.18
CA HIS E 9 32.34 12.57 -16.87
C HIS E 9 33.78 13.07 -16.76
N ASN E 10 33.99 14.10 -15.96
CA ASN E 10 35.32 14.59 -15.62
C ASN E 10 35.32 15.04 -14.18
N LEU E 11 36.03 14.30 -13.32
CA LEU E 11 35.95 14.46 -11.87
C LEU E 11 36.38 15.83 -11.37
N GLY E 12 37.42 16.39 -11.97
CA GLY E 12 37.91 17.71 -11.61
C GLY E 12 36.93 18.82 -11.89
N ALA E 13 36.32 18.78 -13.08
CA ALA E 13 35.32 19.75 -13.52
C ALA E 13 34.09 19.71 -12.63
N GLU E 14 33.72 18.49 -12.26
CA GLU E 14 32.58 18.21 -11.40
C GLU E 14 32.80 18.70 -9.98
N LYS E 15 34.03 18.53 -9.48
CA LYS E 15 34.43 19.01 -8.16
C LYS E 15 34.45 20.52 -8.11
N ARG E 16 34.91 21.16 -9.19
CA ARG E 16 34.92 22.62 -9.30
C ARG E 16 33.52 23.18 -9.42
N SER E 17 32.64 22.46 -10.13
CA SER E 17 31.23 22.79 -10.20
C SER E 17 30.56 22.70 -8.84
N ALA E 18 30.89 21.64 -8.11
CA ALA E 18 30.30 21.36 -6.79
C ALA E 18 30.50 22.46 -5.76
N VAL E 19 31.63 23.17 -5.83
CA VAL E 19 31.92 24.27 -4.88
C VAL E 19 31.92 25.67 -5.51
N ALA E 20 31.65 25.72 -6.81
CA ALA E 20 31.57 26.98 -7.57
C ALA E 20 30.68 28.01 -6.90
N THR E 21 29.51 27.54 -6.43
CA THR E 21 28.45 28.38 -5.86
C THR E 21 28.19 29.63 -6.70
N THR E 22 27.91 29.39 -7.98
CA THR E 22 27.58 30.45 -8.92
C THR E 22 26.14 30.25 -9.38
N ILE E 23 25.64 31.19 -10.18
CA ILE E 23 24.31 31.10 -10.76
C ILE E 23 24.23 29.92 -11.75
N ASP E 24 25.29 29.77 -12.55
CA ASP E 24 25.41 28.67 -13.51
C ASP E 24 25.47 27.30 -12.84
N SER E 25 26.13 27.21 -11.70
CA SER E 25 26.27 25.94 -10.98
C SER E 25 24.94 25.48 -10.36
N PHE E 26 24.03 26.42 -10.14
CA PHE E 26 22.68 26.12 -9.67
C PHE E 26 21.73 25.79 -10.82
N LYS E 27 21.75 26.62 -11.87
CA LYS E 27 20.67 26.64 -12.84
C LYS E 27 20.88 25.78 -14.09
N GLU E 28 22.12 25.63 -14.52
CA GLU E 28 22.34 24.91 -15.76
C GLU E 28 22.46 23.42 -15.51
N ARG E 29 21.83 22.64 -16.39
CA ARG E 29 21.68 21.20 -16.24
C ARG E 29 23.01 20.45 -16.18
N SER E 30 23.89 20.75 -17.13
CA SER E 30 25.13 20.01 -17.33
C SER E 30 26.00 19.90 -16.08
N GLN E 31 26.20 21.02 -15.38
CA GLN E 31 27.11 21.05 -14.23
C GLN E 31 26.67 20.17 -13.07
N LYS E 32 25.39 20.26 -12.71
CA LYS E 32 24.87 19.45 -11.60
C LYS E 32 24.54 18.00 -11.95
N VAL E 33 24.08 17.74 -13.17
CA VAL E 33 23.74 16.38 -13.58
C VAL E 33 24.96 15.47 -13.69
N ARG E 34 26.01 15.95 -14.37
CA ARG E 34 27.26 15.21 -14.56
CA ARG E 34 27.23 15.17 -14.55
C ARG E 34 27.87 14.77 -13.23
N ALA E 35 27.84 15.68 -12.26
CA ALA E 35 28.36 15.43 -10.92
C ALA E 35 27.51 14.41 -10.16
N LEU E 36 26.20 14.62 -10.12
CA LEU E 36 25.30 13.75 -9.36
C LEU E 36 25.04 12.38 -10.01
N SER E 37 25.54 12.19 -11.22
CA SER E 37 25.43 10.92 -11.93
C SER E 37 26.79 10.24 -12.09
N ASP E 38 27.82 10.81 -11.46
CA ASP E 38 29.18 10.28 -11.52
C ASP E 38 29.29 8.94 -10.80
N PRO E 39 29.67 7.88 -11.53
CA PRO E 39 29.71 6.52 -11.00
C PRO E 39 30.87 6.26 -10.02
N ASN E 40 31.92 7.05 -10.10
CA ASN E 40 33.09 6.89 -9.23
C ASN E 40 32.95 7.57 -7.86
N VAL E 41 32.59 8.85 -7.87
CA VAL E 41 32.49 9.65 -6.65
C VAL E 41 31.04 10.06 -6.41
N ARG E 42 30.61 9.93 -5.16
CA ARG E 42 29.26 10.26 -4.74
C ARG E 42 29.12 11.75 -4.38
N PHE E 43 28.46 12.51 -5.25
CA PHE E 43 28.09 13.90 -4.92
C PHE E 43 26.70 13.95 -4.31
N VAL E 44 26.53 14.79 -3.30
CA VAL E 44 25.30 14.86 -2.54
C VAL E 44 24.74 16.27 -2.62
N PRO E 45 23.48 16.41 -3.08
CA PRO E 45 22.83 17.72 -3.15
C PRO E 45 22.70 18.39 -1.78
N PHE E 46 23.27 19.59 -1.67
CA PHE E 46 23.20 20.43 -0.48
C PHE E 46 22.37 21.64 -0.85
N PHE E 47 21.07 21.58 -0.62
CA PHE E 47 20.17 22.68 -1.01
C PHE E 47 20.15 23.77 0.06
N GLY E 48 20.21 25.02 -0.40
CA GLY E 48 20.21 26.19 0.48
C GLY E 48 20.11 27.47 -0.33
N SER E 49 20.51 28.58 0.28
CA SER E 49 20.54 29.87 -0.41
C SER E 49 21.93 30.52 -0.35
N SER E 50 22.14 31.42 0.61
CA SER E 50 23.43 32.10 0.75
C SER E 50 24.36 31.38 1.71
N GLU E 51 23.86 30.32 2.35
CA GLU E 51 24.58 29.62 3.42
C GLU E 51 25.87 28.91 3.00
N TRP E 52 25.98 28.51 1.74
CA TRP E 52 27.19 27.84 1.28
C TRP E 52 28.26 28.83 0.82
N LEU E 53 27.87 30.08 0.59
CA LEU E 53 28.73 31.09 -0.05
C LEU E 53 30.00 31.45 0.73
N ARG E 54 29.90 31.47 2.05
CA ARG E 54 31.04 31.87 2.90
C ARG E 54 31.76 30.67 3.47
N PHE E 55 33.02 30.54 3.10
CA PHE E 55 33.83 29.37 3.37
C PHE E 55 34.77 29.61 4.54
N ASP E 56 34.97 28.59 5.34
CA ASP E 56 36.05 28.58 6.34
C ASP E 56 36.63 27.16 6.45
N GLY E 57 37.44 26.94 7.48
CA GLY E 57 38.12 25.65 7.66
C GLY E 57 37.19 24.49 7.99
N ALA E 58 36.00 24.82 8.49
CA ALA E 58 35.02 23.81 8.90
C ALA E 58 33.86 23.63 7.93
N HIS E 59 33.87 24.40 6.84
CA HIS E 59 32.86 24.30 5.77
C HIS E 59 32.76 22.86 5.26
N PRO E 60 31.52 22.36 5.07
CA PRO E 60 31.24 21.01 4.56
C PRO E 60 32.09 20.61 3.35
N ALA E 61 32.25 21.53 2.40
CA ALA E 61 33.03 21.31 1.19
C ALA E 61 34.51 21.17 1.50
N VAL E 62 35.00 21.97 2.44
CA VAL E 62 36.41 21.95 2.83
C VAL E 62 36.76 20.66 3.60
N LEU E 63 35.92 20.30 4.57
CA LEU E 63 36.12 19.10 5.38
C LEU E 63 36.11 17.80 4.55
N ALA E 64 35.22 17.74 3.56
CA ALA E 64 35.05 16.54 2.75
C ALA E 64 36.21 16.29 1.80
N GLU E 65 36.87 17.37 1.38
CA GLU E 65 38.02 17.26 0.48
C GLU E 65 39.30 16.90 1.22
N LYS E 66 39.59 17.64 2.30
CA LYS E 66 40.78 17.41 3.12
C LYS E 66 40.82 15.97 3.67
N TYR E 67 39.69 15.50 4.17
CA TYR E 67 39.64 14.22 4.85
C TYR E 67 39.13 13.07 3.99
N ASN E 68 39.06 13.33 2.68
CA ASN E 68 38.70 12.33 1.66
C ASN E 68 37.52 11.45 2.06
N ARG E 69 36.40 12.11 2.38
CA ARG E 69 35.18 11.45 2.83
C ARG E 69 34.52 10.70 1.69
N SER E 70 33.59 9.80 2.02
CA SER E 70 32.91 8.94 1.05
C SER E 70 31.87 9.67 0.19
N TYR E 71 31.71 10.97 0.43
CA TYR E 71 30.84 11.84 -0.35
C TYR E 71 31.51 13.19 -0.60
N ARG E 72 30.93 13.96 -1.53
CA ARG E 72 31.27 15.38 -1.71
C ARG E 72 29.99 16.19 -1.81
N PRO E 73 29.92 17.34 -1.09
CA PRO E 73 28.77 18.24 -1.24
C PRO E 73 28.72 18.91 -2.61
N TYR E 74 27.54 18.91 -3.24
CA TYR E 74 27.29 19.80 -4.37
C TYR E 74 26.40 20.92 -3.84
N LEU E 75 26.94 22.14 -3.83
CA LEU E 75 26.31 23.26 -3.14
C LEU E 75 25.30 23.96 -4.05
N LEU E 76 24.03 23.67 -3.82
CA LEU E 76 22.92 24.21 -4.61
C LEU E 76 22.29 25.41 -3.92
N GLY E 77 22.45 26.58 -4.49
CA GLY E 77 21.80 27.76 -3.96
C GLY E 77 22.54 29.05 -4.17
N GLN E 78 21.78 30.14 -4.17
CA GLN E 78 22.31 31.49 -4.31
C GLN E 78 21.48 32.41 -3.44
N GLY E 79 22.00 33.61 -3.18
CA GLY E 79 21.31 34.62 -2.39
C GLY E 79 19.96 34.99 -2.96
N GLY E 80 18.90 34.62 -2.24
CA GLY E 80 17.54 34.95 -2.62
C GLY E 80 16.74 33.79 -3.17
N ALA E 81 17.33 32.60 -3.15
CA ALA E 81 16.66 31.40 -3.63
C ALA E 81 15.97 30.70 -2.47
N ALA E 82 14.72 30.31 -2.69
CA ALA E 82 13.97 29.54 -1.70
C ALA E 82 13.32 28.34 -2.41
N SER E 83 12.29 27.76 -1.79
CA SER E 83 11.71 26.47 -2.20
C SER E 83 11.11 26.40 -3.60
N LEU E 84 10.62 27.53 -4.11
CA LEU E 84 10.07 27.56 -5.47
C LEU E 84 11.18 27.36 -6.50
N ASN E 85 12.29 28.09 -6.36
CA ASN E 85 13.49 27.90 -7.17
C ASN E 85 14.06 26.48 -7.09
N GLN E 86 14.08 25.93 -5.88
CA GLN E 86 14.60 24.57 -5.65
C GLN E 86 13.77 23.53 -6.36
N TYR E 87 12.45 23.67 -6.29
CA TYR E 87 11.51 22.77 -6.97
C TYR E 87 11.76 22.68 -8.47
N PHE E 88 11.97 23.82 -9.09
CA PHE E 88 12.17 23.90 -10.54
C PHE E 88 13.53 23.35 -10.96
N GLY E 89 14.54 23.56 -10.13
CA GLY E 89 15.87 22.98 -10.35
C GLY E 89 15.87 21.47 -10.28
N MET E 90 15.02 20.91 -9.41
CA MET E 90 14.91 19.45 -9.21
C MET E 90 14.41 18.73 -10.46
N GLN E 91 13.58 19.41 -11.24
CA GLN E 91 13.00 18.86 -12.48
C GLN E 91 14.03 18.62 -13.58
N GLN E 92 15.21 19.23 -13.43
CA GLN E 92 16.33 19.03 -14.35
C GLN E 92 17.14 17.80 -13.95
N MET E 93 16.94 17.34 -12.71
CA MET E 93 17.81 16.32 -12.14
C MET E 93 17.05 15.23 -11.38
N LEU E 94 15.83 14.93 -11.83
CA LEU E 94 14.99 13.91 -11.20
C LEU E 94 15.61 12.50 -11.09
N PRO E 95 16.23 11.96 -12.18
CA PRO E 95 16.84 10.63 -12.03
C PRO E 95 18.07 10.59 -11.10
N GLN E 96 18.69 11.74 -10.86
CA GLN E 96 19.85 11.82 -9.99
C GLN E 96 19.46 12.02 -8.53
N LEU E 97 18.17 12.21 -8.27
CA LEU E 97 17.65 12.38 -6.92
C LEU E 97 16.92 11.14 -6.41
N GLU E 98 16.59 10.24 -7.34
CA GLU E 98 15.81 9.03 -7.06
C GLU E 98 16.55 8.11 -6.09
N ASN E 99 15.92 7.86 -4.93
CA ASN E 99 16.46 6.98 -3.87
C ASN E 99 17.79 7.43 -3.26
N LYS E 100 17.94 8.73 -3.06
CA LYS E 100 19.22 9.27 -2.59
C LYS E 100 19.08 10.25 -1.41
N GLN E 101 20.16 10.45 -0.67
CA GLN E 101 20.16 11.38 0.46
C GLN E 101 20.52 12.79 0.01
N VAL E 102 19.85 13.78 0.61
CA VAL E 102 20.16 15.20 0.38
C VAL E 102 20.22 16.00 1.71
N VAL E 103 20.72 17.23 1.61
CA VAL E 103 20.68 18.20 2.70
C VAL E 103 19.78 19.34 2.27
N TYR E 104 18.80 19.70 3.10
CA TYR E 104 17.90 20.80 2.79
C TYR E 104 17.82 21.82 3.94
N VAL E 105 18.45 22.98 3.75
CA VAL E 105 18.37 24.06 4.72
C VAL E 105 17.00 24.75 4.63
N ILE E 106 16.31 24.88 5.77
CA ILE E 106 15.06 25.65 5.85
C ILE E 106 15.22 26.86 6.77
N SER E 107 15.54 28.00 6.17
CA SER E 107 15.76 29.24 6.92
C SER E 107 14.44 29.96 7.18
N PRO E 108 14.11 30.21 8.47
CA PRO E 108 12.88 30.91 8.88
C PRO E 108 12.73 32.35 8.33
N GLN E 109 13.82 32.98 7.93
CA GLN E 109 13.74 34.33 7.36
CA GLN E 109 13.82 34.32 7.32
C GLN E 109 13.20 34.35 5.92
N TRP E 110 13.12 33.18 5.28
CA TRP E 110 12.53 33.05 3.94
C TRP E 110 11.03 33.23 4.01
N PHE E 111 10.48 33.06 5.22
CA PHE E 111 9.05 32.98 5.44
C PHE E 111 8.39 34.34 5.74
N SER E 112 8.78 35.37 5.01
CA SER E 112 8.15 36.70 5.09
C SER E 112 6.76 36.68 4.45
N LYS E 113 5.95 37.69 4.75
CA LYS E 113 4.53 37.70 4.34
C LYS E 113 4.31 37.77 2.82
N ASN E 114 5.24 38.39 2.10
CA ASN E 114 5.17 38.47 0.65
C ASN E 114 5.86 37.31 -0.04
N GLY E 115 6.66 36.57 0.72
CA GLY E 115 7.40 35.41 0.21
C GLY E 115 8.75 35.77 -0.37
N TYR E 116 9.16 35.03 -1.40
CA TYR E 116 10.48 35.18 -2.01
C TYR E 116 10.59 36.48 -2.81
N ASP E 117 11.81 36.84 -3.19
CA ASP E 117 12.07 38.02 -4.01
C ASP E 117 11.92 37.65 -5.49
N PRO E 118 10.97 38.31 -6.20
CA PRO E 118 10.76 38.09 -7.64
C PRO E 118 11.98 38.43 -8.50
N ALA E 119 12.79 39.39 -8.06
CA ALA E 119 14.02 39.79 -8.75
C ALA E 119 15.13 38.73 -8.60
N ALA E 120 15.09 38.00 -7.49
CA ALA E 120 16.04 36.92 -7.26
C ALA E 120 15.68 35.69 -8.09
N PHE E 121 14.38 35.34 -8.09
CA PHE E 121 13.84 34.19 -8.83
C PHE E 121 14.22 34.17 -10.30
N GLN E 122 14.09 35.33 -10.95
CA GLN E 122 14.36 35.53 -12.37
C GLN E 122 15.76 35.10 -12.81
N GLN E 123 16.71 35.20 -11.89
CA GLN E 123 18.11 34.92 -12.14
C GLN E 123 18.44 33.43 -12.19
N TYR E 124 17.60 32.61 -11.54
CA TYR E 124 17.91 31.19 -11.40
C TYR E 124 16.99 30.30 -12.22
N PHE E 125 15.90 30.88 -12.71
CA PHE E 125 14.95 30.16 -13.54
C PHE E 125 15.35 30.31 -15.01
N ASN E 126 15.31 29.21 -15.76
CA ASN E 126 15.58 29.26 -17.20
C ASN E 126 14.63 28.38 -18.01
N GLY E 127 14.81 28.37 -19.33
CA GLY E 127 13.92 27.66 -20.24
C GLY E 127 13.97 26.16 -20.12
N ASP E 128 15.14 25.64 -19.74
CA ASP E 128 15.33 24.22 -19.47
C ASP E 128 14.51 23.80 -18.26
N GLN E 129 14.46 24.66 -17.24
CA GLN E 129 13.61 24.45 -16.08
C GLN E 129 12.13 24.54 -16.44
N LEU E 130 11.78 25.51 -17.28
CA LEU E 130 10.40 25.67 -17.76
C LEU E 130 9.93 24.39 -18.49
N THR E 131 10.71 23.92 -19.45
CA THR E 131 10.30 22.74 -20.23
C THR E 131 10.41 21.41 -19.47
N SER E 132 11.32 21.34 -18.50
CA SER E 132 11.40 20.19 -17.59
C SER E 132 10.19 20.12 -16.67
N PHE E 133 9.72 21.28 -16.21
CA PHE E 133 8.48 21.39 -15.45
C PHE E 133 7.29 20.82 -16.23
N LEU E 134 7.16 21.24 -17.48
CA LEU E 134 6.03 20.83 -18.33
C LEU E 134 6.07 19.36 -18.73
N LYS E 135 7.28 18.82 -18.88
CA LYS E 135 7.45 17.42 -19.27
C LYS E 135 7.18 16.47 -18.12
N HIS E 136 7.58 16.88 -16.91
CA HIS E 136 7.52 15.98 -15.76
C HIS E 136 6.29 16.13 -14.86
N GLN E 137 5.40 17.07 -15.21
CA GLN E 137 4.15 17.24 -14.48
C GLN E 137 3.26 16.00 -14.60
N SER E 138 2.61 15.64 -13.49
CA SER E 138 1.74 14.47 -13.46
C SER E 138 0.27 14.86 -13.36
N GLY E 139 -0.02 16.14 -13.57
CA GLY E 139 -1.37 16.66 -13.50
C GLY E 139 -1.96 16.71 -12.10
N ASP E 140 -1.08 16.78 -11.10
CA ASP E 140 -1.50 16.77 -9.70
C ASP E 140 -1.58 18.17 -9.10
N GLN E 141 -1.67 18.23 -7.77
CA GLN E 141 -1.73 19.47 -7.02
C GLN E 141 -0.41 20.24 -7.10
N ALA E 142 0.70 19.51 -7.14
CA ALA E 142 2.04 20.10 -7.29
C ALA E 142 2.18 20.87 -8.61
N SER E 143 1.76 20.26 -9.71
CA SER E 143 1.79 20.91 -11.02
C SER E 143 0.84 22.09 -11.08
N GLN E 144 -0.36 21.90 -10.55
CA GLN E 144 -1.38 22.94 -10.50
C GLN E 144 -0.90 24.17 -9.71
N TYR E 145 -0.34 23.94 -8.52
CA TYR E 145 0.14 25.02 -7.66
C TYR E 145 1.35 25.75 -8.26
N ALA E 146 2.33 24.97 -8.77
CA ALA E 146 3.57 25.52 -9.33
C ALA E 146 3.34 26.39 -10.56
N ALA E 147 2.41 25.97 -11.41
CA ALA E 147 2.04 26.72 -12.61
C ALA E 147 1.38 28.06 -12.26
N THR E 148 0.54 28.06 -11.23
CA THR E 148 -0.10 29.28 -10.71
C THR E 148 0.94 30.28 -10.18
N ARG E 149 1.91 29.77 -9.43
CA ARG E 149 3.00 30.59 -8.89
C ARG E 149 3.89 31.18 -9.98
N LEU E 150 4.13 30.37 -11.02
CA LEU E 150 4.92 30.78 -12.17
C LEU E 150 4.22 31.92 -12.92
N LEU E 151 2.90 31.86 -13.02
CA LEU E 151 2.11 32.91 -13.70
C LEU E 151 1.97 34.19 -12.87
N GLN E 152 2.18 34.09 -11.56
CA GLN E 152 2.24 35.29 -10.71
C GLN E 152 3.59 35.96 -10.93
N GLN E 153 4.63 35.13 -11.04
CA GLN E 153 5.99 35.58 -11.28
C GLN E 153 6.17 36.13 -12.70
N PHE E 154 5.72 35.37 -13.68
CA PHE E 154 5.79 35.76 -15.08
C PHE E 154 4.40 35.73 -15.74
N PRO E 155 3.65 36.85 -15.66
CA PRO E 155 2.32 36.94 -16.27
C PRO E 155 2.30 36.68 -17.79
N ASN E 156 3.40 37.01 -18.47
CA ASN E 156 3.55 36.78 -19.91
C ASN E 156 4.67 35.78 -20.21
N VAL E 157 4.66 34.65 -19.51
CA VAL E 157 5.66 33.59 -19.62
C VAL E 157 5.70 32.98 -21.03
N ALA E 158 6.88 32.51 -21.45
CA ALA E 158 6.99 31.70 -22.65
C ALA E 158 6.14 30.44 -22.49
N MET E 159 5.44 30.07 -23.56
CA MET E 159 4.44 28.99 -23.56
C MET E 159 3.37 29.21 -22.50
N LYS E 160 2.77 30.40 -22.53
CA LYS E 160 1.68 30.82 -21.65
C LYS E 160 0.52 29.83 -21.57
N ASP E 161 0.06 29.36 -22.74
CA ASP E 161 -1.15 28.53 -22.84
C ASP E 161 -1.03 27.19 -22.11
N LEU E 162 0.17 26.62 -22.12
CA LEU E 162 0.43 25.33 -21.50
C LEU E 162 0.55 25.43 -19.98
N VAL E 163 1.14 26.53 -19.51
CA VAL E 163 1.26 26.80 -18.08
C VAL E 163 -0.12 27.15 -17.51
N GLN E 164 -0.90 27.92 -18.28
CA GLN E 164 -2.28 28.26 -17.92
C GLN E 164 -3.17 27.02 -17.79
N LYS E 165 -3.00 26.07 -18.71
CA LYS E 165 -3.75 24.81 -18.68
C LYS E 165 -3.46 24.01 -17.41
N LEU E 166 -2.20 24.01 -16.99
CA LEU E 166 -1.79 23.35 -15.75
C LEU E 166 -2.32 24.07 -14.52
N ALA E 167 -2.33 25.40 -14.58
CA ALA E 167 -2.84 26.24 -13.49
C ALA E 167 -4.34 26.06 -13.25
N SER E 168 -5.10 25.91 -14.33
CA SER E 168 -6.55 25.77 -14.26
C SER E 168 -7.02 24.32 -14.33
N LYS E 169 -6.07 23.39 -14.19
CA LYS E 169 -6.32 21.93 -14.18
C LYS E 169 -6.90 21.33 -15.47
N GLU E 170 -6.74 22.05 -16.57
CA GLU E 170 -7.23 21.61 -17.88
C GLU E 170 -6.38 20.50 -18.47
N GLU E 171 -7.01 19.72 -19.36
CA GLU E 171 -6.38 18.60 -20.03
C GLU E 171 -5.50 19.10 -21.17
N LEU E 172 -4.23 18.74 -21.15
CA LEU E 172 -3.33 19.05 -22.26
C LEU E 172 -3.68 18.15 -23.43
N SER E 173 -3.66 18.71 -24.63
CA SER E 173 -3.99 17.96 -25.83
C SER E 173 -2.80 17.10 -26.26
N THR E 174 -3.06 16.13 -27.13
CA THR E 174 -2.04 15.25 -27.67
C THR E 174 -0.97 16.04 -28.43
N ALA E 175 -1.43 17.03 -29.20
CA ALA E 175 -0.54 17.92 -29.96
C ALA E 175 0.27 18.82 -29.02
N ASP E 176 -0.35 19.26 -27.93
CA ASP E 176 0.31 20.01 -26.88
C ASP E 176 1.42 19.18 -26.21
N ASN E 177 1.08 17.95 -25.81
CA ASN E 177 2.01 17.00 -25.19
C ASN E 177 3.19 16.67 -26.09
N GLU E 178 2.98 16.66 -27.40
CA GLU E 178 4.05 16.40 -28.35
C GLU E 178 4.97 17.61 -28.51
N MET E 179 4.38 18.80 -28.55
CA MET E 179 5.19 20.03 -28.53
C MET E 179 6.10 20.07 -27.30
N ILE E 180 5.51 19.77 -26.13
CA ILE E 180 6.24 19.73 -24.85
C ILE E 180 7.42 18.78 -24.88
N GLU E 181 7.17 17.54 -25.30
CA GLU E 181 8.20 16.50 -25.31
C GLU E 181 9.33 16.79 -26.28
N LEU E 182 9.00 17.43 -27.40
CA LEU E 182 9.98 17.85 -28.40
C LEU E 182 10.88 18.99 -27.91
N LEU E 183 10.29 20.03 -27.33
CA LEU E 183 11.07 21.18 -26.86
C LEU E 183 11.88 20.85 -25.61
N ALA E 184 11.36 19.93 -24.80
CA ALA E 184 12.03 19.47 -23.58
C ALA E 184 13.29 18.66 -23.90
N ARG E 185 13.19 17.78 -24.88
CA ARG E 185 14.29 16.95 -25.34
C ARG E 185 15.40 17.81 -25.94
N PHE E 186 14.99 18.82 -26.73
CA PHE E 186 15.91 19.75 -27.36
C PHE E 186 16.68 20.55 -26.32
N ASN E 187 15.97 21.08 -25.34
CA ASN E 187 16.58 21.79 -24.21
C ASN E 187 17.55 20.93 -23.41
N GLU E 188 17.20 19.67 -23.19
CA GLU E 188 18.09 18.77 -22.47
C GLU E 188 19.29 18.31 -23.30
N ARG E 189 19.14 18.28 -24.63
CA ARG E 189 20.26 18.02 -25.54
C ARG E 189 21.19 19.23 -25.62
N GLN E 190 20.58 20.41 -25.73
CA GLN E 190 21.28 21.68 -25.86
C GLN E 190 22.05 22.04 -24.60
N ALA E 191 21.39 21.95 -23.45
CA ALA E 191 21.98 22.29 -22.15
C ALA E 191 23.08 21.31 -21.71
N SER E 192 23.00 20.07 -22.16
CA SER E 192 24.03 19.07 -21.84
C SER E 192 25.33 19.34 -22.58
N PHE E 193 25.21 19.81 -23.82
CA PHE E 193 26.38 20.13 -24.65
C PHE E 193 26.99 21.49 -24.30
N PHE E 194 26.17 22.53 -24.27
CA PHE E 194 26.67 23.90 -24.13
C PHE E 194 27.02 24.31 -22.70
N GLY E 195 26.53 23.56 -21.72
CA GLY E 195 26.79 23.85 -20.31
C GLY E 195 28.07 23.24 -19.74
N GLN E 196 28.98 22.82 -20.61
CA GLN E 196 30.26 22.25 -20.18
C GLN E 196 31.45 23.14 -20.55
N PHE E 197 31.16 24.32 -21.08
CA PHE E 197 32.18 25.25 -21.53
C PHE E 197 32.25 26.52 -20.67
N SER E 198 31.38 26.61 -19.67
CA SER E 198 31.27 27.81 -18.82
C SER E 198 32.40 27.94 -17.79
N ARG E 200 34.33 30.47 -14.33
CA ARG E 200 35.59 30.55 -13.59
C ARG E 200 35.71 29.40 -12.60
N GLY E 201 36.17 28.26 -13.10
CA GLY E 201 36.25 27.03 -12.32
C GLY E 201 37.38 26.99 -11.31
N TYR E 202 38.59 27.23 -11.78
CA TYR E 202 39.82 26.99 -11.02
C TYR E 202 40.10 28.02 -9.92
N VAL E 203 39.81 29.29 -10.21
CA VAL E 203 40.07 30.40 -9.27
C VAL E 203 39.14 30.31 -8.04
N ASN E 204 37.88 29.94 -8.29
CA ASN E 204 36.90 29.72 -7.22
C ASN E 204 37.26 28.55 -6.31
N TYR E 205 37.86 27.51 -6.88
CA TYR E 205 38.28 26.34 -6.10
C TYR E 205 39.40 26.69 -5.12
N ASP E 206 40.35 27.52 -5.57
CA ASP E 206 41.49 27.93 -4.74
C ASP E 206 41.11 28.94 -3.66
N LYS E 207 40.12 29.78 -3.97
CA LYS E 207 39.62 30.79 -3.02
C LYS E 207 38.73 30.17 -1.95
N HIS E 208 37.84 29.26 -2.37
CA HIS E 208 36.86 28.66 -1.47
C HIS E 208 37.38 27.44 -0.71
N VAL E 209 38.03 26.52 -1.41
CA VAL E 209 38.42 25.24 -0.81
C VAL E 209 39.91 25.17 -0.44
N ALA E 210 40.78 25.38 -1.42
CA ALA E 210 42.23 25.14 -1.27
C ALA E 210 42.97 26.09 -0.33
N LYS E 211 42.38 27.27 -0.12
CA LYS E 211 42.86 28.25 0.86
C LYS E 211 42.81 27.68 2.28
N TYR E 212 41.78 26.89 2.56
CA TYR E 212 41.52 26.37 3.90
C TYR E 212 42.03 24.95 4.14
N LEU E 213 42.42 24.26 3.07
CA LEU E 213 43.06 22.93 3.19
C LEU E 213 44.44 23.05 3.84
N LYS E 214 45.15 24.12 3.51
CA LYS E 214 46.48 24.43 4.06
C LYS E 214 46.43 24.64 5.57
N ILE E 215 45.29 25.13 6.04
CA ILE E 215 45.10 25.58 7.41
C ILE E 215 44.72 24.42 8.35
N LEU E 216 44.29 23.31 7.75
CA LEU E 216 43.75 22.15 8.47
C LEU E 216 44.79 21.07 8.80
N PRO E 217 44.62 20.37 9.95
CA PRO E 217 45.45 19.19 10.26
C PRO E 217 45.17 18.03 9.31
N ASP E 218 46.19 17.20 9.09
CA ASP E 218 46.08 16.05 8.18
C ASP E 218 45.28 14.89 8.76
N GLN E 219 45.11 14.88 10.08
CA GLN E 219 44.31 13.87 10.75
C GLN E 219 43.06 14.48 11.37
N PHE E 220 41.92 13.85 11.13
CA PHE E 220 40.63 14.36 11.58
C PHE E 220 40.40 14.19 13.07
N SER E 221 40.20 15.33 13.74
CA SER E 221 39.69 15.37 15.11
C SER E 221 38.96 16.69 15.29
N TYR E 222 37.83 16.65 15.99
CA TYR E 222 36.97 17.83 16.17
C TYR E 222 37.63 18.94 16.99
N GLN E 223 38.51 18.56 17.91
CA GLN E 223 39.18 19.51 18.79
C GLN E 223 40.29 20.30 18.09
N ALA E 224 41.08 19.62 17.25
CA ALA E 224 42.18 20.25 16.53
C ALA E 224 41.72 21.16 15.40
N ILE E 225 40.57 20.82 14.81
CA ILE E 225 39.94 21.66 13.79
C ILE E 225 39.32 22.88 14.45
N GLU E 226 38.68 22.67 15.61
CA GLU E 226 38.08 23.73 16.41
C GLU E 226 39.06 24.84 16.79
N ASP E 227 40.29 24.45 17.14
CA ASP E 227 41.34 25.38 17.58
C ASP E 227 41.80 26.35 16.48
N VAL E 228 41.91 25.84 15.25
CA VAL E 228 42.29 26.66 14.10
C VAL E 228 41.12 27.54 13.66
N VAL E 229 39.93 26.95 13.68
CA VAL E 229 38.68 27.61 13.30
C VAL E 229 38.31 28.75 14.28
N LYS E 230 38.51 28.51 15.57
CA LYS E 230 38.26 29.52 16.61
C LYS E 230 39.23 30.69 16.49
N ALA E 231 40.48 30.39 16.16
CA ALA E 231 41.52 31.40 15.94
C ALA E 231 41.23 32.26 14.72
N ASP E 232 40.68 31.65 13.67
CA ASP E 232 40.25 32.37 12.46
C ASP E 232 39.04 33.26 12.77
N ALA E 233 38.17 32.78 13.64
CA ALA E 233 36.98 33.51 14.07
C ALA E 233 37.35 34.70 14.95
N GLU E 234 38.28 34.49 15.88
CA GLU E 234 38.73 35.52 16.83
C GLU E 234 39.38 36.71 16.13
N LYS E 235 40.16 36.43 15.09
CA LYS E 235 40.85 37.45 14.32
C LYS E 235 39.90 38.20 13.37
N ASN E 236 38.84 37.53 12.94
CA ASN E 236 37.91 38.11 11.97
C ASN E 236 36.58 38.60 12.54
N THR E 237 36.44 38.58 13.87
CA THR E 237 35.34 39.27 14.55
C THR E 237 35.94 40.37 15.41
N SER E 238 36.64 41.28 14.75
CA SER E 238 37.57 42.21 15.42
C SER E 238 37.06 43.65 15.56
N ASN E 239 35.86 43.93 15.06
CA ASN E 239 35.29 45.28 15.18
C ASN E 239 33.90 45.36 15.83
N ASN E 240 33.34 44.20 16.19
CA ASN E 240 32.04 44.15 16.83
C ASN E 240 31.99 43.23 18.05
N GLU E 241 31.03 43.48 18.94
CA GLU E 241 30.87 42.68 20.15
C GLU E 241 29.79 41.61 20.01
N MET E 242 29.20 41.51 18.81
CA MET E 242 28.19 40.49 18.52
C MET E 242 28.71 39.27 17.74
N GLY E 243 30.00 39.30 17.39
CA GLY E 243 30.66 38.17 16.77
C GLY E 243 30.37 37.97 15.29
N MET E 244 30.39 39.06 14.54
CA MET E 244 30.16 39.04 13.09
C MET E 244 31.46 39.25 12.33
N GLU E 245 31.48 38.80 11.08
CA GLU E 245 32.63 39.01 10.19
C GLU E 245 32.84 40.49 9.93
N ASN E 246 34.11 40.91 9.92
CA ASN E 246 34.51 42.31 9.72
C ASN E 246 34.08 42.89 8.37
N TYR E 247 34.07 42.07 7.34
CA TYR E 247 33.71 42.50 5.98
C TYR E 247 32.21 42.71 5.85
N PHE E 248 31.42 41.86 6.52
CA PHE E 248 29.96 41.97 6.54
C PHE E 248 29.50 43.15 7.38
N TYR E 249 30.17 43.36 8.51
CA TYR E 249 29.84 44.42 9.46
C TYR E 249 30.02 45.81 8.86
N ASN E 250 31.10 46.00 8.09
CA ASN E 250 31.38 47.28 7.43
C ASN E 250 30.45 47.58 6.27
N GLU E 251 29.86 46.54 5.68
CA GLU E 251 28.99 46.69 4.50
C GLU E 251 27.51 46.83 4.84
N GLN E 252 27.07 46.15 5.89
CA GLN E 252 25.65 46.15 6.27
C GLN E 252 25.34 46.96 7.54
N ILE E 253 25.96 46.58 8.65
CA ILE E 253 25.65 47.17 9.97
C ILE E 253 26.79 48.05 10.49
N LYS E 254 26.98 49.20 9.85
CA LYS E 254 27.97 50.19 10.29
C LYS E 254 27.42 51.58 9.96
N LYS E 255 27.32 51.86 8.66
CA LYS E 255 26.62 53.05 8.19
C LYS E 255 25.13 52.76 8.28
N ASP E 256 24.42 53.62 9.03
CA ASP E 256 23.00 53.43 9.39
C ASP E 256 22.73 52.17 10.24
N LEU E 257 23.50 52.02 11.32
CA LEU E 257 23.21 50.99 12.33
C LEU E 257 22.23 51.53 13.38
N LYS E 258 22.10 52.86 13.43
CA LYS E 258 21.22 53.55 14.38
C LYS E 258 19.74 53.38 14.03
N LYS E 259 19.44 53.32 12.72
CA LYS E 259 18.08 53.09 12.26
C LYS E 259 17.66 51.61 12.35
N LEU E 260 18.62 50.75 12.66
CA LEU E 260 18.39 49.31 12.80
C LEU E 260 18.01 48.91 14.24
N LYS E 261 17.98 49.89 15.14
CA LYS E 261 17.54 49.69 16.52
C LYS E 261 16.02 49.51 16.56
N ASP E 262 15.59 48.35 17.05
CA ASP E 262 14.17 47.95 17.16
C ASP E 262 13.40 47.94 15.83
N SER E 263 14.09 47.59 14.75
CA SER E 263 13.49 47.54 13.40
C SER E 263 12.61 46.32 13.21
N GLN E 264 12.99 45.22 13.85
CA GLN E 264 12.32 43.94 13.62
C GLN E 264 11.34 43.56 14.74
N LYS E 265 10.70 44.59 15.33
CA LYS E 265 9.65 44.37 16.32
C LYS E 265 8.35 43.91 15.67
N SER E 266 8.05 44.46 14.50
CA SER E 266 6.83 44.12 13.75
C SER E 266 7.02 42.93 12.80
N PHE E 267 8.28 42.54 12.61
CA PHE E 267 8.66 41.42 11.74
C PHE E 267 8.10 40.09 12.27
N THR E 268 7.39 39.37 11.41
CA THR E 268 6.82 38.06 11.76
C THR E 268 6.88 37.06 10.61
N TYR E 269 7.36 35.85 10.89
CA TYR E 269 7.53 34.82 9.87
C TYR E 269 6.48 33.71 9.95
N LEU E 270 5.38 33.99 10.64
CA LEU E 270 4.33 32.99 10.88
C LEU E 270 3.42 32.77 9.68
N LYS E 271 3.18 33.84 8.92
CA LYS E 271 2.29 33.77 7.76
C LYS E 271 3.05 34.03 6.47
N SER E 272 3.08 33.04 5.59
CA SER E 272 3.90 33.09 4.38
C SER E 272 3.41 32.14 3.30
N PRO E 273 3.50 32.57 2.01
CA PRO E 273 3.31 31.63 0.89
C PRO E 273 4.44 30.61 0.75
N GLU E 274 5.56 30.86 1.44
CA GLU E 274 6.72 29.96 1.48
C GLU E 274 6.40 28.58 2.07
N TYR E 275 5.43 28.53 2.98
CA TYR E 275 4.92 27.26 3.52
C TYR E 275 4.31 26.40 2.42
N ASN E 276 3.58 27.04 1.50
CA ASN E 276 3.03 26.34 0.33
C ASN E 276 4.13 25.94 -0.67
N ASP E 277 5.13 26.83 -0.83
CA ASP E 277 6.30 26.60 -1.69
C ASP E 277 7.13 25.41 -1.19
N LEU E 278 7.27 25.30 0.13
CA LEU E 278 7.98 24.19 0.77
C LEU E 278 7.31 22.85 0.50
N GLN E 279 5.98 22.87 0.41
CA GLN E 279 5.18 21.68 0.19
C GLN E 279 5.44 21.03 -1.18
N LEU E 280 5.79 21.85 -2.17
CA LEU E 280 6.23 21.39 -3.49
C LEU E 280 7.47 20.52 -3.40
N VAL E 281 8.46 21.01 -2.67
CA VAL E 281 9.73 20.32 -2.40
C VAL E 281 9.47 18.97 -1.68
N LEU E 282 8.63 19.00 -0.66
CA LEU E 282 8.30 17.79 0.11
C LEU E 282 7.51 16.78 -0.72
N THR E 283 6.71 17.28 -1.66
CA THR E 283 5.95 16.43 -2.59
C THR E 283 6.93 15.70 -3.52
N GLN E 284 7.89 16.45 -4.07
CA GLN E 284 8.89 15.88 -4.96
C GLN E 284 9.82 14.92 -4.23
N PHE E 285 10.16 15.24 -2.98
CA PHE E 285 10.95 14.36 -2.14
C PHE E 285 10.25 13.00 -1.90
N SER E 286 8.93 13.03 -1.81
CA SER E 286 8.14 11.80 -1.66
C SER E 286 8.09 10.98 -2.95
N LYS E 287 7.95 11.65 -4.10
CA LYS E 287 7.88 10.98 -5.40
C LYS E 287 9.22 10.37 -5.80
N SER E 288 10.29 11.06 -5.43
CA SER E 288 11.65 10.63 -5.74
C SER E 288 12.30 9.82 -4.62
N LYS E 289 11.54 9.61 -3.53
CA LYS E 289 11.99 8.83 -2.37
C LYS E 289 13.35 9.29 -1.83
N VAL E 290 13.53 10.60 -1.71
CA VAL E 290 14.80 11.09 -1.19
C VAL E 290 14.78 11.02 0.34
N ASN E 291 15.96 10.86 0.93
CA ASN E 291 16.09 10.91 2.38
C ASN E 291 16.77 12.20 2.81
N PRO E 292 15.98 13.26 3.04
CA PRO E 292 16.60 14.54 3.37
C PRO E 292 16.95 14.68 4.84
N ILE E 293 18.03 15.41 5.11
CA ILE E 293 18.23 15.97 6.45
C ILE E 293 17.97 17.47 6.36
N PHE E 294 17.11 17.96 7.24
CA PHE E 294 16.75 19.38 7.25
C PHE E 294 17.56 20.15 8.29
N ILE E 295 17.95 21.36 7.93
CA ILE E 295 18.76 22.20 8.82
C ILE E 295 18.03 23.51 9.07
N ILE E 296 17.68 23.76 10.32
CA ILE E 296 17.03 25.01 10.71
C ILE E 296 18.04 25.89 11.46
N PRO E 297 18.49 26.99 10.82
CA PRO E 297 19.48 27.89 11.40
C PRO E 297 18.88 28.80 12.46
N PRO E 298 19.72 29.30 13.39
CA PRO E 298 19.30 30.39 14.26
C PRO E 298 19.65 31.76 13.68
N VAL E 299 19.38 32.80 14.46
CA VAL E 299 19.83 34.17 14.18
C VAL E 299 20.82 34.54 15.30
N ASN E 300 21.75 35.45 15.00
CA ASN E 300 22.64 36.03 16.00
C ASN E 300 21.83 36.65 17.15
N LYS E 301 22.03 36.11 18.35
CA LYS E 301 21.22 36.44 19.53
C LYS E 301 21.42 37.87 20.03
N LYS E 302 22.64 38.38 19.92
CA LYS E 302 22.94 39.76 20.24
C LYS E 302 22.33 40.74 19.23
N TRP E 303 22.24 40.29 17.97
CA TRP E 303 21.57 41.06 16.93
C TRP E 303 20.05 41.07 17.13
N MET E 304 19.47 39.92 17.51
CA MET E 304 18.02 39.81 17.65
C MET E 304 17.46 40.42 18.94
N ASP E 305 18.34 40.92 19.80
CA ASP E 305 17.96 41.75 20.93
C ASP E 305 18.11 43.24 20.60
N TYR E 306 19.09 43.55 19.76
CA TYR E 306 19.32 44.91 19.27
C TYR E 306 18.23 45.32 18.27
N ALA E 307 17.92 44.41 17.35
CA ALA E 307 16.90 44.65 16.33
C ALA E 307 15.49 44.32 16.83
N GLY E 308 15.42 43.62 17.96
CA GLY E 308 14.14 43.34 18.62
C GLY E 308 13.30 42.28 17.95
N LEU E 309 13.96 41.27 17.38
CA LEU E 309 13.28 40.12 16.77
C LEU E 309 12.82 39.18 17.88
N ARG E 310 11.53 38.83 17.88
CA ARG E 310 10.93 38.03 18.95
C ARG E 310 11.35 36.56 18.92
N GLU E 311 11.78 36.07 20.07
CA GLU E 311 12.13 34.65 20.25
C GLU E 311 10.88 33.80 20.40
N ASP E 312 9.81 34.43 20.87
CA ASP E 312 8.47 33.82 20.92
C ASP E 312 8.00 33.47 19.52
N MET E 313 8.08 34.45 18.63
CA MET E 313 7.70 34.30 17.23
C MET E 313 8.62 33.31 16.50
N TYR E 314 9.92 33.44 16.71
CA TYR E 314 10.92 32.63 16.00
C TYR E 314 10.80 31.14 16.29
N GLN E 315 10.52 30.78 17.54
CA GLN E 315 10.33 29.38 17.90
C GLN E 315 9.00 28.82 17.41
N GLN E 316 8.00 29.70 17.32
CA GLN E 316 6.66 29.34 16.84
C GLN E 316 6.64 29.02 15.35
N THR E 317 7.46 29.74 14.58
CA THR E 317 7.63 29.46 13.15
C THR E 317 8.39 28.15 12.94
N VAL E 318 9.41 27.92 13.80
CA VAL E 318 10.16 26.68 13.80
C VAL E 318 9.23 25.49 14.05
N GLN E 319 8.33 25.64 15.02
CA GLN E 319 7.31 24.63 15.35
CA GLN E 319 7.37 24.58 15.32
C GLN E 319 6.37 24.37 14.18
N LYS E 320 6.03 25.44 13.47
CA LYS E 320 5.14 25.35 12.30
C LYS E 320 5.81 24.63 11.14
N ILE E 321 7.09 24.94 10.93
CA ILE E 321 7.92 24.27 9.93
C ILE E 321 8.11 22.80 10.28
N ARG E 322 8.48 22.53 11.54
CA ARG E 322 8.68 21.16 12.03
C ARG E 322 7.41 20.33 11.99
N TYR E 323 6.25 20.96 12.21
CA TYR E 323 4.98 20.26 12.09
C TYR E 323 4.67 19.86 10.64
N GLN E 324 5.00 20.73 9.68
CA GLN E 324 4.84 20.43 8.27
C GLN E 324 5.73 19.25 7.86
N LEU E 325 6.94 19.21 8.41
CA LEU E 325 7.88 18.12 8.15
C LEU E 325 7.47 16.81 8.84
N GLU E 326 7.38 16.83 10.17
CA GLU E 326 7.24 15.62 10.97
C GLU E 326 5.93 14.86 10.82
N SER E 327 4.83 15.59 10.61
CA SER E 327 3.52 14.98 10.40
C SER E 327 3.39 14.25 9.06
N GLN E 328 4.33 14.51 8.15
CA GLN E 328 4.32 13.88 6.83
C GLN E 328 5.37 12.78 6.66
N GLY E 329 6.15 12.56 7.71
CA GLY E 329 7.15 11.49 7.74
C GLY E 329 8.59 11.93 7.67
N PHE E 330 8.81 13.25 7.63
CA PHE E 330 10.15 13.82 7.53
C PHE E 330 10.69 14.12 8.92
N THR E 331 11.47 13.18 9.47
CA THR E 331 11.92 13.27 10.86
C THR E 331 13.37 13.74 11.04
N ASN E 332 14.20 13.54 10.01
CA ASN E 332 15.60 13.98 10.05
C ASN E 332 15.69 15.50 10.03
N ILE E 333 15.78 16.09 11.21
CA ILE E 333 15.86 17.54 11.38
C ILE E 333 17.04 17.89 12.30
N ALA E 334 17.90 18.78 11.82
CA ALA E 334 18.97 19.37 12.63
C ALA E 334 18.54 20.78 13.04
N ASP E 335 17.90 20.87 14.21
CA ASP E 335 17.34 22.11 14.71
C ASP E 335 18.38 22.89 15.50
N PHE E 336 19.01 23.86 14.86
CA PHE E 336 20.00 24.69 15.52
C PHE E 336 19.44 26.05 15.96
N SER E 337 18.11 26.20 15.92
CA SER E 337 17.45 27.50 16.12
C SER E 337 17.67 28.17 17.49
N LYS E 338 17.93 27.36 18.51
CA LYS E 338 18.18 27.85 19.86
C LYS E 338 19.68 28.11 20.13
N ASP E 339 20.51 27.77 19.15
CA ASP E 339 21.97 27.88 19.30
C ASP E 339 22.55 29.19 18.76
N GLY E 340 21.76 30.26 18.83
CA GLY E 340 22.16 31.56 18.31
C GLY E 340 23.02 32.40 19.22
N GLY E 341 23.17 31.95 20.47
CA GLY E 341 24.00 32.65 21.46
C GLY E 341 25.33 31.98 21.71
N GLU E 342 25.56 30.84 21.07
CA GLU E 342 26.78 30.06 21.19
C GLU E 342 28.02 30.80 20.65
N PRO E 343 29.20 30.57 21.27
CA PRO E 343 30.43 31.23 20.79
C PRO E 343 30.87 30.84 19.38
N PHE E 344 31.03 31.85 18.52
CA PHE E 344 31.46 31.71 17.12
C PHE E 344 30.66 30.70 16.28
N PHE E 345 29.34 30.75 16.47
CA PHE E 345 28.42 29.84 15.81
C PHE E 345 27.95 30.45 14.50
N MET E 346 27.98 31.78 14.44
CA MET E 346 27.42 32.54 13.34
C MET E 346 28.51 33.29 12.58
N LYS E 347 28.46 33.23 11.26
CA LYS E 347 29.36 33.99 10.40
C LYS E 347 28.92 35.46 10.39
N ASP E 348 27.61 35.66 10.23
CA ASP E 348 27.03 36.99 10.22
C ASP E 348 25.78 37.06 11.10
N THR E 349 24.64 37.36 10.48
CA THR E 349 23.39 37.55 11.19
C THR E 349 22.44 36.35 11.04
N ILE E 350 22.52 35.66 9.90
CA ILE E 350 21.55 34.62 9.53
C ILE E 350 22.18 33.32 9.06
N HIS E 351 23.49 33.34 8.80
CA HIS E 351 24.19 32.18 8.27
C HIS E 351 25.13 31.53 9.28
N LEU E 352 25.19 30.20 9.23
CA LEU E 352 26.14 29.41 10.01
C LEU E 352 27.57 29.68 9.56
N GLY E 353 28.52 29.44 10.47
CA GLY E 353 29.92 29.73 10.19
C GLY E 353 30.80 29.30 11.33
N TRP E 354 32.07 29.05 11.01
CA TRP E 354 33.09 28.60 11.96
C TRP E 354 32.68 27.36 12.76
N LEU E 355 32.42 27.54 14.05
CA LEU E 355 32.03 26.43 14.94
C LEU E 355 30.60 25.95 14.70
N GLY E 356 29.79 26.80 14.05
CA GLY E 356 28.46 26.43 13.58
C GLY E 356 28.51 25.29 12.58
N TRP E 357 29.52 25.32 11.70
CA TRP E 357 29.74 24.27 10.71
C TRP E 357 30.16 22.94 11.35
N LEU E 358 30.80 23.02 12.52
CA LEU E 358 31.21 21.82 13.25
C LEU E 358 30.02 21.17 13.95
N ALA E 359 29.08 22.00 14.39
CA ALA E 359 27.80 21.52 14.91
C ALA E 359 26.99 20.89 13.78
N PHE E 360 26.97 21.59 12.63
CA PHE E 360 26.40 21.10 11.36
C PHE E 360 26.97 19.73 11.03
N ASP E 361 28.31 19.61 11.06
CA ASP E 361 29.01 18.38 10.72
C ASP E 361 28.63 17.21 11.63
N LYS E 362 28.44 17.48 12.92
CA LYS E 362 28.10 16.43 13.90
C LYS E 362 26.72 15.79 13.67
N ALA E 363 25.83 16.51 12.98
CA ALA E 363 24.52 15.99 12.62
C ALA E 363 24.47 15.47 11.17
N VAL E 364 25.21 16.12 10.28
CA VAL E 364 25.16 15.83 8.85
C VAL E 364 26.07 14.67 8.42
N ASP E 365 27.31 14.68 8.88
CA ASP E 365 28.29 13.62 8.55
C ASP E 365 27.87 12.18 8.91
N PRO E 366 27.35 11.93 10.14
CA PRO E 366 26.89 10.56 10.43
C PRO E 366 25.70 10.11 9.59
N PHE E 367 24.86 11.07 9.19
CA PHE E 367 23.71 10.80 8.31
C PHE E 367 24.16 10.39 6.91
N LEU E 368 25.13 11.12 6.35
CA LEU E 368 25.58 10.90 4.99
C LEU E 368 26.65 9.81 4.84
N SER E 369 27.37 9.52 5.92
CA SER E 369 28.36 8.43 5.92
C SER E 369 27.69 7.06 6.02
N ASN E 370 26.51 7.04 6.62
CA ASN E 370 25.69 5.82 6.75
C ASN E 370 24.38 5.97 5.98
N PRO E 371 24.39 5.73 4.66
CA PRO E 371 23.21 5.93 3.82
C PRO E 371 22.09 4.96 4.15
N THR E 372 20.87 5.50 4.27
CA THR E 372 19.70 4.70 4.60
C THR E 372 18.51 5.12 3.72
N PRO E 373 17.75 4.14 3.19
CA PRO E 373 16.58 4.42 2.35
C PRO E 373 15.49 5.24 3.07
N ALA E 374 14.79 6.05 2.30
CA ALA E 374 13.74 6.92 2.80
C ALA E 374 12.55 6.10 3.32
N PRO E 375 11.90 6.56 4.40
CA PRO E 375 10.66 5.92 4.85
C PRO E 375 9.49 6.21 3.92
N THR E 376 8.35 5.56 4.16
CA THR E 376 7.12 5.86 3.44
C THR E 376 6.54 7.18 3.99
N TYR E 377 6.26 8.11 3.08
CA TYR E 377 5.78 9.43 3.46
C TYR E 377 4.27 9.53 3.39
N HIS E 378 3.70 10.47 4.14
CA HIS E 378 2.26 10.72 4.13
C HIS E 378 1.96 12.19 3.87
N LEU E 379 1.91 12.54 2.59
CA LEU E 379 1.71 13.92 2.15
C LEU E 379 0.32 14.42 2.46
N ASN E 380 0.25 15.63 3.00
CA ASN E 380 -1.02 16.30 3.25
C ASN E 380 -1.14 17.50 2.33
N GLU E 381 -2.02 17.38 1.34
CA GLU E 381 -2.19 18.40 0.30
C GLU E 381 -2.90 19.66 0.81
N ARG E 382 -3.25 19.68 2.09
CA ARG E 382 -3.86 20.84 2.72
C ARG E 382 -2.78 21.84 3.15
N PHE E 383 -1.51 21.46 2.93
CA PHE E 383 -0.37 22.34 3.16
C PHE E 383 -0.10 23.27 1.97
N PHE E 384 -0.79 23.02 0.84
CA PHE E 384 -0.76 23.90 -0.32
C PHE E 384 -1.73 25.09 -0.20
N SER E 385 -2.73 24.95 0.66
CA SER E 385 -3.82 25.93 0.78
C SER E 385 -3.38 27.24 1.42
N LYS E 386 -4.17 28.29 1.18
CA LYS E 386 -3.94 29.61 1.78
C LYS E 386 -4.31 29.63 3.27
N ASP E 387 -5.03 28.59 3.70
CA ASP E 387 -5.37 28.38 5.11
C ASP E 387 -4.12 28.11 5.94
N TRP E 388 -3.29 27.18 5.46
CA TRP E 388 -2.01 26.84 6.11
C TRP E 388 -0.98 27.97 5.96
N ALA E 389 -1.02 28.66 4.82
CA ALA E 389 -0.12 29.78 4.55
C ALA E 389 -0.26 30.89 5.59
N THR E 390 -1.51 31.20 5.94
CA THR E 390 -1.82 32.25 6.93
C THR E 390 -2.27 31.68 8.28
N TYR E 391 -1.85 30.45 8.57
CA TYR E 391 -2.23 29.77 9.81
C TYR E 391 -1.47 30.32 11.02
N ASP E 392 -2.21 30.51 12.11
CA ASP E 392 -1.70 31.18 13.30
C ASP E 392 -1.90 30.34 14.57
N GLY E 393 -2.64 29.24 14.44
CA GLY E 393 -3.02 28.39 15.57
C GLY E 393 -1.95 27.42 16.04
N ASP E 394 -2.38 26.21 16.41
CA ASP E 394 -1.50 25.19 16.99
C ASP E 394 -1.59 23.83 16.30
N VAL E 395 -1.20 22.78 17.01
CA VAL E 395 -1.29 21.41 16.50
C VAL E 395 -2.73 20.88 16.62
N LYS E 396 -3.52 21.15 15.57
CA LYS E 396 -4.93 20.78 15.53
C LYS E 396 -5.17 19.62 14.58
N GLU E 397 -4.90 19.87 13.29
CA GLU E 397 -5.22 18.94 12.21
C GLU E 397 -4.24 17.77 12.12
N MET F 7 -0.85 7.51 36.19
CA MET F 7 -1.49 8.64 35.46
C MET F 7 -0.47 9.63 34.90
N HIS F 8 -0.67 10.01 33.64
CA HIS F 8 0.06 11.13 33.05
C HIS F 8 -0.91 12.23 32.63
N HIS F 9 -0.63 13.43 33.09
CA HIS F 9 -1.49 14.59 32.82
C HIS F 9 -1.08 15.27 31.53
N ASN F 10 -2.06 15.79 30.79
CA ASN F 10 -1.80 16.55 29.58
C ASN F 10 -2.31 17.99 29.71
N LEU F 11 -1.38 18.90 30.02
CA LEU F 11 -1.63 20.32 30.29
C LEU F 11 -2.49 21.04 29.23
N GLY F 12 -2.25 20.73 27.96
CA GLY F 12 -3.01 21.32 26.87
C GLY F 12 -4.43 20.81 26.78
N ALA F 13 -4.60 19.50 26.96
CA ALA F 13 -5.91 18.83 26.86
C ALA F 13 -6.89 19.24 27.96
N GLU F 14 -6.35 19.50 29.14
CA GLU F 14 -7.12 19.96 30.29
C GLU F 14 -7.66 21.38 30.10
N LYS F 15 -6.86 22.23 29.45
CA LYS F 15 -7.23 23.62 29.16
C LYS F 15 -8.41 23.73 28.21
N ARG F 16 -8.46 22.83 27.24
CA ARG F 16 -9.56 22.76 26.28
C ARG F 16 -10.81 22.17 26.93
N SER F 17 -10.61 21.30 27.92
CA SER F 17 -11.70 20.72 28.70
C SER F 17 -12.31 21.73 29.67
N ALA F 18 -11.45 22.58 30.24
CA ALA F 18 -11.85 23.60 31.22
C ALA F 18 -12.78 24.67 30.65
N VAL F 19 -12.60 24.99 29.37
CA VAL F 19 -13.37 26.06 28.72
C VAL F 19 -14.35 25.52 27.68
N ALA F 20 -14.49 24.20 27.62
CA ALA F 20 -15.36 23.51 26.64
C ALA F 20 -16.82 23.91 26.76
N THR F 21 -17.26 24.11 28.00
CA THR F 21 -18.65 24.48 28.34
C THR F 21 -19.67 23.55 27.64
N THR F 22 -19.44 22.24 27.81
CA THR F 22 -20.32 21.22 27.25
C THR F 22 -20.92 20.39 28.39
N ILE F 23 -21.87 19.53 28.02
CA ILE F 23 -22.47 18.59 28.96
C ILE F 23 -21.41 17.61 29.50
N ASP F 24 -20.58 17.09 28.60
CA ASP F 24 -19.55 16.11 28.94
C ASP F 24 -18.37 16.68 29.75
N SER F 25 -18.13 17.98 29.65
CA SER F 25 -17.07 18.60 30.46
C SER F 25 -17.56 18.79 31.89
N PHE F 26 -18.88 18.78 32.05
CA PHE F 26 -19.54 18.91 33.34
C PHE F 26 -19.90 17.56 33.96
N LYS F 27 -20.67 16.75 33.24
CA LYS F 27 -21.25 15.53 33.81
C LYS F 27 -20.32 14.33 33.84
N GLU F 28 -19.28 14.35 33.01
CA GLU F 28 -18.38 13.21 32.89
C GLU F 28 -17.22 13.35 33.87
N ARG F 29 -16.79 12.21 34.41
CA ARG F 29 -15.73 12.15 35.40
C ARG F 29 -14.37 12.51 34.81
N SER F 30 -14.05 11.88 33.67
CA SER F 30 -12.71 11.85 33.09
C SER F 30 -12.02 13.20 32.89
N GLN F 31 -12.76 14.17 32.34
CA GLN F 31 -12.20 15.48 31.99
C GLN F 31 -11.93 16.36 33.21
N LYS F 32 -12.92 16.45 34.11
CA LYS F 32 -12.81 17.33 35.28
C LYS F 32 -11.84 16.82 36.36
N VAL F 33 -11.69 15.50 36.45
CA VAL F 33 -10.75 14.92 37.40
C VAL F 33 -9.31 15.11 36.93
N ARG F 34 -9.09 14.98 35.62
CA ARG F 34 -7.75 15.12 35.03
C ARG F 34 -7.14 16.51 35.23
N ALA F 35 -7.96 17.55 35.12
CA ALA F 35 -7.50 18.92 35.31
C ALA F 35 -7.35 19.29 36.78
N LEU F 36 -8.29 18.84 37.61
CA LEU F 36 -8.31 19.22 39.02
C LEU F 36 -7.41 18.34 39.92
N SER F 37 -6.60 17.49 39.31
CA SER F 37 -5.62 16.69 40.03
C SER F 37 -4.21 16.80 39.44
N ASP F 38 -4.01 17.81 38.59
CA ASP F 38 -2.70 18.09 38.01
C ASP F 38 -1.81 18.76 39.07
N PRO F 39 -0.66 18.13 39.38
CA PRO F 39 0.29 18.69 40.35
C PRO F 39 1.04 19.92 39.82
N ASN F 40 1.24 19.97 38.50
CA ASN F 40 2.03 21.03 37.87
C ASN F 40 1.28 22.35 37.74
N VAL F 41 0.03 22.28 37.29
CA VAL F 41 -0.78 23.49 37.09
C VAL F 41 -2.09 23.46 37.89
N ARG F 42 -2.54 24.64 38.31
CA ARG F 42 -3.69 24.77 39.20
C ARG F 42 -4.96 25.18 38.47
N PHE F 43 -5.97 24.31 38.53
CA PHE F 43 -7.30 24.62 38.03
C PHE F 43 -8.28 24.87 39.17
N VAL F 44 -9.16 25.84 38.98
CA VAL F 44 -10.16 26.21 39.99
C VAL F 44 -11.55 25.99 39.42
N PRO F 45 -12.41 25.21 40.12
CA PRO F 45 -13.79 24.96 39.71
C PRO F 45 -14.66 26.21 39.74
N PHE F 46 -15.42 26.41 38.67
CA PHE F 46 -16.29 27.57 38.53
C PHE F 46 -17.72 27.08 38.34
N PHE F 47 -18.44 26.91 39.45
CA PHE F 47 -19.80 26.39 39.42
C PHE F 47 -20.82 27.44 39.01
N GLY F 48 -21.73 27.04 38.12
CA GLY F 48 -22.81 27.91 37.66
C GLY F 48 -23.73 27.17 36.70
N SER F 49 -24.50 27.91 35.93
CA SER F 49 -25.31 27.31 34.86
C SER F 49 -24.89 27.85 33.49
N SER F 50 -25.68 28.76 32.93
CA SER F 50 -25.40 29.36 31.62
C SER F 50 -24.52 30.61 31.75
N GLU F 51 -23.88 30.77 32.91
CA GLU F 51 -23.08 31.95 33.25
C GLU F 51 -21.82 32.03 32.40
N TRP F 52 -21.18 30.88 32.19
CA TRP F 52 -19.90 30.82 31.51
C TRP F 52 -20.02 30.60 30.00
N LEU F 53 -21.23 30.39 29.51
CA LEU F 53 -21.50 30.04 28.10
C LEU F 53 -21.08 31.09 27.08
N ARG F 54 -21.54 32.33 27.27
CA ARG F 54 -21.19 33.44 26.37
CA ARG F 54 -21.19 33.44 26.37
C ARG F 54 -19.85 34.06 26.76
N PHE F 55 -18.96 34.17 25.77
CA PHE F 55 -17.60 34.68 25.99
C PHE F 55 -17.40 36.08 25.42
N ASP F 56 -16.53 36.84 26.09
CA ASP F 56 -16.06 38.14 25.59
C ASP F 56 -14.61 38.37 26.05
N GLY F 57 -14.18 39.63 26.03
CA GLY F 57 -12.81 39.98 26.38
C GLY F 57 -12.49 39.93 27.87
N ALA F 58 -13.51 40.17 28.70
CA ALA F 58 -13.31 40.27 30.16
C ALA F 58 -13.68 39.00 30.92
N HIS F 59 -13.94 37.92 30.18
CA HIS F 59 -14.24 36.59 30.73
C HIS F 59 -13.03 36.07 31.55
N PRO F 60 -13.30 35.41 32.70
CA PRO F 60 -12.20 34.92 33.56
C PRO F 60 -11.31 33.87 32.91
N ALA F 61 -11.88 33.12 31.96
CA ALA F 61 -11.15 32.09 31.22
C ALA F 61 -10.08 32.67 30.31
N VAL F 62 -10.39 33.78 29.65
CA VAL F 62 -9.45 34.45 28.74
C VAL F 62 -8.49 35.39 29.49
N LEU F 63 -8.94 35.93 30.63
CA LEU F 63 -8.10 36.80 31.46
C LEU F 63 -6.97 36.06 32.17
N ALA F 64 -7.22 34.80 32.52
CA ALA F 64 -6.24 33.98 33.24
C ALA F 64 -5.16 33.45 32.30
N GLU F 65 -5.53 33.26 31.03
CA GLU F 65 -4.60 32.73 30.03
C GLU F 65 -3.64 33.80 29.50
N LYS F 66 -4.17 35.01 29.26
CA LYS F 66 -3.38 36.13 28.74
C LYS F 66 -2.32 36.62 29.74
N TYR F 67 -2.73 36.85 30.98
CA TYR F 67 -1.82 37.42 31.98
C TYR F 67 -1.15 36.36 32.85
N ASN F 68 -1.24 35.10 32.42
CA ASN F 68 -0.54 33.95 33.00
C ASN F 68 -0.64 33.86 34.53
N ARG F 69 -1.87 33.77 35.02
CA ARG F 69 -2.14 33.78 36.46
C ARG F 69 -1.81 32.44 37.12
N SER F 70 -1.94 32.41 38.45
CA SER F 70 -1.66 31.20 39.23
C SER F 70 -2.75 30.13 39.10
N TYR F 71 -3.90 30.53 38.56
CA TYR F 71 -5.05 29.64 38.40
C TYR F 71 -5.63 29.69 36.98
N ARG F 72 -6.36 28.64 36.61
CA ARG F 72 -7.17 28.62 35.39
C ARG F 72 -8.58 28.14 35.73
N PRO F 73 -9.61 28.86 35.27
CA PRO F 73 -10.99 28.49 35.56
C PRO F 73 -11.43 27.21 34.84
N TYR F 74 -11.82 26.19 35.62
CA TYR F 74 -12.57 25.08 35.06
C TYR F 74 -14.04 25.41 35.21
N LEU F 75 -14.67 25.75 34.08
CA LEU F 75 -16.06 26.16 34.07
C LEU F 75 -17.00 24.95 34.16
N LEU F 76 -17.59 24.75 35.34
CA LEU F 76 -18.55 23.67 35.57
C LEU F 76 -19.97 24.19 35.49
N GLY F 77 -20.72 23.69 34.52
CA GLY F 77 -22.14 24.00 34.42
C GLY F 77 -22.63 24.25 33.01
N GLN F 78 -23.92 24.01 32.81
CA GLN F 78 -24.57 24.22 31.52
C GLN F 78 -26.02 24.72 31.72
N GLY F 79 -26.71 24.95 30.60
CA GLY F 79 -28.05 25.55 30.61
C GLY F 79 -29.15 24.77 31.31
N GLY F 80 -29.48 25.20 32.53
CA GLY F 80 -30.56 24.58 33.29
C GLY F 80 -30.09 23.82 34.53
N ALA F 81 -28.78 23.90 34.80
CA ALA F 81 -28.20 23.26 35.96
C ALA F 81 -28.47 24.07 37.22
N ALA F 82 -28.89 23.39 38.29
CA ALA F 82 -29.04 24.01 39.60
C ALA F 82 -28.25 23.25 40.67
N SER F 83 -28.54 23.52 41.95
CA SER F 83 -27.74 23.01 43.06
C SER F 83 -27.77 21.48 43.27
N LEU F 84 -28.88 20.85 42.90
CA LEU F 84 -28.99 19.38 42.98
C LEU F 84 -28.05 18.71 41.98
N ASN F 85 -27.97 19.27 40.77
CA ASN F 85 -26.99 18.85 39.76
C ASN F 85 -25.56 19.00 40.22
N GLN F 86 -25.26 20.13 40.87
CA GLN F 86 -23.92 20.42 41.33
C GLN F 86 -23.47 19.50 42.46
N TYR F 87 -24.41 19.05 43.29
CA TYR F 87 -24.10 18.17 44.42
C TYR F 87 -23.70 16.77 43.95
N PHE F 88 -24.49 16.21 43.04
CA PHE F 88 -24.22 14.88 42.50
C PHE F 88 -22.95 14.86 41.64
N GLY F 89 -22.70 15.97 40.95
CA GLY F 89 -21.48 16.14 40.15
C GLY F 89 -20.22 16.22 40.98
N MET F 90 -20.34 16.71 42.21
CA MET F 90 -19.21 16.80 43.14
C MET F 90 -18.73 15.42 43.61
N GLN F 91 -19.66 14.47 43.68
CA GLN F 91 -19.39 13.12 44.20
C GLN F 91 -18.38 12.32 43.37
N GLN F 92 -18.18 12.72 42.11
CA GLN F 92 -17.17 12.10 41.23
C GLN F 92 -15.77 12.65 41.45
N MET F 93 -15.70 13.86 42.02
CA MET F 93 -14.45 14.58 42.17
C MET F 93 -14.19 15.05 43.59
N LEU F 94 -14.72 14.30 44.56
CA LEU F 94 -14.54 14.59 46.00
C LEU F 94 -13.09 14.80 46.51
N PRO F 95 -12.12 13.92 46.14
CA PRO F 95 -10.74 14.21 46.57
C PRO F 95 -10.08 15.41 45.88
N GLN F 96 -10.66 15.83 44.76
CA GLN F 96 -10.14 16.95 43.96
C GLN F 96 -10.73 18.30 44.40
N LEU F 97 -11.60 18.28 45.40
CA LEU F 97 -12.21 19.50 45.94
C LEU F 97 -11.79 19.74 47.38
N GLU F 98 -11.01 18.81 47.93
CA GLU F 98 -10.60 18.85 49.33
C GLU F 98 -9.50 19.90 49.56
N ASN F 99 -9.79 20.87 50.43
CA ASN F 99 -8.90 22.00 50.77
C ASN F 99 -8.53 22.89 49.58
N LYS F 100 -9.55 23.30 48.81
CA LYS F 100 -9.35 24.15 47.63
C LYS F 100 -10.37 25.27 47.58
N GLN F 101 -10.06 26.34 46.88
CA GLN F 101 -11.00 27.43 46.66
C GLN F 101 -11.84 27.16 45.41
N VAL F 102 -13.14 27.44 45.50
CA VAL F 102 -14.04 27.32 44.35
C VAL F 102 -14.85 28.61 44.16
N VAL F 103 -15.52 28.71 43.01
CA VAL F 103 -16.44 29.82 42.73
C VAL F 103 -17.83 29.22 42.60
N TYR F 104 -18.78 29.74 43.37
CA TYR F 104 -20.16 29.26 43.28
C TYR F 104 -21.12 30.40 42.96
N VAL F 105 -21.91 30.21 41.91
CA VAL F 105 -22.89 31.20 41.47
C VAL F 105 -24.29 30.80 41.99
N ILE F 106 -24.98 31.74 42.64
CA ILE F 106 -26.38 31.56 43.01
C ILE F 106 -27.26 32.57 42.30
N SER F 107 -27.95 32.10 41.27
CA SER F 107 -28.90 32.92 40.52
C SER F 107 -30.30 32.75 41.11
N PRO F 108 -30.93 33.87 41.52
CA PRO F 108 -32.28 33.87 42.08
C PRO F 108 -33.39 33.44 41.11
N GLN F 109 -33.06 33.38 39.81
CA GLN F 109 -34.04 32.98 38.81
CA GLN F 109 -34.01 32.97 38.77
C GLN F 109 -34.32 31.48 38.83
N TRP F 110 -33.45 30.73 39.51
CA TRP F 110 -33.61 29.29 39.68
C TRP F 110 -34.69 28.95 40.70
N PHE F 111 -34.98 29.92 41.57
CA PHE F 111 -35.80 29.68 42.75
C PHE F 111 -37.31 29.75 42.49
N SER F 112 -37.78 28.97 41.51
CA SER F 112 -39.21 28.83 41.20
C SER F 112 -39.88 27.94 42.26
N LYS F 113 -41.21 28.02 42.37
CA LYS F 113 -41.96 27.19 43.31
C LYS F 113 -41.97 25.71 42.92
N ASN F 114 -41.82 25.44 41.63
CA ASN F 114 -41.61 24.10 41.11
C ASN F 114 -40.14 23.69 41.23
N GLY F 115 -39.26 24.69 41.30
CA GLY F 115 -37.82 24.47 41.43
C GLY F 115 -37.11 24.39 40.09
N TYR F 116 -36.10 23.52 40.03
CA TYR F 116 -35.33 23.28 38.82
C TYR F 116 -36.14 22.51 37.78
N ASP F 117 -35.75 22.63 36.51
CA ASP F 117 -36.37 21.90 35.41
C ASP F 117 -35.91 20.43 35.44
N PRO F 118 -36.86 19.48 35.62
CA PRO F 118 -36.57 18.05 35.60
C PRO F 118 -35.87 17.55 34.34
N ALA F 119 -36.30 18.05 33.18
CA ALA F 119 -35.74 17.65 31.88
C ALA F 119 -34.34 18.22 31.62
N ALA F 120 -33.99 19.29 32.34
CA ALA F 120 -32.64 19.85 32.29
C ALA F 120 -31.68 19.04 33.17
N PHE F 121 -32.17 18.57 34.32
CA PHE F 121 -31.42 17.75 35.27
C PHE F 121 -30.94 16.43 34.65
N GLN F 122 -31.84 15.82 33.88
CA GLN F 122 -31.65 14.53 33.24
C GLN F 122 -30.46 14.47 32.29
N GLN F 123 -30.14 15.62 31.70
CA GLN F 123 -29.02 15.76 30.79
C GLN F 123 -27.67 15.73 31.50
N TYR F 124 -27.63 16.17 32.76
CA TYR F 124 -26.37 16.31 33.50
C TYR F 124 -26.15 15.24 34.57
N PHE F 125 -27.10 14.31 34.71
CA PHE F 125 -26.98 13.19 35.64
C PHE F 125 -26.70 11.91 34.88
N ASN F 126 -25.71 11.16 35.32
CA ASN F 126 -25.41 9.85 34.73
C ASN F 126 -25.23 8.76 35.80
N GLY F 127 -25.05 7.53 35.34
CA GLY F 127 -24.92 6.38 36.23
C GLY F 127 -23.71 6.36 37.15
N ASP F 128 -22.61 6.96 36.69
CA ASP F 128 -21.40 7.13 37.51
C ASP F 128 -21.67 8.04 38.71
N GLN F 129 -22.54 9.05 38.53
CA GLN F 129 -22.96 9.94 39.61
C GLN F 129 -23.87 9.24 40.63
N LEU F 130 -24.68 8.30 40.14
CA LEU F 130 -25.57 7.52 40.99
C LEU F 130 -24.76 6.68 41.97
N THR F 131 -23.82 5.92 41.45
CA THR F 131 -22.98 5.02 42.25
C THR F 131 -21.96 5.78 43.12
N SER F 132 -21.54 6.95 42.68
CA SER F 132 -20.69 7.84 43.48
C SER F 132 -21.41 8.39 44.71
N PHE F 133 -22.66 8.79 44.52
CA PHE F 133 -23.54 9.21 45.62
C PHE F 133 -23.76 8.08 46.63
N LEU F 134 -24.01 6.87 46.12
CA LEU F 134 -24.28 5.72 46.97
C LEU F 134 -23.02 5.24 47.70
N LYS F 135 -21.86 5.42 47.09
CA LYS F 135 -20.60 5.01 47.70
C LYS F 135 -20.11 5.99 48.77
N HIS F 136 -20.28 7.28 48.53
CA HIS F 136 -19.67 8.30 49.39
C HIS F 136 -20.60 8.84 50.47
N GLN F 137 -21.82 8.33 50.53
CA GLN F 137 -22.79 8.80 51.52
C GLN F 137 -22.44 8.35 52.94
N SER F 138 -22.71 9.21 53.91
CA SER F 138 -22.37 8.95 55.30
C SER F 138 -23.57 8.54 56.15
N GLY F 139 -24.77 8.63 55.56
CA GLY F 139 -26.00 8.28 56.25
C GLY F 139 -26.60 9.43 57.04
N ASP F 140 -26.14 10.64 56.76
CA ASP F 140 -26.61 11.85 57.45
C ASP F 140 -27.88 12.43 56.82
N GLN F 141 -28.19 13.69 57.15
CA GLN F 141 -29.38 14.38 56.62
C GLN F 141 -29.24 14.68 55.13
N ALA F 142 -28.00 14.94 54.69
CA ALA F 142 -27.70 15.22 53.29
C ALA F 142 -28.01 14.02 52.39
N SER F 143 -27.58 12.83 52.82
CA SER F 143 -27.84 11.60 52.06
C SER F 143 -29.33 11.28 52.01
N GLN F 144 -30.06 11.64 53.06
CA GLN F 144 -31.49 11.39 53.14
C GLN F 144 -32.30 12.33 52.24
N TYR F 145 -31.94 13.62 52.24
CA TYR F 145 -32.66 14.58 51.40
C TYR F 145 -32.37 14.37 49.90
N ALA F 146 -31.11 14.10 49.58
CA ALA F 146 -30.69 13.87 48.20
C ALA F 146 -31.37 12.65 47.58
N ALA F 147 -31.53 11.60 48.38
CA ALA F 147 -32.19 10.36 47.93
C ALA F 147 -33.69 10.52 47.69
N THR F 148 -34.33 11.37 48.48
CA THR F 148 -35.76 11.69 48.30
C THR F 148 -35.94 12.51 47.03
N ARG F 149 -35.05 13.47 46.81
CA ARG F 149 -35.02 14.26 45.58
C ARG F 149 -34.72 13.41 44.34
N LEU F 150 -33.88 12.39 44.53
CA LEU F 150 -33.52 11.46 43.45
C LEU F 150 -34.72 10.63 43.01
N LEU F 151 -35.55 10.23 43.98
CA LEU F 151 -36.74 9.41 43.71
C LEU F 151 -37.91 10.18 43.09
N GLN F 152 -38.07 11.44 43.51
CA GLN F 152 -39.04 12.35 42.88
C GLN F 152 -38.70 12.56 41.41
N GLN F 153 -37.43 12.87 41.16
CA GLN F 153 -36.89 13.07 39.82
C GLN F 153 -36.99 11.80 38.98
N PHE F 154 -36.59 10.69 39.60
CA PHE F 154 -36.54 9.40 38.91
C PHE F 154 -37.34 8.37 39.69
N PRO F 155 -38.61 8.13 39.29
CA PRO F 155 -39.55 7.30 40.04
C PRO F 155 -39.13 5.83 40.10
N ASN F 156 -38.53 5.36 39.01
CA ASN F 156 -38.01 4.00 38.94
C ASN F 156 -36.51 4.02 38.69
N VAL F 157 -35.80 4.73 39.56
CA VAL F 157 -34.34 4.88 39.49
C VAL F 157 -33.62 3.52 39.57
N ALA F 158 -32.48 3.40 38.91
CA ALA F 158 -31.64 2.19 39.01
C ALA F 158 -31.18 2.04 40.46
N MET F 159 -31.20 0.79 40.94
CA MET F 159 -30.96 0.46 42.36
C MET F 159 -31.90 1.24 43.28
N LYS F 160 -33.20 1.14 42.96
CA LYS F 160 -34.27 1.83 43.68
C LYS F 160 -34.31 1.46 45.15
N ASP F 161 -34.09 0.18 45.43
CA ASP F 161 -34.04 -0.36 46.80
C ASP F 161 -33.03 0.34 47.71
N LEU F 162 -31.88 0.72 47.13
CA LEU F 162 -30.81 1.37 47.88
C LEU F 162 -31.13 2.83 48.13
N VAL F 163 -31.65 3.50 47.11
CA VAL F 163 -32.05 4.91 47.19
C VAL F 163 -33.24 5.10 48.14
N GLN F 164 -34.19 4.17 48.12
CA GLN F 164 -35.34 4.17 49.05
C GLN F 164 -34.93 4.02 50.50
N LYS F 165 -33.95 3.16 50.76
CA LYS F 165 -33.42 2.95 52.11
C LYS F 165 -32.79 4.21 52.69
N LEU F 166 -32.07 4.93 51.84
CA LEU F 166 -31.45 6.20 52.21
C LEU F 166 -32.49 7.30 52.40
N ALA F 167 -33.57 7.24 51.61
CA ALA F 167 -34.67 8.18 51.69
C ALA F 167 -35.59 7.91 52.88
N SER F 168 -35.42 6.75 53.52
CA SER F 168 -36.21 6.37 54.69
C SER F 168 -35.35 6.30 55.95
N LYS F 169 -34.09 6.76 55.82
CA LYS F 169 -33.08 6.74 56.88
C LYS F 169 -32.73 5.35 57.43
N GLU F 170 -32.98 4.32 56.61
CA GLU F 170 -32.63 2.95 56.96
C GLU F 170 -31.17 2.70 56.61
N GLU F 171 -30.49 1.95 57.46
CA GLU F 171 -29.09 1.61 57.23
C GLU F 171 -28.98 0.46 56.25
N LEU F 172 -28.01 0.57 55.35
CA LEU F 172 -27.81 -0.44 54.31
C LEU F 172 -27.19 -1.70 54.88
N SER F 173 -27.52 -2.84 54.28
CA SER F 173 -27.03 -4.13 54.73
C SER F 173 -25.57 -4.37 54.32
N THR F 174 -25.02 -5.50 54.75
CA THR F 174 -23.64 -5.88 54.44
C THR F 174 -23.50 -6.27 52.97
N ALA F 175 -24.49 -6.99 52.45
CA ALA F 175 -24.53 -7.35 51.03
C ALA F 175 -24.84 -6.15 50.13
N ASP F 176 -25.63 -5.20 50.64
CA ASP F 176 -25.92 -3.95 49.95
C ASP F 176 -24.66 -3.12 49.71
N ASN F 177 -23.85 -2.98 50.76
CA ASN F 177 -22.59 -2.23 50.68
C ASN F 177 -21.54 -2.88 49.78
N GLU F 178 -21.55 -4.21 49.73
CA GLU F 178 -20.63 -4.94 48.85
C GLU F 178 -20.99 -4.80 47.38
N MET F 179 -22.28 -4.65 47.09
CA MET F 179 -22.75 -4.42 45.72
C MET F 179 -22.47 -2.99 45.27
N ILE F 180 -22.68 -2.03 46.19
CA ILE F 180 -22.39 -0.62 45.92
C ILE F 180 -20.91 -0.45 45.59
N GLU F 181 -20.05 -0.94 46.48
CA GLU F 181 -18.61 -0.78 46.36
C GLU F 181 -18.06 -1.40 45.07
N LEU F 182 -18.53 -2.59 44.72
CA LEU F 182 -18.11 -3.25 43.47
C LEU F 182 -18.55 -2.51 42.20
N LEU F 183 -19.82 -2.13 42.14
CA LEU F 183 -20.38 -1.51 40.94
C LEU F 183 -19.94 -0.05 40.78
N ALA F 184 -19.67 0.62 41.89
CA ALA F 184 -19.11 1.97 41.87
C ALA F 184 -17.69 1.99 41.33
N ARG F 185 -16.90 0.96 41.69
CA ARG F 185 -15.56 0.79 41.13
C ARG F 185 -15.60 0.48 39.64
N PHE F 186 -16.61 -0.29 39.23
CA PHE F 186 -16.80 -0.64 37.83
C PHE F 186 -17.14 0.59 37.00
N ASN F 187 -18.03 1.43 37.53
CA ASN F 187 -18.41 2.69 36.91
C ASN F 187 -17.30 3.72 36.87
N GLU F 188 -16.39 3.61 37.84
CA GLU F 188 -15.21 4.47 37.94
C GLU F 188 -14.24 4.13 36.83
N ARG F 189 -14.07 2.82 36.58
CA ARG F 189 -13.13 2.33 35.57
C ARG F 189 -13.69 2.52 34.16
N GLN F 190 -15.01 2.44 34.06
CA GLN F 190 -15.73 2.60 32.80
C GLN F 190 -15.73 4.06 32.37
N ALA F 191 -15.96 4.97 33.32
CA ALA F 191 -15.98 6.41 33.06
C ALA F 191 -14.62 6.94 32.67
N SER F 192 -13.57 6.43 33.31
CA SER F 192 -12.21 6.85 33.05
C SER F 192 -11.72 6.43 31.66
N PHE F 193 -12.19 5.28 31.18
CA PHE F 193 -11.87 4.80 29.85
C PHE F 193 -12.69 5.49 28.75
N PHE F 194 -14.00 5.55 28.91
CA PHE F 194 -14.87 6.07 27.84
C PHE F 194 -14.99 7.60 27.80
N GLY F 195 -14.66 8.24 28.91
CA GLY F 195 -14.78 9.70 29.00
C GLY F 195 -13.67 10.46 28.29
N GLN F 196 -12.62 9.75 27.90
CA GLN F 196 -11.49 10.36 27.17
C GLN F 196 -11.75 10.51 25.66
N PHE F 197 -12.95 10.12 25.23
CA PHE F 197 -13.36 10.24 23.83
C PHE F 197 -14.47 11.28 23.67
N SER F 198 -14.11 12.54 23.94
CA SER F 198 -15.02 13.68 23.79
C SER F 198 -14.27 14.88 23.21
N GLY F 201 -12.90 19.33 21.20
CA GLY F 201 -11.49 19.40 21.59
C GLY F 201 -10.86 20.75 21.30
N TYR F 202 -10.23 20.86 20.14
CA TYR F 202 -9.58 22.11 19.70
C TYR F 202 -10.57 23.10 19.08
N VAL F 203 -11.77 22.62 18.83
CA VAL F 203 -12.86 23.40 18.23
C VAL F 203 -13.24 24.61 19.09
N ASN F 204 -13.62 24.36 20.34
CA ASN F 204 -14.14 25.40 21.23
C ASN F 204 -13.10 26.34 21.86
N TYR F 205 -11.89 25.84 22.10
CA TYR F 205 -10.82 26.62 22.74
C TYR F 205 -10.40 27.83 21.91
N ASP F 206 -10.45 27.68 20.58
CA ASP F 206 -10.15 28.77 19.66
C ASP F 206 -11.31 29.78 19.59
N LYS F 207 -12.54 29.26 19.54
CA LYS F 207 -13.72 30.11 19.37
C LYS F 207 -14.17 30.82 20.65
N HIS F 208 -13.53 30.50 21.79
CA HIS F 208 -13.89 31.09 23.07
C HIS F 208 -12.74 31.81 23.77
N VAL F 209 -11.52 31.27 23.66
CA VAL F 209 -10.36 31.84 24.36
C VAL F 209 -9.36 32.54 23.41
N ALA F 210 -8.95 31.83 22.37
CA ALA F 210 -7.88 32.30 21.48
C ALA F 210 -8.27 33.47 20.55
N LYS F 211 -9.57 33.72 20.43
CA LYS F 211 -10.09 34.86 19.68
C LYS F 211 -9.71 36.20 20.34
N TYR F 212 -9.84 36.24 21.67
CA TYR F 212 -9.68 37.48 22.42
C TYR F 212 -8.25 37.68 22.97
N LEU F 213 -7.33 36.79 22.57
CA LEU F 213 -5.93 36.93 22.96
C LEU F 213 -5.15 37.86 22.01
N LYS F 214 -5.84 38.35 20.98
CA LYS F 214 -5.25 39.27 20.00
C LYS F 214 -5.66 40.71 20.31
N ILE F 215 -6.95 40.91 20.60
CA ILE F 215 -7.52 42.25 20.80
C ILE F 215 -7.18 42.89 22.16
N LEU F 216 -6.81 42.06 23.13
CA LEU F 216 -6.46 42.53 24.48
C LEU F 216 -5.01 43.00 24.56
N PRO F 217 -4.73 44.03 25.39
CA PRO F 217 -3.35 44.51 25.62
C PRO F 217 -2.46 43.50 26.32
N ASP F 218 -1.15 43.62 26.10
CA ASP F 218 -0.17 42.71 26.70
C ASP F 218 0.27 43.18 28.09
N GLN F 219 -0.19 44.36 28.50
CA GLN F 219 0.02 44.87 29.85
C GLN F 219 -1.29 44.88 30.63
N PHE F 220 -1.22 44.47 31.90
CA PHE F 220 -2.40 44.32 32.74
C PHE F 220 -2.80 45.61 33.47
N SER F 221 -3.91 46.19 33.02
CA SER F 221 -4.56 47.33 33.68
C SER F 221 -6.04 47.35 33.33
N TYR F 222 -6.87 47.67 34.32
CA TYR F 222 -8.33 47.64 34.19
C TYR F 222 -8.89 48.67 33.22
N GLN F 223 -8.24 49.83 33.13
CA GLN F 223 -8.69 50.91 32.25
C GLN F 223 -8.44 50.61 30.78
N ALA F 224 -7.31 49.96 30.48
CA ALA F 224 -6.95 49.58 29.12
C ALA F 224 -7.84 48.48 28.56
N ILE F 225 -8.18 47.52 29.42
CA ILE F 225 -9.08 46.41 29.06
C ILE F 225 -10.50 46.93 28.81
N GLU F 226 -10.96 47.83 29.70
CA GLU F 226 -12.33 48.37 29.67
C GLU F 226 -12.76 48.95 28.32
N ASP F 227 -11.90 49.78 27.72
CA ASP F 227 -12.19 50.46 26.45
C ASP F 227 -12.31 49.52 25.24
N VAL F 228 -11.52 48.45 25.25
CA VAL F 228 -11.56 47.41 24.20
C VAL F 228 -12.88 46.63 24.28
N VAL F 229 -13.28 46.30 25.50
CA VAL F 229 -14.53 45.59 25.77
C VAL F 229 -15.74 46.51 25.57
N LYS F 230 -15.57 47.79 25.88
CA LYS F 230 -16.60 48.83 25.71
C LYS F 230 -16.97 49.01 24.24
N ALA F 231 -15.96 49.00 23.36
CA ALA F 231 -16.16 49.14 21.92
C ALA F 231 -16.87 47.92 21.33
N ASP F 232 -16.58 46.75 21.88
CA ASP F 232 -17.23 45.50 21.46
C ASP F 232 -18.68 45.43 21.96
N ALA F 233 -18.92 46.02 23.13
CA ALA F 233 -20.26 46.04 23.73
C ALA F 233 -21.21 46.97 22.99
N GLU F 234 -20.68 48.09 22.50
CA GLU F 234 -21.45 49.10 21.77
C GLU F 234 -21.89 48.62 20.39
N LYS F 235 -21.06 47.80 19.75
CA LYS F 235 -21.35 47.25 18.42
C LYS F 235 -22.48 46.23 18.44
N ASN F 236 -22.64 45.52 19.57
CA ASN F 236 -23.62 44.45 19.69
C ASN F 236 -24.91 44.86 20.42
N THR F 237 -25.15 46.17 20.51
CA THR F 237 -26.39 46.71 21.08
C THR F 237 -27.09 47.61 20.07
N SER F 238 -27.10 47.19 18.81
CA SER F 238 -27.62 47.98 17.68
C SER F 238 -29.14 48.14 17.73
N ASN F 239 -29.85 47.02 17.64
CA ASN F 239 -31.32 47.02 17.66
C ASN F 239 -31.90 46.73 19.05
N ASN F 240 -31.22 47.25 20.07
CA ASN F 240 -31.56 46.92 21.45
C ASN F 240 -31.84 48.15 22.31
N GLU F 241 -30.84 49.03 22.40
CA GLU F 241 -30.88 50.29 23.19
C GLU F 241 -31.15 50.11 24.69
N MET F 242 -30.71 48.99 25.26
CA MET F 242 -30.82 48.75 26.70
C MET F 242 -29.65 47.96 27.29
N GLY F 243 -28.86 47.32 26.42
CA GLY F 243 -27.64 46.64 26.86
C GLY F 243 -27.48 45.20 26.40
N MET F 244 -28.59 44.58 25.98
CA MET F 244 -28.60 43.16 25.59
C MET F 244 -27.90 42.90 24.26
N GLU F 245 -27.45 41.66 24.07
CA GLU F 245 -26.82 41.24 22.81
C GLU F 245 -27.86 41.06 21.72
N ASN F 246 -27.51 41.43 20.49
CA ASN F 246 -28.38 41.30 19.31
C ASN F 246 -28.65 39.85 18.90
N TYR F 247 -27.69 38.98 19.20
CA TYR F 247 -27.81 37.54 18.93
C TYR F 247 -28.86 36.89 19.84
N PHE F 248 -28.93 37.36 21.08
CA PHE F 248 -29.96 36.91 22.03
C PHE F 248 -31.31 37.56 21.76
N TYR F 249 -31.29 38.85 21.40
CA TYR F 249 -32.49 39.63 21.16
C TYR F 249 -33.32 39.10 19.99
N ASN F 250 -32.65 38.69 18.92
CA ASN F 250 -33.31 38.15 17.74
C ASN F 250 -33.91 36.75 17.93
N GLU F 251 -33.54 36.09 19.02
CA GLU F 251 -34.04 34.75 19.35
C GLU F 251 -35.24 34.77 20.30
N GLN F 252 -35.06 35.40 21.46
CA GLN F 252 -36.08 35.37 22.52
C GLN F 252 -37.02 36.58 22.54
N ILE F 253 -36.45 37.78 22.49
CA ILE F 253 -37.24 39.01 22.63
C ILE F 253 -37.28 39.82 21.31
N LYS F 254 -37.98 39.26 20.33
CA LYS F 254 -38.22 39.95 19.05
C LYS F 254 -39.57 39.53 18.50
N LYS F 255 -39.88 38.24 18.59
CA LYS F 255 -41.19 37.73 18.22
C LYS F 255 -42.15 37.89 19.39
N ASP F 256 -43.13 38.78 19.21
CA ASP F 256 -44.13 39.17 20.22
C ASP F 256 -43.55 39.73 21.52
N LEU F 257 -43.17 41.00 21.49
CA LEU F 257 -42.76 41.74 22.69
C LEU F 257 -43.98 42.27 23.42
N LYS F 258 -45.10 42.34 22.71
CA LYS F 258 -46.36 42.88 23.22
C LYS F 258 -46.99 42.00 24.29
N LYS F 259 -46.82 40.69 24.17
CA LYS F 259 -47.29 39.75 25.18
C LYS F 259 -46.32 39.65 26.37
N LEU F 260 -45.07 40.04 26.15
CA LEU F 260 -44.04 40.04 27.19
C LEU F 260 -44.12 41.26 28.12
N LYS F 261 -44.86 42.28 27.68
CA LYS F 261 -45.14 43.46 28.49
C LYS F 261 -46.08 43.11 29.63
N ASP F 262 -45.62 43.33 30.86
CA ASP F 262 -46.32 42.96 32.10
C ASP F 262 -46.69 41.47 32.23
N SER F 263 -45.81 40.61 31.73
CA SER F 263 -45.96 39.15 31.84
C SER F 263 -45.44 38.63 33.17
N GLN F 264 -44.35 39.23 33.65
CA GLN F 264 -43.69 38.78 34.89
C GLN F 264 -44.18 39.51 36.12
N LYS F 265 -45.44 39.97 36.08
CA LYS F 265 -46.09 40.72 37.15
C LYS F 265 -46.31 39.88 38.41
N SER F 266 -46.66 38.62 38.23
CA SER F 266 -47.00 37.72 39.34
C SER F 266 -45.90 36.72 39.71
N PHE F 267 -44.77 36.76 39.00
CA PHE F 267 -43.66 35.86 39.28
C PHE F 267 -42.88 36.25 40.54
N THR F 268 -42.84 35.35 41.50
CA THR F 268 -42.08 35.54 42.74
C THR F 268 -41.06 34.42 42.95
N TYR F 269 -39.94 34.75 43.60
CA TYR F 269 -38.89 33.77 43.87
C TYR F 269 -38.69 33.53 45.38
N LEU F 270 -39.69 33.91 46.17
CA LEU F 270 -39.63 33.75 47.62
C LEU F 270 -39.83 32.32 48.08
N LYS F 271 -40.83 31.64 47.51
CA LYS F 271 -41.13 30.25 47.88
C LYS F 271 -40.54 29.28 46.86
N SER F 272 -39.64 28.40 47.32
CA SER F 272 -38.88 27.50 46.44
C SER F 272 -38.24 26.30 47.15
N PRO F 273 -38.28 25.10 46.51
CA PRO F 273 -37.51 23.94 46.97
C PRO F 273 -36.02 23.98 46.64
N GLU F 274 -35.59 25.01 45.90
CA GLU F 274 -34.19 25.23 45.54
C GLU F 274 -33.33 25.63 46.74
N TYR F 275 -33.97 26.23 47.76
CA TYR F 275 -33.30 26.61 49.00
C TYR F 275 -32.72 25.39 49.74
N ASN F 276 -33.45 24.28 49.71
CA ASN F 276 -33.03 23.04 50.35
C ASN F 276 -31.95 22.33 49.54
N ASP F 277 -32.08 22.38 48.21
CA ASP F 277 -31.08 21.85 47.27
C ASP F 277 -29.75 22.58 47.43
N LEU F 278 -29.84 23.89 47.67
CA LEU F 278 -28.66 24.73 47.96
C LEU F 278 -27.93 24.24 49.21
N GLN F 279 -28.70 23.80 50.21
CA GLN F 279 -28.15 23.35 51.49
C GLN F 279 -27.30 22.08 51.37
N LEU F 280 -27.62 21.23 50.40
CA LEU F 280 -26.81 20.05 50.07
C LEU F 280 -25.39 20.43 49.65
N VAL F 281 -25.30 21.44 48.80
CA VAL F 281 -24.01 21.96 48.31
C VAL F 281 -23.18 22.51 49.47
N LEU F 282 -23.81 23.33 50.31
CA LEU F 282 -23.16 23.96 51.46
C LEU F 282 -22.59 22.94 52.44
N THR F 283 -23.34 21.86 52.65
CA THR F 283 -22.94 20.73 53.50
C THR F 283 -21.72 20.01 52.95
N GLN F 284 -21.72 19.77 51.64
CA GLN F 284 -20.61 19.10 50.96
C GLN F 284 -19.34 19.95 50.97
N PHE F 285 -19.52 21.27 50.86
CA PHE F 285 -18.42 22.23 50.98
C PHE F 285 -17.82 22.19 52.39
N SER F 286 -18.70 22.08 53.39
CA SER F 286 -18.32 22.00 54.80
C SER F 286 -17.57 20.71 55.14
N LYS F 287 -17.94 19.61 54.50
CA LYS F 287 -17.28 18.32 54.70
C LYS F 287 -15.89 18.29 54.05
N SER F 288 -15.79 18.89 52.87
CA SER F 288 -14.56 18.86 52.09
C SER F 288 -13.61 20.01 52.41
N LYS F 289 -14.08 20.94 53.25
CA LYS F 289 -13.33 22.13 53.70
C LYS F 289 -12.90 23.02 52.52
N VAL F 290 -13.88 23.50 51.76
CA VAL F 290 -13.62 24.39 50.64
C VAL F 290 -13.96 25.84 51.02
N ASN F 291 -13.30 26.80 50.38
CA ASN F 291 -13.65 28.21 50.55
C ASN F 291 -14.25 28.78 49.27
N PRO F 292 -15.60 28.84 49.21
CA PRO F 292 -16.30 29.36 48.06
C PRO F 292 -16.56 30.87 48.10
N ILE F 293 -16.55 31.50 46.93
CA ILE F 293 -17.10 32.85 46.78
C ILE F 293 -18.46 32.75 46.11
N PHE F 294 -19.40 33.58 46.54
CA PHE F 294 -20.76 33.52 46.03
C PHE F 294 -21.13 34.75 45.22
N ILE F 295 -21.56 34.50 43.99
CA ILE F 295 -21.93 35.58 43.09
C ILE F 295 -23.44 35.58 42.92
N ILE F 296 -24.06 36.75 43.12
CA ILE F 296 -25.50 36.92 42.89
C ILE F 296 -25.72 37.91 41.74
N PRO F 297 -26.05 37.38 40.55
CA PRO F 297 -26.31 38.15 39.34
C PRO F 297 -27.66 38.85 39.34
N PRO F 298 -27.71 40.13 38.90
CA PRO F 298 -28.97 40.88 38.84
C PRO F 298 -29.72 40.63 37.54
N VAL F 299 -30.94 41.17 37.45
CA VAL F 299 -31.69 41.20 36.20
C VAL F 299 -31.45 42.57 35.55
N ASN F 300 -31.70 42.67 34.25
CA ASN F 300 -31.65 43.94 33.54
C ASN F 300 -32.76 44.85 34.05
N LYS F 301 -32.38 46.04 34.54
CA LYS F 301 -33.31 46.95 35.20
C LYS F 301 -34.38 47.53 34.26
N LYS F 302 -33.99 47.76 33.00
CA LYS F 302 -34.93 48.22 31.97
C LYS F 302 -35.87 47.10 31.50
N TRP F 303 -35.46 45.85 31.71
CA TRP F 303 -36.29 44.68 31.42
C TRP F 303 -37.28 44.38 32.55
N MET F 304 -36.81 44.49 33.80
CA MET F 304 -37.64 44.21 34.96
C MET F 304 -38.68 45.30 35.24
N ASP F 305 -38.58 46.41 34.53
CA ASP F 305 -39.58 47.46 34.54
C ASP F 305 -40.55 47.31 33.35
N TYR F 306 -40.02 46.77 32.25
CA TYR F 306 -40.82 46.49 31.04
C TYR F 306 -41.78 45.33 31.28
N ALA F 307 -41.21 44.20 31.69
CA ALA F 307 -41.91 42.93 31.80
C ALA F 307 -42.46 42.77 33.21
N GLY F 308 -41.93 43.55 34.12
CA GLY F 308 -42.74 44.13 35.14
C GLY F 308 -42.66 43.31 36.39
N LEU F 309 -41.44 43.15 36.91
CA LEU F 309 -41.03 41.91 37.55
C LEU F 309 -40.95 42.07 39.07
N ARG F 310 -40.95 43.31 39.53
CA ARG F 310 -40.85 43.61 40.95
C ARG F 310 -39.40 43.71 41.40
N GLU F 311 -38.94 44.94 41.61
CA GLU F 311 -37.57 45.17 42.07
C GLU F 311 -37.44 44.91 43.56
N ASP F 312 -38.53 45.13 44.30
CA ASP F 312 -38.54 44.86 45.74
C ASP F 312 -38.72 43.38 46.09
N MET F 313 -39.40 42.63 45.23
CA MET F 313 -39.54 41.17 45.39
C MET F 313 -38.18 40.49 45.23
N TYR F 314 -37.44 40.93 44.21
CA TYR F 314 -36.13 40.40 43.90
C TYR F 314 -35.11 40.64 45.01
N GLN F 315 -35.17 41.83 45.62
CA GLN F 315 -34.32 42.17 46.75
C GLN F 315 -34.69 41.40 48.02
N GLN F 316 -35.96 41.03 48.15
CA GLN F 316 -36.44 40.22 49.26
C GLN F 316 -35.95 38.78 49.14
N THR F 317 -35.79 38.30 47.92
CA THR F 317 -35.25 36.97 47.62
C THR F 317 -33.74 36.92 47.88
N VAL F 318 -33.04 37.98 47.47
CA VAL F 318 -31.59 38.11 47.65
C VAL F 318 -31.20 38.08 49.14
N GLN F 319 -31.96 38.82 49.97
CA GLN F 319 -31.72 38.85 51.42
C GLN F 319 -31.96 37.48 52.08
N LYS F 320 -32.92 36.72 51.54
CA LYS F 320 -33.21 35.36 52.02
C LYS F 320 -32.08 34.38 51.71
N ILE F 321 -31.56 34.46 50.49
CA ILE F 321 -30.41 33.66 50.06
C ILE F 321 -29.15 34.05 50.86
N ARG F 322 -28.95 35.36 51.04
CA ARG F 322 -27.85 35.89 51.84
C ARG F 322 -27.91 35.46 53.30
N TYR F 323 -29.13 35.31 53.83
CA TYR F 323 -29.36 34.83 55.19
C TYR F 323 -28.89 33.38 55.39
N GLN F 324 -29.26 32.51 54.46
CA GLN F 324 -28.90 31.08 54.50
C GLN F 324 -27.38 30.87 54.43
N LEU F 325 -26.70 31.72 53.67
CA LEU F 325 -25.25 31.69 53.56
C LEU F 325 -24.58 32.23 54.83
N GLU F 326 -24.92 33.47 55.19
CA GLU F 326 -24.24 34.18 56.28
C GLU F 326 -24.46 33.60 57.68
N SER F 327 -25.63 33.02 57.92
CA SER F 327 -25.96 32.44 59.23
C SER F 327 -25.22 31.12 59.51
N GLN F 328 -24.61 30.55 58.48
CA GLN F 328 -23.87 29.28 58.60
C GLN F 328 -22.36 29.46 58.45
N GLY F 329 -21.93 30.69 58.17
CA GLY F 329 -20.51 31.01 58.06
C GLY F 329 -19.99 31.16 56.64
N PHE F 330 -20.87 31.54 55.72
CA PHE F 330 -20.47 31.85 54.35
C PHE F 330 -20.51 33.36 54.15
N THR F 331 -19.37 34.00 54.39
CA THR F 331 -19.27 35.47 54.39
C THR F 331 -18.68 36.02 53.10
N ASN F 332 -18.10 35.15 52.28
CA ASN F 332 -17.49 35.54 51.01
C ASN F 332 -18.54 35.63 49.90
N ILE F 333 -19.29 36.73 49.88
CA ILE F 333 -20.34 36.94 48.88
C ILE F 333 -20.05 38.22 48.10
N ALA F 334 -19.99 38.08 46.77
CA ALA F 334 -19.93 39.21 45.87
C ALA F 334 -21.35 39.55 45.39
N ASP F 335 -21.97 40.53 46.04
CA ASP F 335 -23.35 40.89 45.73
C ASP F 335 -23.41 41.93 44.62
N PHE F 336 -23.94 41.51 43.47
CA PHE F 336 -24.09 42.40 42.32
C PHE F 336 -25.55 42.62 41.95
N SER F 337 -26.46 42.26 42.85
CA SER F 337 -27.91 42.33 42.61
C SER F 337 -28.49 43.75 42.54
N LYS F 338 -27.72 44.73 43.01
CA LYS F 338 -28.09 46.15 42.93
C LYS F 338 -27.54 46.79 41.65
N ASP F 339 -26.66 46.08 40.96
CA ASP F 339 -25.94 46.60 39.78
C ASP F 339 -26.64 46.27 38.46
N GLY F 340 -27.95 46.07 38.50
CA GLY F 340 -28.74 45.76 37.30
C GLY F 340 -29.06 46.94 36.41
N GLY F 341 -28.80 48.15 36.89
CA GLY F 341 -29.07 49.37 36.13
C GLY F 341 -27.83 50.13 35.73
N GLU F 342 -26.87 49.40 35.17
CA GLU F 342 -25.63 49.99 34.67
C GLU F 342 -25.41 49.60 33.20
N PRO F 343 -24.98 50.57 32.36
CA PRO F 343 -24.73 50.31 30.93
C PRO F 343 -23.59 49.32 30.68
N PHE F 344 -23.84 48.37 29.77
CA PHE F 344 -22.89 47.32 29.34
C PHE F 344 -22.41 46.39 30.48
N PHE F 345 -23.28 46.18 31.47
CA PHE F 345 -22.99 45.32 32.62
C PHE F 345 -23.63 43.94 32.41
N MET F 346 -24.66 43.90 31.56
CA MET F 346 -25.44 42.70 31.31
C MET F 346 -25.43 42.37 29.82
N LYS F 347 -24.95 41.18 29.48
CA LYS F 347 -25.00 40.71 28.10
C LYS F 347 -26.38 40.14 27.79
N ASP F 348 -26.91 39.39 28.74
CA ASP F 348 -28.20 38.73 28.59
C ASP F 348 -29.27 39.55 29.31
N THR F 349 -30.40 38.91 29.62
CA THR F 349 -31.39 39.47 30.52
C THR F 349 -31.00 39.19 31.98
N ILE F 350 -30.22 38.14 32.19
CA ILE F 350 -29.93 37.61 33.52
C ILE F 350 -28.45 37.32 33.79
N HIS F 351 -27.68 37.13 32.71
CA HIS F 351 -26.26 36.77 32.84
C HIS F 351 -25.35 37.99 32.71
N LEU F 352 -24.27 37.98 33.51
CA LEU F 352 -23.25 39.02 33.48
C LEU F 352 -22.51 39.09 32.15
N GLY F 353 -22.17 40.30 31.72
CA GLY F 353 -21.49 40.49 30.44
C GLY F 353 -20.67 41.76 30.33
N TRP F 354 -19.62 41.67 29.53
CA TRP F 354 -18.74 42.80 29.18
C TRP F 354 -18.08 43.52 30.39
N LEU F 355 -18.63 44.68 30.77
CA LEU F 355 -18.11 45.43 31.92
C LEU F 355 -18.56 44.84 33.25
N GLY F 356 -19.61 44.01 33.21
CA GLY F 356 -20.06 43.24 34.36
C GLY F 356 -19.06 42.18 34.77
N TRP F 357 -18.34 41.64 33.79
CA TRP F 357 -17.26 40.67 34.02
C TRP F 357 -16.01 41.29 34.64
N LEU F 358 -15.85 42.60 34.49
CA LEU F 358 -14.73 43.32 35.10
C LEU F 358 -14.98 43.52 36.59
N ALA F 359 -16.24 43.82 36.93
CA ALA F 359 -16.69 43.94 38.32
C ALA F 359 -16.69 42.58 39.03
N PHE F 360 -16.93 41.54 38.24
CA PHE F 360 -16.75 40.14 38.65
C PHE F 360 -15.29 39.93 39.03
N ASP F 361 -14.38 40.39 38.17
CA ASP F 361 -12.93 40.21 38.36
C ASP F 361 -12.36 41.03 39.51
N LYS F 362 -13.02 42.14 39.85
CA LYS F 362 -12.59 42.98 40.97
C LYS F 362 -12.87 42.34 42.34
N ALA F 363 -13.77 41.35 42.35
CA ALA F 363 -14.09 40.59 43.56
C ALA F 363 -13.45 39.20 43.56
N VAL F 364 -13.45 38.56 42.39
CA VAL F 364 -13.03 37.16 42.25
C VAL F 364 -11.51 36.98 42.15
N ASP F 365 -10.86 37.81 41.35
CA ASP F 365 -9.39 37.73 41.19
C ASP F 365 -8.54 38.02 42.45
N PRO F 366 -8.89 39.06 43.26
CA PRO F 366 -8.15 39.20 44.52
C PRO F 366 -8.43 38.08 45.52
N PHE F 367 -9.59 37.46 45.41
CA PHE F 367 -9.97 36.30 46.23
C PHE F 367 -9.16 35.04 45.86
N LEU F 368 -9.06 34.76 44.55
CA LEU F 368 -8.43 33.53 44.06
C LEU F 368 -6.91 33.59 43.92
N SER F 369 -6.33 34.77 44.15
CA SER F 369 -4.88 34.96 44.07
C SER F 369 -4.16 34.34 45.27
N ASN F 370 -4.76 34.47 46.45
CA ASN F 370 -4.22 33.88 47.67
C ASN F 370 -5.18 32.86 48.28
N PRO F 371 -4.67 31.67 48.65
CA PRO F 371 -5.51 30.62 49.23
C PRO F 371 -5.74 30.75 50.74
N THR F 372 -6.98 30.80 51.14
CA THR F 372 -7.34 30.84 52.53
C THR F 372 -8.22 29.64 52.86
N PRO F 373 -7.92 28.97 53.96
CA PRO F 373 -8.10 27.53 54.05
C PRO F 373 -9.31 27.24 54.87
N ALA F 374 -9.99 28.31 55.24
CA ALA F 374 -11.44 28.33 55.29
C ALA F 374 -11.89 28.11 56.70
N PRO F 375 -12.89 28.84 57.14
CA PRO F 375 -13.29 28.74 58.54
C PRO F 375 -14.14 27.49 58.83
N THR F 376 -14.32 27.18 60.11
CA THR F 376 -15.21 26.10 60.52
C THR F 376 -16.66 26.60 60.45
N TYR F 377 -17.51 25.85 59.76
CA TYR F 377 -18.88 26.28 59.45
C TYR F 377 -19.89 25.83 60.50
N HIS F 378 -21.06 26.48 60.49
CA HIS F 378 -22.12 26.23 61.47
C HIS F 378 -23.43 25.81 60.77
N LEU F 379 -23.49 24.54 60.37
CA LEU F 379 -24.61 24.03 59.56
C LEU F 379 -25.93 23.89 60.33
N ASN F 380 -26.99 24.46 59.77
CA ASN F 380 -28.32 24.37 60.33
C ASN F 380 -29.23 23.49 59.47
N GLU F 381 -29.67 22.38 60.04
CA GLU F 381 -30.47 21.38 59.34
C GLU F 381 -31.93 21.79 59.10
N ARG F 382 -32.31 22.96 59.59
CA ARG F 382 -33.65 23.51 59.34
C ARG F 382 -33.76 24.15 57.96
N PHE F 383 -32.62 24.24 57.25
CA PHE F 383 -32.59 24.71 55.88
C PHE F 383 -32.86 23.58 54.87
N PHE F 384 -33.02 22.36 55.37
CA PHE F 384 -33.48 21.23 54.57
C PHE F 384 -35.00 21.11 54.62
N SER F 385 -35.63 21.89 55.51
CA SER F 385 -37.06 21.77 55.80
C SER F 385 -37.96 22.37 54.73
N LYS F 386 -39.24 22.00 54.79
CA LYS F 386 -40.27 22.52 53.92
C LYS F 386 -40.78 23.87 54.43
N ASP F 387 -40.49 24.17 55.70
CA ASP F 387 -40.87 25.43 56.34
C ASP F 387 -40.06 26.59 55.78
N TRP F 388 -38.75 26.40 55.70
CA TRP F 388 -37.83 27.40 55.14
C TRP F 388 -38.04 27.59 53.64
N ALA F 389 -38.45 26.52 52.97
CA ALA F 389 -38.71 26.52 51.53
C ALA F 389 -39.80 27.52 51.11
N THR F 390 -40.84 27.66 51.92
CA THR F 390 -41.97 28.55 51.60
C THR F 390 -42.04 29.80 52.49
N TYR F 391 -40.95 30.07 53.22
CA TYR F 391 -40.88 31.16 54.20
C TYR F 391 -40.75 32.54 53.57
N ASP F 392 -41.45 33.52 54.16
CA ASP F 392 -41.32 34.93 53.78
C ASP F 392 -40.26 35.62 54.65
N GLY F 393 -39.19 36.08 54.01
CA GLY F 393 -37.92 36.46 54.65
C GLY F 393 -37.86 37.51 55.74
N ASP F 394 -37.48 37.05 56.94
CA ASP F 394 -37.16 37.91 58.09
C ASP F 394 -36.31 37.11 59.08
N VAL F 395 -35.48 37.81 59.85
CA VAL F 395 -34.63 37.18 60.86
C VAL F 395 -35.44 36.83 62.10
#